data_2HAZ
# 
_entry.id   2HAZ 
# 
_audit_conform.dict_name       mmcif_pdbx.dic 
_audit_conform.dict_version    5.377 
_audit_conform.dict_location   http://mmcif.pdb.org/dictionaries/ascii/mmcif_pdbx.dic 
# 
loop_
_database_2.database_id 
_database_2.database_code 
_database_2.pdbx_database_accession 
_database_2.pdbx_DOI 
PDB   2HAZ         pdb_00002haz 10.2210/pdb2haz/pdb 
RCSB  RCSB038148   ?            ?                   
WWPDB D_1000038148 ?            ?                   
# 
_pdbx_database_status.entry_id                        2HAZ 
_pdbx_database_status.deposit_site                    RCSB 
_pdbx_database_status.process_site                    RCSB 
_pdbx_database_status.recvd_initial_deposition_date   2006-06-13 
_pdbx_database_status.status_code                     REL 
_pdbx_database_status.status_code_sf                  REL 
_pdbx_database_status.status_code_mr                  ? 
_pdbx_database_status.SG_entry                        ? 
_pdbx_database_status.pdb_format_compatible           Y 
_pdbx_database_status.status_code_cs                  ? 
_pdbx_database_status.status_code_nmr_data            ? 
_pdbx_database_status.methods_development_category    ? 
# 
loop_
_audit_author.name 
_audit_author.pdbx_ordinal 
'Sekulic, N.' 1 
'Lavie, A.'   2 
# 
_citation.id                        primary 
_citation.title                     
;A novel alpha-helix in the first fibronectin type III repeat of the neural cell adhesion molecule is critical for N-glycan polysialylation.
;
_citation.journal_abbrev            J.Biol.Chem. 
_citation.journal_volume            281 
_citation.page_first                36052 
_citation.page_last                 36059 
_citation.year                      2006 
_citation.journal_id_ASTM           JBCHA3 
_citation.country                   US 
_citation.journal_id_ISSN           0021-9258 
_citation.journal_id_CSD            0071 
_citation.book_publisher            ? 
_citation.pdbx_database_id_PubMed   17003032 
_citation.pdbx_database_id_DOI      10.1074/jbc.M608073200 
# 
loop_
_citation_author.citation_id 
_citation_author.name 
_citation_author.ordinal 
_citation_author.identifier_ORCID 
primary 'Mendiratta, S.S.'       1 ? 
primary 'Sekulic, N.'            2 ? 
primary 'Hernandez-Guzman, F.G.' 3 ? 
primary 'Close, B.E.'            4 ? 
primary 'Lavie, A.'              5 ? 
primary 'Colley, K.J.'           6 ? 
# 
_cell.entry_id           2HAZ 
_cell.length_a           42.760 
_cell.length_b           53.880 
_cell.length_c           74.070 
_cell.angle_alpha        90.00 
_cell.angle_beta         90.00 
_cell.angle_gamma        90.00 
_cell.Z_PDB              8 
_cell.pdbx_unique_axis   ? 
_cell.length_a_esd       ? 
_cell.length_b_esd       ? 
_cell.length_c_esd       ? 
_cell.angle_alpha_esd    ? 
_cell.angle_beta_esd     ? 
_cell.angle_gamma_esd    ? 
# 
_symmetry.entry_id                         2HAZ 
_symmetry.space_group_name_H-M             'C 2 2 21' 
_symmetry.pdbx_full_space_group_name_H-M   ? 
_symmetry.cell_setting                     ? 
_symmetry.Int_Tables_number                20 
_symmetry.space_group_name_Hall            ? 
# 
loop_
_entity.id 
_entity.type 
_entity.src_method 
_entity.pdbx_description 
_entity.formula_weight 
_entity.pdbx_number_of_molecules 
_entity.pdbx_ec 
_entity.pdbx_mutation 
_entity.pdbx_fragment 
_entity.details 
1 polymer     man 'Neural cell adhesion molecule 1' 11365.625 1  ? ? 'first fibronectin type III repeat domain' ? 
2 non-polymer syn 'SODIUM ION'                      22.990    1  ? ? ?                                          ? 
3 water       nat water                             18.015    97 ? ? ?                                          ? 
# 
_entity_name_com.entity_id   1 
_entity_name_com.name        'N-CAM 1' 
# 
_entity_poly.entity_id                      1 
_entity_poly.type                           'polypeptide(L)' 
_entity_poly.nstd_linkage                   no 
_entity_poly.nstd_monomer                   no 
_entity_poly.pdbx_seq_one_letter_code       
;GSHMDTPSSPSIDQVEPYSSTAQVQFDEPEATGGVPILKYKAEWRAVGEEVWHSKWYDAKEASMEGIVTIVGLKPETTYA
VRLAALNGKGLGEISAASEFKTQPV
;
_entity_poly.pdbx_seq_one_letter_code_can   
;GSHMDTPSSPSIDQVEPYSSTAQVQFDEPEATGGVPILKYKAEWRAVGEEVWHSKWYDAKEASMEGIVTIVGLKPETTYA
VRLAALNGKGLGEISAASEFKTQPV
;
_entity_poly.pdbx_strand_id                 A 
_entity_poly.pdbx_target_identifier         ? 
# 
loop_
_entity_poly_seq.entity_id 
_entity_poly_seq.num 
_entity_poly_seq.mon_id 
_entity_poly_seq.hetero 
1 1   GLY n 
1 2   SER n 
1 3   HIS n 
1 4   MET n 
1 5   ASP n 
1 6   THR n 
1 7   PRO n 
1 8   SER n 
1 9   SER n 
1 10  PRO n 
1 11  SER n 
1 12  ILE n 
1 13  ASP n 
1 14  GLN n 
1 15  VAL n 
1 16  GLU n 
1 17  PRO n 
1 18  TYR n 
1 19  SER n 
1 20  SER n 
1 21  THR n 
1 22  ALA n 
1 23  GLN n 
1 24  VAL n 
1 25  GLN n 
1 26  PHE n 
1 27  ASP n 
1 28  GLU n 
1 29  PRO n 
1 30  GLU n 
1 31  ALA n 
1 32  THR n 
1 33  GLY n 
1 34  GLY n 
1 35  VAL n 
1 36  PRO n 
1 37  ILE n 
1 38  LEU n 
1 39  LYS n 
1 40  TYR n 
1 41  LYS n 
1 42  ALA n 
1 43  GLU n 
1 44  TRP n 
1 45  ARG n 
1 46  ALA n 
1 47  VAL n 
1 48  GLY n 
1 49  GLU n 
1 50  GLU n 
1 51  VAL n 
1 52  TRP n 
1 53  HIS n 
1 54  SER n 
1 55  LYS n 
1 56  TRP n 
1 57  TYR n 
1 58  ASP n 
1 59  ALA n 
1 60  LYS n 
1 61  GLU n 
1 62  ALA n 
1 63  SER n 
1 64  MET n 
1 65  GLU n 
1 66  GLY n 
1 67  ILE n 
1 68  VAL n 
1 69  THR n 
1 70  ILE n 
1 71  VAL n 
1 72  GLY n 
1 73  LEU n 
1 74  LYS n 
1 75  PRO n 
1 76  GLU n 
1 77  THR n 
1 78  THR n 
1 79  TYR n 
1 80  ALA n 
1 81  VAL n 
1 82  ARG n 
1 83  LEU n 
1 84  ALA n 
1 85  ALA n 
1 86  LEU n 
1 87  ASN n 
1 88  GLY n 
1 89  LYS n 
1 90  GLY n 
1 91  LEU n 
1 92  GLY n 
1 93  GLU n 
1 94  ILE n 
1 95  SER n 
1 96  ALA n 
1 97  ALA n 
1 98  SER n 
1 99  GLU n 
1 100 PHE n 
1 101 LYS n 
1 102 THR n 
1 103 GLN n 
1 104 PRO n 
1 105 VAL n 
# 
_entity_src_gen.entity_id                          1 
_entity_src_gen.pdbx_src_id                        1 
_entity_src_gen.pdbx_alt_source_flag               sample 
_entity_src_gen.pdbx_seq_type                      ? 
_entity_src_gen.pdbx_beg_seq_num                   ? 
_entity_src_gen.pdbx_end_seq_num                   ? 
_entity_src_gen.gene_src_common_name               human 
_entity_src_gen.gene_src_genus                     Homo 
_entity_src_gen.pdbx_gene_src_gene                 NCAM1 
_entity_src_gen.gene_src_species                   ? 
_entity_src_gen.gene_src_strain                    ? 
_entity_src_gen.gene_src_tissue                    ? 
_entity_src_gen.gene_src_tissue_fraction           ? 
_entity_src_gen.gene_src_details                   ? 
_entity_src_gen.pdbx_gene_src_fragment             ? 
_entity_src_gen.pdbx_gene_src_scientific_name      'Homo sapiens' 
_entity_src_gen.pdbx_gene_src_ncbi_taxonomy_id     9606 
_entity_src_gen.pdbx_gene_src_variant              ? 
_entity_src_gen.pdbx_gene_src_cell_line            ? 
_entity_src_gen.pdbx_gene_src_atcc                 ? 
_entity_src_gen.pdbx_gene_src_organ                ? 
_entity_src_gen.pdbx_gene_src_organelle            ? 
_entity_src_gen.pdbx_gene_src_cell                 ? 
_entity_src_gen.pdbx_gene_src_cellular_location    ? 
_entity_src_gen.host_org_common_name               ? 
_entity_src_gen.pdbx_host_org_scientific_name      'Escherichia coli BL21(DE3)' 
_entity_src_gen.pdbx_host_org_ncbi_taxonomy_id     469008 
_entity_src_gen.host_org_genus                     Escherichia 
_entity_src_gen.pdbx_host_org_gene                 ? 
_entity_src_gen.pdbx_host_org_organ                ? 
_entity_src_gen.host_org_species                   'Escherichia coli' 
_entity_src_gen.pdbx_host_org_tissue               ? 
_entity_src_gen.pdbx_host_org_tissue_fraction      ? 
_entity_src_gen.pdbx_host_org_strain               Bl21-DE3 
_entity_src_gen.pdbx_host_org_variant              ? 
_entity_src_gen.pdbx_host_org_cell_line            ? 
_entity_src_gen.pdbx_host_org_atcc                 ? 
_entity_src_gen.pdbx_host_org_culture_collection   ? 
_entity_src_gen.pdbx_host_org_cell                 ? 
_entity_src_gen.pdbx_host_org_organelle            ? 
_entity_src_gen.pdbx_host_org_cellular_location    ? 
_entity_src_gen.pdbx_host_org_vector_type          plasmid 
_entity_src_gen.pdbx_host_org_vector               ? 
_entity_src_gen.host_org_details                   ? 
_entity_src_gen.expression_system_id               ? 
_entity_src_gen.plasmid_name                       pET14b 
_entity_src_gen.plasmid_details                    ? 
_entity_src_gen.pdbx_description                   ? 
# 
_struct_ref.id                         1 
_struct_ref.db_name                    UNP 
_struct_ref.db_code                    NCA12_HUMAN 
_struct_ref.pdbx_db_accession          P13592 
_struct_ref.entity_id                  1 
_struct_ref.pdbx_seq_one_letter_code   
;DTPSSPSIDQVEPYSSTAQVQFDEPEATGGVPILKYKAEWRAVGEEVWHSKWYDAKEASMEGIVTIVGLKPETTYAVRLA
ALNGKGLGEISAASEFKTQPV
;
_struct_ref.pdbx_align_begin           498 
_struct_ref.pdbx_db_isoform            ? 
# 
_struct_ref_seq.align_id                      1 
_struct_ref_seq.ref_id                        1 
_struct_ref_seq.pdbx_PDB_id_code              2HAZ 
_struct_ref_seq.pdbx_strand_id                A 
_struct_ref_seq.seq_align_beg                 1 
_struct_ref_seq.pdbx_seq_align_beg_ins_code   ? 
_struct_ref_seq.seq_align_end                 105 
_struct_ref_seq.pdbx_seq_align_end_ins_code   ? 
_struct_ref_seq.pdbx_db_accession             P13592 
_struct_ref_seq.db_align_beg                  498 
_struct_ref_seq.pdbx_db_align_beg_ins_code    ? 
_struct_ref_seq.db_align_end                  598 
_struct_ref_seq.pdbx_db_align_end_ins_code    ? 
_struct_ref_seq.pdbx_auth_seq_align_beg       485 
_struct_ref_seq.pdbx_auth_seq_align_end       589 
# 
loop_
_struct_ref_seq_dif.align_id 
_struct_ref_seq_dif.pdbx_pdb_id_code 
_struct_ref_seq_dif.mon_id 
_struct_ref_seq_dif.pdbx_pdb_strand_id 
_struct_ref_seq_dif.seq_num 
_struct_ref_seq_dif.pdbx_pdb_ins_code 
_struct_ref_seq_dif.pdbx_seq_db_name 
_struct_ref_seq_dif.pdbx_seq_db_accession_code 
_struct_ref_seq_dif.db_mon_id 
_struct_ref_seq_dif.pdbx_seq_db_seq_num 
_struct_ref_seq_dif.details 
_struct_ref_seq_dif.pdbx_auth_seq_num 
_struct_ref_seq_dif.pdbx_ordinal 
1 2HAZ GLY A 1 ? UNP P13592 ? ? 'cloning artifact' 485 1 
1 2HAZ SER A 2 ? UNP P13592 ? ? 'cloning artifact' 486 2 
1 2HAZ HIS A 3 ? UNP P13592 ? ? 'cloning artifact' 487 3 
1 2HAZ MET A 4 ? UNP P13592 ? ? 'cloning artifact' 488 4 
# 
loop_
_chem_comp.id 
_chem_comp.type 
_chem_comp.mon_nstd_flag 
_chem_comp.name 
_chem_comp.pdbx_synonyms 
_chem_comp.formula 
_chem_comp.formula_weight 
ALA 'L-peptide linking' y ALANINE         ? 'C3 H7 N O2'     89.093  
ARG 'L-peptide linking' y ARGININE        ? 'C6 H15 N4 O2 1' 175.209 
ASN 'L-peptide linking' y ASPARAGINE      ? 'C4 H8 N2 O3'    132.118 
ASP 'L-peptide linking' y 'ASPARTIC ACID' ? 'C4 H7 N O4'     133.103 
GLN 'L-peptide linking' y GLUTAMINE       ? 'C5 H10 N2 O3'   146.144 
GLU 'L-peptide linking' y 'GLUTAMIC ACID' ? 'C5 H9 N O4'     147.129 
GLY 'peptide linking'   y GLYCINE         ? 'C2 H5 N O2'     75.067  
HIS 'L-peptide linking' y HISTIDINE       ? 'C6 H10 N3 O2 1' 156.162 
HOH non-polymer         . WATER           ? 'H2 O'           18.015  
ILE 'L-peptide linking' y ISOLEUCINE      ? 'C6 H13 N O2'    131.173 
LEU 'L-peptide linking' y LEUCINE         ? 'C6 H13 N O2'    131.173 
LYS 'L-peptide linking' y LYSINE          ? 'C6 H15 N2 O2 1' 147.195 
MET 'L-peptide linking' y METHIONINE      ? 'C5 H11 N O2 S'  149.211 
NA  non-polymer         . 'SODIUM ION'    ? 'Na 1'           22.990  
PHE 'L-peptide linking' y PHENYLALANINE   ? 'C9 H11 N O2'    165.189 
PRO 'L-peptide linking' y PROLINE         ? 'C5 H9 N O2'     115.130 
SER 'L-peptide linking' y SERINE          ? 'C3 H7 N O3'     105.093 
THR 'L-peptide linking' y THREONINE       ? 'C4 H9 N O3'     119.119 
TRP 'L-peptide linking' y TRYPTOPHAN      ? 'C11 H12 N2 O2'  204.225 
TYR 'L-peptide linking' y TYROSINE        ? 'C9 H11 N O3'    181.189 
VAL 'L-peptide linking' y VALINE          ? 'C5 H11 N O2'    117.146 
# 
_exptl.crystals_number   1 
_exptl.entry_id          2HAZ 
_exptl.method            'X-RAY DIFFRACTION' 
# 
_exptl_crystal.id                    1 
_exptl_crystal.density_Matthews      1.90 
_exptl_crystal.density_meas          ? 
_exptl_crystal.density_percent_sol   35.19 
_exptl_crystal.description           ? 
_exptl_crystal.F_000                 ? 
_exptl_crystal.preparation           ? 
# 
_exptl_crystal_grow.crystal_id      1 
_exptl_crystal_grow.method          'VAPOR DIFFUSION, HANGING DROP' 
_exptl_crystal_grow.pH              5.1 
_exptl_crystal_grow.temp            298.0 
_exptl_crystal_grow.temp_details    ? 
_exptl_crystal_grow.pdbx_details    
;0.3 M Calcium chloride, 17% PEG 3350, 10% PEG 400 (the latter only in the drop), pH 5.1, VAPOR DIFFUSION, HANGING DROP, temperature 298.0K
;
_exptl_crystal_grow.pdbx_pH_range   . 
# 
_diffrn.id                     1 
_diffrn.ambient_temp           100.0 
_diffrn.ambient_temp_details   ? 
_diffrn.crystal_id             1 
# 
_diffrn_detector.diffrn_id              1 
_diffrn_detector.detector               CCD 
_diffrn_detector.type                   'ADSC QUANTUM 210' 
_diffrn_detector.pdbx_collection_date   2005-04-25 
_diffrn_detector.details                ? 
# 
_diffrn_radiation.diffrn_id                        1 
_diffrn_radiation.wavelength_id                    1 
_diffrn_radiation.pdbx_diffrn_protocol             'SINGLE WAVELENGTH' 
_diffrn_radiation.monochromator                    ? 
_diffrn_radiation.pdbx_monochromatic_or_laue_m_l   M 
_diffrn_radiation.pdbx_scattering_type             x-ray 
# 
_diffrn_radiation_wavelength.id           1 
_diffrn_radiation_wavelength.wavelength   0.9766 
_diffrn_radiation_wavelength.wt           1.0 
# 
_diffrn_source.diffrn_id                   1 
_diffrn_source.source                      SYNCHROTRON 
_diffrn_source.type                        'CHESS BEAMLINE A1' 
_diffrn_source.pdbx_wavelength             ? 
_diffrn_source.pdbx_wavelength_list        0.9766 
_diffrn_source.pdbx_synchrotron_site       CHESS 
_diffrn_source.pdbx_synchrotron_beamline   A1 
# 
_reflns.entry_id                     2HAZ 
_reflns.d_resolution_high            1.69 
_reflns.number_obs                   9851 
_reflns.pdbx_Rmerge_I_obs            0.095 
_reflns.pdbx_netI_over_sigmaI        12.88 
_reflns.percent_possible_obs         99.0 
_reflns.B_iso_Wilson_estimate        25.195 
_reflns.observed_criterion_sigma_F   0 
_reflns.observed_criterion_sigma_I   -3 
_reflns.d_resolution_low             30 
_reflns.number_all                   9851 
_reflns.pdbx_Rsym_value              ? 
_reflns.pdbx_redundancy              7.0 
_reflns.R_free_details               ? 
_reflns.limit_h_max                  ? 
_reflns.limit_h_min                  ? 
_reflns.limit_k_max                  ? 
_reflns.limit_k_min                  ? 
_reflns.limit_l_max                  ? 
_reflns.limit_l_min                  ? 
_reflns.observed_criterion_F_max     ? 
_reflns.observed_criterion_F_min     ? 
_reflns.pdbx_chi_squared             ? 
_reflns.pdbx_scaling_rejects         ? 
_reflns.pdbx_diffrn_id               1 
_reflns.pdbx_ordinal                 1 
# 
_reflns_shell.d_res_high             1.69 
_reflns_shell.d_res_low              1.79 
_reflns_shell.number_measured_obs    9770 
_reflns_shell.number_measured_all    ? 
_reflns_shell.number_unique_obs      ? 
_reflns_shell.Rmerge_I_obs           0.487 
_reflns_shell.meanI_over_sigI_obs    3.1 
_reflns_shell.pdbx_Rsym_value        ? 
_reflns_shell.pdbx_chi_squared       ? 
_reflns_shell.pdbx_redundancy        ? 
_reflns_shell.percent_possible_obs   ? 
_reflns_shell.number_unique_all      1500 
_reflns_shell.percent_possible_all   94.4 
_reflns_shell.pdbx_diffrn_id         ? 
_reflns_shell.pdbx_ordinal           1 
# 
_refine.entry_id                                 2HAZ 
_refine.ls_d_res_high                            1.700 
_refine.ls_d_res_low                             20.000 
_refine.pdbx_ls_sigma_F                          0.00 
_refine.ls_percent_reflns_obs                    99.690 
_refine.ls_number_reflns_obs                     9694 
_refine.pdbx_ls_cross_valid_method               THROUGHOUT 
_refine.pdbx_R_Free_selection_details            RANDOM 
_refine.details                                  'HYDROGENS HAVE BEEN ADDED IN THE RIDING POSITIONS' 
_refine.ls_R_factor_all                          0.219 
_refine.ls_R_factor_R_work                       0.212 
_refine.ls_R_factor_R_free                       0.286 
_refine.ls_percent_reflns_R_free                 9.700 
_refine.ls_number_reflns_R_free                  941 
_refine.B_iso_mean                               19.456 
_refine.aniso_B[1][1]                            0.860 
_refine.aniso_B[2][2]                            -1.890 
_refine.aniso_B[3][3]                            1.030 
_refine.aniso_B[1][2]                            0.000 
_refine.aniso_B[1][3]                            0.000 
_refine.aniso_B[2][3]                            0.000 
_refine.correlation_coeff_Fo_to_Fc               0.943 
_refine.correlation_coeff_Fo_to_Fc_free          0.906 
_refine.pdbx_overall_ESU_R                       0.155 
_refine.pdbx_overall_ESU_R_Free                  0.161 
_refine.overall_SU_ML                            0.121 
_refine.overall_SU_B                             3.705 
_refine.solvent_model_details                    MASK 
_refine.pdbx_solvent_vdw_probe_radii             1.400 
_refine.pdbx_solvent_ion_probe_radii             0.800 
_refine.pdbx_solvent_shrinkage_radii             0.800 
_refine.pdbx_stereochemistry_target_values       'MAXIMUM LIKELIHOOD' 
_refine.pdbx_ls_sigma_I                          ? 
_refine.ls_number_reflns_all                     9694 
_refine.ls_R_factor_obs                          ? 
_refine.ls_redundancy_reflns_obs                 ? 
_refine.pdbx_data_cutoff_high_absF               ? 
_refine.pdbx_data_cutoff_low_absF                ? 
_refine.ls_number_parameters                     ? 
_refine.ls_number_restraints                     ? 
_refine.ls_R_factor_R_free_error                 ? 
_refine.ls_R_factor_R_free_error_details         ? 
_refine.pdbx_method_to_determine_struct          'MOLECULAR REPLACEMENT' 
_refine.pdbx_starting_model                      'PDB Entry: 1UEM' 
_refine.pdbx_stereochem_target_val_spec_case     ? 
_refine.solvent_model_param_bsol                 ? 
_refine.solvent_model_param_ksol                 ? 
_refine.occupancy_max                            ? 
_refine.occupancy_min                            ? 
_refine.pdbx_isotropic_thermal_model             ? 
_refine.B_iso_min                                ? 
_refine.B_iso_max                                ? 
_refine.overall_SU_R_Cruickshank_DPI             ? 
_refine.overall_SU_R_free                        ? 
_refine.pdbx_data_cutoff_high_rms_absF           ? 
_refine.ls_wR_factor_R_free                      ? 
_refine.ls_wR_factor_R_work                      ? 
_refine.overall_FOM_free_R_set                   ? 
_refine.overall_FOM_work_R_set                   ? 
_refine.pdbx_refine_id                           'X-RAY DIFFRACTION' 
_refine.pdbx_diffrn_id                           1 
_refine.pdbx_TLS_residual_ADP_flag               ? 
_refine.pdbx_overall_phase_error                 ? 
_refine.pdbx_overall_SU_R_free_Cruickshank_DPI   ? 
_refine.pdbx_overall_SU_R_Blow_DPI               ? 
_refine.pdbx_overall_SU_R_free_Blow_DPI          ? 
# 
_refine_hist.pdbx_refine_id                   'X-RAY DIFFRACTION' 
_refine_hist.cycle_id                         LAST 
_refine_hist.pdbx_number_atoms_protein        793 
_refine_hist.pdbx_number_atoms_nucleic_acid   0 
_refine_hist.pdbx_number_atoms_ligand         1 
_refine_hist.number_atoms_solvent             97 
_refine_hist.number_atoms_total               891 
_refine_hist.d_res_high                       1.700 
_refine_hist.d_res_low                        20.000 
# 
loop_
_refine_ls_restr.type 
_refine_ls_restr.number 
_refine_ls_restr.dev_ideal 
_refine_ls_restr.dev_ideal_target 
_refine_ls_restr.weight 
_refine_ls_restr.pdbx_refine_id 
_refine_ls_restr.pdbx_restraint_function 
r_bond_refined_d             813  0.010  0.022  ? 'X-RAY DIFFRACTION' ? 
r_angle_refined_deg          1109 1.286  1.955  ? 'X-RAY DIFFRACTION' ? 
r_dihedral_angle_1_deg       103  6.978  5.000  ? 'X-RAY DIFFRACTION' ? 
r_dihedral_angle_2_deg       33   41.430 25.455 ? 'X-RAY DIFFRACTION' ? 
r_dihedral_angle_3_deg       128  13.360 15.000 ? 'X-RAY DIFFRACTION' ? 
r_dihedral_angle_4_deg       2    11.776 15.000 ? 'X-RAY DIFFRACTION' ? 
r_chiral_restr               122  0.082  0.200  ? 'X-RAY DIFFRACTION' ? 
r_gen_planes_refined         622  0.005  0.020  ? 'X-RAY DIFFRACTION' ? 
r_nbd_refined                327  0.215  0.200  ? 'X-RAY DIFFRACTION' ? 
r_nbtor_refined              549  0.296  0.200  ? 'X-RAY DIFFRACTION' ? 
r_xyhbond_nbd_refined        71   0.202  0.200  ? 'X-RAY DIFFRACTION' ? 
r_metal_ion_refined          3    0.054  0.200  ? 'X-RAY DIFFRACTION' ? 
r_symmetry_vdw_refined       62   0.305  0.200  ? 'X-RAY DIFFRACTION' ? 
r_symmetry_hbond_refined     23   0.345  0.200  ? 'X-RAY DIFFRACTION' ? 
r_symmetry_metal_ion_refined 1    0.010  0.200  ? 'X-RAY DIFFRACTION' ? 
r_mcbond_it                  519  0.652  1.500  ? 'X-RAY DIFFRACTION' ? 
r_mcangle_it                 836  1.189  2.000  ? 'X-RAY DIFFRACTION' ? 
r_scbond_it                  312  1.957  3.000  ? 'X-RAY DIFFRACTION' ? 
r_scangle_it                 273  3.306  4.500  ? 'X-RAY DIFFRACTION' ? 
# 
_refine_ls_shell.d_res_high                       1.700 
_refine_ls_shell.d_res_low                        1.744 
_refine_ls_shell.pdbx_total_number_of_bins_used   20 
_refine_ls_shell.percent_reflns_obs               100.000 
_refine_ls_shell.number_reflns_R_work             640 
_refine_ls_shell.R_factor_all                     ? 
_refine_ls_shell.R_factor_R_work                  0.298 
_refine_ls_shell.R_factor_R_free                  0.431 
_refine_ls_shell.percent_reflns_R_free            ? 
_refine_ls_shell.number_reflns_R_free             68 
_refine_ls_shell.R_factor_R_free_error            ? 
_refine_ls_shell.number_reflns_all                ? 
_refine_ls_shell.number_reflns_obs                708 
_refine_ls_shell.redundancy_reflns_obs            ? 
_refine_ls_shell.pdbx_refine_id                   'X-RAY DIFFRACTION' 
# 
_struct.entry_id                  2HAZ 
_struct.title                     'Crystal structure of the first fibronectin domain of human NCAM1' 
_struct.pdbx_model_details        ? 
_struct.pdbx_CASP_flag            ? 
_struct.pdbx_model_type_details   ? 
# 
_struct_keywords.entry_id        2HAZ 
_struct_keywords.pdbx_keywords   'CELL ADHESION' 
_struct_keywords.text            'fibronectin type III repeat, FN1, NCAM, beta sandwich, CELL ADHESION' 
# 
loop_
_struct_asym.id 
_struct_asym.pdbx_blank_PDB_chainid_flag 
_struct_asym.pdbx_modified 
_struct_asym.entity_id 
_struct_asym.details 
A N N 1 ? 
B N N 2 ? 
C N N 3 ? 
# 
_struct_conf.conf_type_id            HELX_P 
_struct_conf.id                      HELX_P1 
_struct_conf.pdbx_PDB_helix_id       1 
_struct_conf.beg_label_comp_id       ALA 
_struct_conf.beg_label_asym_id       A 
_struct_conf.beg_label_seq_id        59 
_struct_conf.pdbx_beg_PDB_ins_code   ? 
_struct_conf.end_label_comp_id       GLY 
_struct_conf.end_label_asym_id       A 
_struct_conf.end_label_seq_id        66 
_struct_conf.pdbx_end_PDB_ins_code   ? 
_struct_conf.beg_auth_comp_id        ALA 
_struct_conf.beg_auth_asym_id        A 
_struct_conf.beg_auth_seq_id         543 
_struct_conf.end_auth_comp_id        GLY 
_struct_conf.end_auth_asym_id        A 
_struct_conf.end_auth_seq_id         550 
_struct_conf.pdbx_PDB_helix_class    1 
_struct_conf.details                 ? 
_struct_conf.pdbx_PDB_helix_length   8 
# 
_struct_conf_type.id          HELX_P 
_struct_conf_type.criteria    ? 
_struct_conf_type.reference   ? 
# 
loop_
_struct_conn.id 
_struct_conn.conn_type_id 
_struct_conn.pdbx_leaving_atom_flag 
_struct_conn.pdbx_PDB_id 
_struct_conn.ptnr1_label_asym_id 
_struct_conn.ptnr1_label_comp_id 
_struct_conn.ptnr1_label_seq_id 
_struct_conn.ptnr1_label_atom_id 
_struct_conn.pdbx_ptnr1_label_alt_id 
_struct_conn.pdbx_ptnr1_PDB_ins_code 
_struct_conn.pdbx_ptnr1_standard_comp_id 
_struct_conn.ptnr1_symmetry 
_struct_conn.ptnr2_label_asym_id 
_struct_conn.ptnr2_label_comp_id 
_struct_conn.ptnr2_label_seq_id 
_struct_conn.ptnr2_label_atom_id 
_struct_conn.pdbx_ptnr2_label_alt_id 
_struct_conn.pdbx_ptnr2_PDB_ins_code 
_struct_conn.ptnr1_auth_asym_id 
_struct_conn.ptnr1_auth_comp_id 
_struct_conn.ptnr1_auth_seq_id 
_struct_conn.ptnr2_auth_asym_id 
_struct_conn.ptnr2_auth_comp_id 
_struct_conn.ptnr2_auth_seq_id 
_struct_conn.ptnr2_symmetry 
_struct_conn.pdbx_ptnr3_label_atom_id 
_struct_conn.pdbx_ptnr3_label_seq_id 
_struct_conn.pdbx_ptnr3_label_comp_id 
_struct_conn.pdbx_ptnr3_label_asym_id 
_struct_conn.pdbx_ptnr3_label_alt_id 
_struct_conn.pdbx_ptnr3_PDB_ins_code 
_struct_conn.details 
_struct_conn.pdbx_dist_value 
_struct_conn.pdbx_value_order 
_struct_conn.pdbx_role 
metalc1 metalc ? ? B NA . NA ? ? ? 1_555 A ASP 13 OD2 ? ? A NA 101 A ASP 497 1_555 ? ? ? ? ? ? ? 2.393 ? ? 
metalc2 metalc ? ? B NA . NA ? ? ? 1_555 A ASP 13 OD1 ? ? A NA 101 A ASP 497 1_555 ? ? ? ? ? ? ? 2.621 ? ? 
metalc3 metalc ? ? B NA . NA ? ? ? 1_555 A ASP 27 OD1 ? ? A NA 101 A ASP 511 1_555 ? ? ? ? ? ? ? 2.322 ? ? 
metalc4 metalc ? ? B NA . NA ? ? ? 1_555 A ASP 27 OD2 ? ? A NA 101 A ASP 511 1_555 ? ? ? ? ? ? ? 2.384 ? ? 
metalc5 metalc ? ? B NA . NA ? ? ? 1_555 A GLU 61 OE1 ? ? A NA 101 A GLU 545 8_456 ? ? ? ? ? ? ? 2.457 ? ? 
metalc6 metalc ? ? B NA . NA ? ? ? 1_555 A GLU 61 OE2 ? ? A NA 101 A GLU 545 8_456 ? ? ? ? ? ? ? 2.399 ? ? 
# 
_struct_conn_type.id          metalc 
_struct_conn_type.criteria    ? 
_struct_conn_type.reference   ? 
# 
loop_
_struct_sheet.id 
_struct_sheet.type 
_struct_sheet.number_strands 
_struct_sheet.details 
A ? 3 ? 
B ? 4 ? 
C ? 4 ? 
# 
loop_
_struct_sheet_order.sheet_id 
_struct_sheet_order.range_id_1 
_struct_sheet_order.range_id_2 
_struct_sheet_order.offset 
_struct_sheet_order.sense 
A 1 2 ? anti-parallel 
A 2 3 ? anti-parallel 
B 1 2 ? anti-parallel 
B 2 3 ? anti-parallel 
B 3 4 ? anti-parallel 
C 1 2 ? anti-parallel 
C 2 3 ? anti-parallel 
C 3 4 ? anti-parallel 
# 
loop_
_struct_sheet_range.sheet_id 
_struct_sheet_range.id 
_struct_sheet_range.beg_label_comp_id 
_struct_sheet_range.beg_label_asym_id 
_struct_sheet_range.beg_label_seq_id 
_struct_sheet_range.pdbx_beg_PDB_ins_code 
_struct_sheet_range.end_label_comp_id 
_struct_sheet_range.end_label_asym_id 
_struct_sheet_range.end_label_seq_id 
_struct_sheet_range.pdbx_end_PDB_ins_code 
_struct_sheet_range.beg_auth_comp_id 
_struct_sheet_range.beg_auth_asym_id 
_struct_sheet_range.beg_auth_seq_id 
_struct_sheet_range.end_auth_comp_id 
_struct_sheet_range.end_auth_asym_id 
_struct_sheet_range.end_auth_seq_id 
A 1 SER A 11 ? PRO A 17  ? SER A 495 PRO A 501 
A 2 ALA A 22 ? ASP A 27  ? ALA A 506 ASP A 511 
A 3 ILE A 67 ? ILE A 70  ? ILE A 551 ILE A 554 
B 1 HIS A 53 ? ASP A 58  ? HIS A 537 ASP A 542 
B 2 LYS A 39 ? ALA A 46  ? LYS A 523 ALA A 530 
B 3 THR A 78 ? ASN A 87  ? THR A 562 ASN A 571 
B 4 GLY A 90 ? LEU A 91  ? GLY A 574 LEU A 575 
C 1 HIS A 53 ? ASP A 58  ? HIS A 537 ASP A 542 
C 2 LYS A 39 ? ALA A 46  ? LYS A 523 ALA A 530 
C 3 THR A 78 ? ASN A 87  ? THR A 562 ASN A 571 
C 4 SER A 98 ? LYS A 101 ? SER A 582 LYS A 585 
# 
loop_
_pdbx_struct_sheet_hbond.sheet_id 
_pdbx_struct_sheet_hbond.range_id_1 
_pdbx_struct_sheet_hbond.range_id_2 
_pdbx_struct_sheet_hbond.range_1_label_atom_id 
_pdbx_struct_sheet_hbond.range_1_label_comp_id 
_pdbx_struct_sheet_hbond.range_1_label_asym_id 
_pdbx_struct_sheet_hbond.range_1_label_seq_id 
_pdbx_struct_sheet_hbond.range_1_PDB_ins_code 
_pdbx_struct_sheet_hbond.range_1_auth_atom_id 
_pdbx_struct_sheet_hbond.range_1_auth_comp_id 
_pdbx_struct_sheet_hbond.range_1_auth_asym_id 
_pdbx_struct_sheet_hbond.range_1_auth_seq_id 
_pdbx_struct_sheet_hbond.range_2_label_atom_id 
_pdbx_struct_sheet_hbond.range_2_label_comp_id 
_pdbx_struct_sheet_hbond.range_2_label_asym_id 
_pdbx_struct_sheet_hbond.range_2_label_seq_id 
_pdbx_struct_sheet_hbond.range_2_PDB_ins_code 
_pdbx_struct_sheet_hbond.range_2_auth_atom_id 
_pdbx_struct_sheet_hbond.range_2_auth_comp_id 
_pdbx_struct_sheet_hbond.range_2_auth_asym_id 
_pdbx_struct_sheet_hbond.range_2_auth_seq_id 
A 1 2 N GLN A 14 ? N GLN A 498 O GLN A 25  ? O GLN A 509 
A 2 3 N VAL A 24 ? N VAL A 508 O VAL A 68  ? O VAL A 552 
B 1 2 O HIS A 53 ? O HIS A 537 N TRP A 44  ? N TRP A 528 
B 2 3 N LYS A 41 ? N LYS A 525 O ALA A 84  ? O ALA A 568 
B 3 4 N ASN A 87 ? N ASN A 571 O GLY A 90  ? O GLY A 574 
C 1 2 O HIS A 53 ? O HIS A 537 N TRP A 44  ? N TRP A 528 
C 2 3 N LYS A 41 ? N LYS A 525 O ALA A 84  ? O ALA A 568 
C 3 4 N TYR A 79 ? N TYR A 563 O PHE A 100 ? O PHE A 584 
# 
_struct_site.id                   AC1 
_struct_site.pdbx_evidence_code   Software 
_struct_site.pdbx_auth_asym_id    A 
_struct_site.pdbx_auth_comp_id    NA 
_struct_site.pdbx_auth_seq_id     101 
_struct_site.pdbx_auth_ins_code   ? 
_struct_site.pdbx_num_residues    4 
_struct_site.details              'BINDING SITE FOR RESIDUE NA A 101' 
# 
loop_
_struct_site_gen.id 
_struct_site_gen.site_id 
_struct_site_gen.pdbx_num_res 
_struct_site_gen.label_comp_id 
_struct_site_gen.label_asym_id 
_struct_site_gen.label_seq_id 
_struct_site_gen.pdbx_auth_ins_code 
_struct_site_gen.auth_comp_id 
_struct_site_gen.auth_asym_id 
_struct_site_gen.auth_seq_id 
_struct_site_gen.label_atom_id 
_struct_site_gen.label_alt_id 
_struct_site_gen.symmetry 
_struct_site_gen.details 
1 AC1 4 ASP A 13 ? ASP A 497 . ? 1_555 ? 
2 AC1 4 ASP A 27 ? ASP A 511 . ? 1_555 ? 
3 AC1 4 ASP A 58 ? ASP A 542 . ? 8_456 ? 
4 AC1 4 GLU A 61 ? GLU A 545 . ? 8_456 ? 
# 
_atom_sites.entry_id                    2HAZ 
_atom_sites.fract_transf_matrix[1][1]   -0.01129701 
_atom_sites.fract_transf_matrix[1][2]   0.00595107 
_atom_sites.fract_transf_matrix[1][3]   0.01959253 
_atom_sites.fract_transf_matrix[2][1]   -0.01504119 
_atom_sites.fract_transf_matrix[2][2]   -0.00913507 
_atom_sites.fract_transf_matrix[2][3]   -0.00589802 
_atom_sites.fract_transf_matrix[3][1]   0.00447539 
_atom_sites.fract_transf_matrix[3][2]   -0.01123906 
_atom_sites.fract_transf_matrix[3][3]   0.00599427 
_atom_sites.fract_transf_vector[1]      0.326837 
_atom_sites.fract_transf_vector[2]      0.301568 
_atom_sites.fract_transf_vector[3]      0.370346 
# 
loop_
_atom_type.symbol 
C  
N  
NA 
O  
S  
# 
loop_
_atom_site.group_PDB 
_atom_site.id 
_atom_site.type_symbol 
_atom_site.label_atom_id 
_atom_site.label_alt_id 
_atom_site.label_comp_id 
_atom_site.label_asym_id 
_atom_site.label_entity_id 
_atom_site.label_seq_id 
_atom_site.pdbx_PDB_ins_code 
_atom_site.Cartn_x 
_atom_site.Cartn_y 
_atom_site.Cartn_z 
_atom_site.occupancy 
_atom_site.B_iso_or_equiv 
_atom_site.pdbx_formal_charge 
_atom_site.auth_seq_id 
_atom_site.auth_comp_id 
_atom_site.auth_asym_id 
_atom_site.auth_atom_id 
_atom_site.pdbx_PDB_model_num 
ATOM   1   N  N   . SER A 1 2   ? 21.102  16.415  12.103  1.00 34.04 ? 486 SER A N   1 
ATOM   2   C  CA  . SER A 1 2   ? 20.491  16.485  13.467  1.00 33.73 ? 486 SER A CA  1 
ATOM   3   C  C   . SER A 1 2   ? 19.049  15.961  13.504  1.00 33.56 ? 486 SER A C   1 
ATOM   4   O  O   . SER A 1 2   ? 18.485  15.760  14.578  1.00 33.65 ? 486 SER A O   1 
ATOM   5   C  CB  . SER A 1 2   ? 20.561  17.910  14.008  1.00 33.50 ? 486 SER A CB  1 
ATOM   6   N  N   . HIS A 1 3   ? 18.460  15.722  12.337  1.00 33.24 ? 487 HIS A N   1 
ATOM   7   C  CA  . HIS A 1 3   ? 17.057  15.340  12.289  1.00 32.68 ? 487 HIS A CA  1 
ATOM   8   C  C   . HIS A 1 3   ? 16.749  14.187  11.336  1.00 32.08 ? 487 HIS A C   1 
ATOM   9   O  O   . HIS A 1 3   ? 17.223  14.149  10.197  1.00 32.09 ? 487 HIS A O   1 
ATOM   10  C  CB  . HIS A 1 3   ? 16.187  16.548  11.962  1.00 32.97 ? 487 HIS A CB  1 
ATOM   11  C  CG  . HIS A 1 3   ? 14.958  16.646  12.808  1.00 33.45 ? 487 HIS A CG  1 
ATOM   12  N  ND1 . HIS A 1 3   ? 15.010  16.740  14.182  1.00 34.28 ? 487 HIS A ND1 1 
ATOM   13  C  CD2 . HIS A 1 3   ? 13.647  16.684  12.474  1.00 34.80 ? 487 HIS A CD2 1 
ATOM   14  C  CE1 . HIS A 1 3   ? 13.781  16.818  14.660  1.00 35.36 ? 487 HIS A CE1 1 
ATOM   15  N  NE2 . HIS A 1 3   ? 12.933  16.796  13.645  1.00 34.16 ? 487 HIS A NE2 1 
ATOM   16  N  N   . MET A 1 4   ? 15.944  13.257  11.844  1.00 31.29 ? 488 MET A N   1 
ATOM   17  C  CA  . MET A 1 4   ? 15.459  12.107  11.107  1.00 30.09 ? 488 MET A CA  1 
ATOM   18  C  C   . MET A 1 4   ? 14.409  12.584  10.136  1.00 28.83 ? 488 MET A C   1 
ATOM   19  O  O   . MET A 1 4   ? 13.725  13.575  10.392  1.00 28.45 ? 488 MET A O   1 
ATOM   20  C  CB  . MET A 1 4   ? 14.793  11.122  12.068  1.00 30.88 ? 488 MET A CB  1 
ATOM   21  C  CG  . MET A 1 4   ? 15.446  10.996  13.460  1.00 33.48 ? 488 MET A CG  1 
ATOM   22  S  SD  . MET A 1 4   ? 15.742  12.522  14.418  1.00 39.59 ? 488 MET A SD  1 
ATOM   23  C  CE  . MET A 1 4   ? 14.096  13.069  14.800  1.00 34.96 ? 488 MET A CE  1 
ATOM   24  N  N   . ASP A 1 5   ? 14.263  11.890  9.014   1.00 27.06 ? 489 ASP A N   1 
ATOM   25  C  CA  . ASP A 1 5   ? 13.097  12.167  8.192   1.00 25.16 ? 489 ASP A CA  1 
ATOM   26  C  C   . ASP A 1 5   ? 12.129  10.995  8.095   1.00 23.30 ? 489 ASP A C   1 
ATOM   27  O  O   . ASP A 1 5   ? 12.305  9.953   8.723   1.00 21.20 ? 489 ASP A O   1 
ATOM   28  C  CB  . ASP A 1 5   ? 13.468  12.747  6.821   1.00 25.80 ? 489 ASP A CB  1 
ATOM   29  C  CG  . ASP A 1 5   ? 14.655  12.073  6.191   1.00 26.28 ? 489 ASP A CG  1 
ATOM   30  O  OD1 . ASP A 1 5   ? 15.572  12.797  5.731   1.00 26.94 ? 489 ASP A OD1 1 
ATOM   31  O  OD2 . ASP A 1 5   ? 14.669  10.832  6.140   1.00 26.91 ? 489 ASP A OD2 1 
ATOM   32  N  N   . THR A 1 6   ? 11.077  11.217  7.323   1.00 21.63 ? 490 THR A N   1 
ATOM   33  C  CA  . THR A 1 6   ? 10.085  10.207  7.019   1.00 20.24 ? 490 THR A CA  1 
ATOM   34  C  C   . THR A 1 6   ? 10.724  9.126   6.111   1.00 19.71 ? 490 THR A C   1 
ATOM   35  O  O   . THR A 1 6   ? 11.775  9.382   5.504   1.00 19.99 ? 490 THR A O   1 
ATOM   36  C  CB  . THR A 1 6   ? 8.892   10.894  6.339   1.00 19.67 ? 490 THR A CB  1 
ATOM   37  O  OG1 . THR A 1 6   ? 9.386   11.779  5.323   1.00 19.96 ? 490 THR A OG1 1 
ATOM   38  C  CG2 . THR A 1 6   ? 8.104   11.713  7.356   1.00 19.42 ? 490 THR A CG2 1 
ATOM   39  N  N   . PRO A 1 7   ? 10.122  7.912   6.039   1.00 19.21 ? 491 PRO A N   1 
ATOM   40  C  CA  . PRO A 1 7   ? 10.668  6.800   5.238   1.00 18.68 ? 491 PRO A CA  1 
ATOM   41  C  C   . PRO A 1 7   ? 10.700  7.029   3.724   1.00 18.31 ? 491 PRO A C   1 
ATOM   42  O  O   . PRO A 1 7   ? 9.938   7.850   3.183   1.00 18.44 ? 491 PRO A O   1 
ATOM   43  C  CB  . PRO A 1 7   ? 9.721   5.639   5.557   1.00 19.09 ? 491 PRO A CB  1 
ATOM   44  C  CG  . PRO A 1 7   ? 9.059   6.016   6.843   1.00 19.32 ? 491 PRO A CG  1 
ATOM   45  C  CD  . PRO A 1 7   ? 8.898   7.498   6.750   1.00 18.81 ? 491 PRO A CD  1 
ATOM   46  N  N   . SER A 1 8   ? 11.565  6.293   3.036   1.00 17.47 ? 492 SER A N   1 
ATOM   47  C  CA  . SER A 1 8   ? 11.534  6.296   1.578   1.00 18.15 ? 492 SER A CA  1 
ATOM   48  C  C   . SER A 1 8   ? 10.371  5.399   1.153   1.00 17.97 ? 492 SER A C   1 
ATOM   49  O  O   . SER A 1 8   ? 9.681   4.827   2.012   1.00 17.95 ? 492 SER A O   1 
ATOM   50  C  CB  . SER A 1 8   ? 12.856  5.799   0.976   1.00 17.95 ? 492 SER A CB  1 
ATOM   51  O  OG  . SER A 1 8   ? 13.061  4.428   1.263   1.00 18.46 ? 492 SER A OG  1 
ATOM   52  N  N   . SER A 1 9   ? 10.158  5.260   -0.153  1.00 18.63 ? 493 SER A N   1 
ATOM   53  C  CA  . SER A 1 9   ? 8.935   4.602   -0.631  1.00 18.90 ? 493 SER A CA  1 
ATOM   54  C  C   . SER A 1 9   ? 9.028   3.091   -0.547  1.00 19.11 ? 493 SER A C   1 
ATOM   55  O  O   . SER A 1 9   ? 10.105  2.527   -0.792  1.00 19.09 ? 493 SER A O   1 
ATOM   56  C  CB  . SER A 1 9   ? 8.589   5.034   -2.051  1.00 19.55 ? 493 SER A CB  1 
ATOM   57  O  OG  . SER A 1 9   ? 9.635   4.722   -2.941  1.00 21.60 ? 493 SER A OG  1 
ATOM   58  N  N   . PRO A 1 10  ? 7.909   2.432   -0.187  1.00 18.59 ? 494 PRO A N   1 
ATOM   59  C  CA  . PRO A 1 10  ? 7.822   0.984   -0.352  1.00 18.41 ? 494 PRO A CA  1 
ATOM   60  C  C   . PRO A 1 10  ? 7.781   0.673   -1.846  1.00 18.24 ? 494 PRO A C   1 
ATOM   61  O  O   . PRO A 1 10  ? 7.565   1.584   -2.650  1.00 17.30 ? 494 PRO A O   1 
ATOM   62  C  CB  . PRO A 1 10  ? 6.492   0.623   0.326   1.00 18.13 ? 494 PRO A CB  1 
ATOM   63  C  CG  . PRO A 1 10  ? 6.110   1.820   1.122   1.00 18.56 ? 494 PRO A CG  1 
ATOM   64  C  CD  . PRO A 1 10  ? 6.669   2.982   0.394   1.00 18.00 ? 494 PRO A CD  1 
ATOM   65  N  N   . SER A 1 11  ? 8.017   -0.585  -2.208  1.00 17.86 ? 495 SER A N   1 
ATOM   66  C  CA  . SER A 1 11  ? 7.887   -1.029  -3.600  1.00 19.35 ? 495 SER A CA  1 
ATOM   67  C  C   . SER A 1 11  ? 6.786   -2.063  -3.665  1.00 18.74 ? 495 SER A C   1 
ATOM   68  O  O   . SER A 1 11  ? 6.785   -2.979  -2.863  1.00 19.07 ? 495 SER A O   1 
ATOM   69  C  CB  . SER A 1 11  ? 9.187   -1.694  -4.088  1.00 19.40 ? 495 SER A CB  1 
ATOM   70  O  OG  . SER A 1 11  ? 10.148  -0.742  -4.479  1.00 22.57 ? 495 SER A OG  1 
ATOM   71  N  N   . ILE A 1 12  ? 5.873   -1.926  -4.628  1.00 18.92 ? 496 ILE A N   1 
ATOM   72  C  CA  . ILE A 1 12  ? 4.870   -2.967  -4.901  1.00 18.37 ? 496 ILE A CA  1 
ATOM   73  C  C   . ILE A 1 12  ? 5.408   -3.966  -5.938  1.00 18.87 ? 496 ILE A C   1 
ATOM   74  O  O   . ILE A 1 12  ? 5.748   -3.602  -7.065  1.00 19.01 ? 496 ILE A O   1 
ATOM   75  C  CB  . ILE A 1 12  ? 3.492   -2.379  -5.335  1.00 18.27 ? 496 ILE A CB  1 
ATOM   76  C  CG1 . ILE A 1 12  ? 2.874   -1.509  -4.220  1.00 18.12 ? 496 ILE A CG1 1 
ATOM   77  C  CG2 . ILE A 1 12  ? 2.521   -3.500  -5.719  1.00 17.26 ? 496 ILE A CG2 1 
ATOM   78  C  CD1 . ILE A 1 12  ? 1.609   -0.716  -4.627  1.00 17.55 ? 496 ILE A CD1 1 
ATOM   79  N  N   . ASP A 1 13  ? 5.502   -5.228  -5.538  1.00 19.33 ? 497 ASP A N   1 
ATOM   80  C  CA  . ASP A 1 13  ? 5.974   -6.287  -6.418  1.00 20.16 ? 497 ASP A CA  1 
ATOM   81  C  C   . ASP A 1 13  ? 4.873   -6.757  -7.372  1.00 19.98 ? 497 ASP A C   1 
ATOM   82  O  O   . ASP A 1 13  ? 5.027   -6.674  -8.602  1.00 19.94 ? 497 ASP A O   1 
ATOM   83  C  CB  . ASP A 1 13  ? 6.547   -7.449  -5.604  1.00 20.02 ? 497 ASP A CB  1 
ATOM   84  C  CG  . ASP A 1 13  ? 7.953   -7.153  -5.070  1.00 22.51 ? 497 ASP A CG  1 
ATOM   85  O  OD1 . ASP A 1 13  ? 8.431   -6.002  -5.196  1.00 23.23 ? 497 ASP A OD1 1 
ATOM   86  O  OD2 . ASP A 1 13  ? 8.598   -8.076  -4.531  1.00 23.10 ? 497 ASP A OD2 1 
ATOM   87  N  N   . GLN A 1 14  ? 3.771   -7.233  -6.800  1.00 19.76 ? 498 GLN A N   1 
ATOM   88  C  CA  . GLN A 1 14  ? 2.584   -7.616  -7.560  1.00 19.78 ? 498 GLN A CA  1 
ATOM   89  C  C   . GLN A 1 14  ? 1.339   -7.530  -6.689  1.00 19.25 ? 498 GLN A C   1 
ATOM   90  O  O   . GLN A 1 14  ? 1.431   -7.449  -5.458  1.00 18.29 ? 498 GLN A O   1 
ATOM   91  C  CB  . GLN A 1 14  ? 2.717   -9.033  -8.136  1.00 20.67 ? 498 GLN A CB  1 
ATOM   92  C  CG  . GLN A 1 14  ? 2.790   -10.135 -7.089  1.00 23.89 ? 498 GLN A CG  1 
ATOM   93  C  CD  . GLN A 1 14  ? 2.897   -11.506 -7.709  1.00 27.39 ? 498 GLN A CD  1 
ATOM   94  O  OE1 . GLN A 1 14  ? 3.892   -11.825 -8.361  1.00 30.54 ? 498 GLN A OE1 1 
ATOM   95  N  NE2 . GLN A 1 14  ? 1.876   -12.331 -7.507  1.00 29.71 ? 498 GLN A NE2 1 
ATOM   96  N  N   . VAL A 1 15  ? 0.182   -7.542  -7.346  1.00 17.41 ? 499 VAL A N   1 
ATOM   97  C  CA  . VAL A 1 15  ? -1.096  -7.583  -6.665  1.00 16.72 ? 499 VAL A CA  1 
ATOM   98  C  C   . VAL A 1 15  ? -1.873  -8.812  -7.138  1.00 17.33 ? 499 VAL A C   1 
ATOM   99  O  O   . VAL A 1 15  ? -2.038  -9.026  -8.347  1.00 17.59 ? 499 VAL A O   1 
ATOM   100 C  CB  . VAL A 1 15  ? -1.914  -6.322  -6.964  1.00 16.11 ? 499 VAL A CB  1 
ATOM   101 C  CG1 . VAL A 1 15  ? -3.233  -6.361  -6.199  1.00 15.07 ? 499 VAL A CG1 1 
ATOM   102 C  CG2 . VAL A 1 15  ? -1.091  -5.057  -6.652  1.00 14.24 ? 499 VAL A CG2 1 
ATOM   103 N  N   . GLU A 1 16  ? -2.308  -9.640  -6.200  1.00 17.82 ? 500 GLU A N   1 
ATOM   104 C  CA  . GLU A 1 16  ? -3.100  -10.809 -6.550  1.00 18.02 ? 500 GLU A CA  1 
ATOM   105 C  C   . GLU A 1 16  ? -4.543  -10.487 -6.213  1.00 17.46 ? 500 GLU A C   1 
ATOM   106 O  O   . GLU A 1 16  ? -4.931  -10.495 -5.042  1.00 16.86 ? 500 GLU A O   1 
ATOM   107 C  CB  . GLU A 1 16  ? -2.626  -12.070 -5.820  1.00 18.20 ? 500 GLU A CB  1 
ATOM   108 C  CG  . GLU A 1 16  ? -1.139  -12.354 -5.960  1.00 22.34 ? 500 GLU A CG  1 
ATOM   109 C  CD  . GLU A 1 16  ? -0.552  -13.023 -4.726  1.00 28.09 ? 500 GLU A CD  1 
ATOM   110 O  OE1 . GLU A 1 16  ? 0.070   -12.303 -3.907  1.00 30.56 ? 500 GLU A OE1 1 
ATOM   111 O  OE2 . GLU A 1 16  ? -0.720  -14.261 -4.550  1.00 30.03 ? 500 GLU A OE2 1 
ATOM   112 N  N   . PRO A 1 17  ? -5.337  -10.155 -7.240  1.00 16.79 ? 501 PRO A N   1 
ATOM   113 C  CA  . PRO A 1 17  ? -6.725  -9.828  -7.000  1.00 17.30 ? 501 PRO A CA  1 
ATOM   114 C  C   . PRO A 1 17  ? -7.667  -11.025 -7.018  1.00 17.55 ? 501 PRO A C   1 
ATOM   115 O  O   . PRO A 1 17  ? -7.458  -11.997 -7.759  1.00 17.65 ? 501 PRO A O   1 
ATOM   116 C  CB  . PRO A 1 17  ? -7.054  -8.871  -8.154  1.00 17.26 ? 501 PRO A CB  1 
ATOM   117 C  CG  . PRO A 1 17  ? -6.192  -9.373  -9.286  1.00 16.41 ? 501 PRO A CG  1 
ATOM   118 C  CD  . PRO A 1 17  ? -4.970  -10.007 -8.665  1.00 17.09 ? 501 PRO A CD  1 
ATOM   119 N  N   . TYR A 1 18  ? -8.695  -10.927 -6.193  1.00 17.61 ? 502 TYR A N   1 
ATOM   120 C  CA  . TYR A 1 18  ? -9.850  -11.793 -6.288  1.00 18.74 ? 502 TYR A CA  1 
ATOM   121 C  C   . TYR A 1 18  ? -11.052 -10.949 -6.729  1.00 18.83 ? 502 TYR A C   1 
ATOM   122 O  O   . TYR A 1 18  ? -10.900 -10.051 -7.576  1.00 18.96 ? 502 TYR A O   1 
ATOM   123 C  CB  . TYR A 1 18  ? -10.045 -12.538 -4.957  1.00 19.01 ? 502 TYR A CB  1 
ATOM   124 C  CG  . TYR A 1 18  ? -8.813  -13.345 -4.679  1.00 19.87 ? 502 TYR A CG  1 
ATOM   125 C  CD1 . TYR A 1 18  ? -8.609  -14.570 -5.322  1.00 21.74 ? 502 TYR A CD1 1 
ATOM   126 C  CD2 . TYR A 1 18  ? -7.800  -12.844 -3.867  1.00 22.13 ? 502 TYR A CD2 1 
ATOM   127 C  CE1 . TYR A 1 18  ? -7.448  -15.297 -5.125  1.00 23.14 ? 502 TYR A CE1 1 
ATOM   128 C  CE2 . TYR A 1 18  ? -6.635  -13.569 -3.661  1.00 21.97 ? 502 TYR A CE2 1 
ATOM   129 C  CZ  . TYR A 1 18  ? -6.475  -14.789 -4.296  1.00 22.47 ? 502 TYR A CZ  1 
ATOM   130 O  OH  . TYR A 1 18  ? -5.339  -15.517 -4.092  1.00 23.05 ? 502 TYR A OH  1 
ATOM   131 N  N   . SER A 1 19  ? -12.222 -11.196 -6.148  1.00 19.20 ? 503 SER A N   1 
ATOM   132 C  CA  . SER A 1 19  ? -13.440 -10.527 -6.594  1.00 19.42 ? 503 SER A CA  1 
ATOM   133 C  C   . SER A 1 19  ? -13.661 -9.178  -5.948  1.00 19.15 ? 503 SER A C   1 
ATOM   134 O  O   . SER A 1 19  ? -13.919 -8.197  -6.636  1.00 19.64 ? 503 SER A O   1 
ATOM   135 C  CB  . SER A 1 19  ? -14.677 -11.427 -6.426  1.00 19.59 ? 503 SER A CB  1 
ATOM   136 O  OG  . SER A 1 19  ? -14.646 -12.439 -7.411  1.00 22.00 ? 503 SER A OG  1 
ATOM   137 N  N   . SER A 1 20  ? -13.569 -9.138  -4.624  1.00 19.01 ? 504 SER A N   1 
ATOM   138 C  CA  . SER A 1 20  ? -13.815 -7.914  -3.869  1.00 18.20 ? 504 SER A CA  1 
ATOM   139 C  C   . SER A 1 20  ? -12.608 -7.544  -2.975  1.00 17.32 ? 504 SER A C   1 
ATOM   140 O  O   . SER A 1 20  ? -12.668 -6.586  -2.200  1.00 16.62 ? 504 SER A O   1 
ATOM   141 C  CB  . SER A 1 20  ? -15.083 -8.079  -3.035  1.00 18.55 ? 504 SER A CB  1 
ATOM   142 O  OG  . SER A 1 20  ? -14.889 -9.053  -2.013  1.00 18.70 ? 504 SER A OG  1 
ATOM   143 N  N   . THR A 1 21  ? -11.535 -8.325  -3.088  1.00 16.92 ? 505 THR A N   1 
ATOM   144 C  CA  . THR A 1 21  ? -10.314 -8.137  -2.288  1.00 16.86 ? 505 THR A CA  1 
ATOM   145 C  C   . THR A 1 21  ? -9.061  -8.364  -3.141  1.00 16.46 ? 505 THR A C   1 
ATOM   146 O  O   . THR A 1 21  ? -9.134  -8.913  -4.245  1.00 16.08 ? 505 THR A O   1 
ATOM   147 C  CB  . THR A 1 21  ? -10.248 -9.090  -1.053  1.00 16.99 ? 505 THR A CB  1 
ATOM   148 O  OG1 . THR A 1 21  ? -10.071 -10.445 -1.482  1.00 16.51 ? 505 THR A OG1 1 
ATOM   149 C  CG2 . THR A 1 21  ? -11.495 -8.982  -0.154  1.00 18.61 ? 505 THR A CG2 1 
ATOM   150 N  N   . ALA A 1 22  ? -7.907  -7.948  -2.621  1.00 16.05 ? 506 ALA A N   1 
ATOM   151 C  CA  . ALA A 1 22  ? -6.638  -8.126  -3.318  1.00 15.71 ? 506 ALA A CA  1 
ATOM   152 C  C   . ALA A 1 22  ? -5.486  -8.152  -2.321  1.00 15.85 ? 506 ALA A C   1 
ATOM   153 O  O   . ALA A 1 22  ? -5.506  -7.420  -1.308  1.00 15.36 ? 506 ALA A O   1 
ATOM   154 C  CB  . ALA A 1 22  ? -6.419  -7.027  -4.342  1.00 14.84 ? 506 ALA A CB  1 
ATOM   155 N  N   . GLN A 1 23  ? -4.509  -9.009  -2.601  1.00 16.36 ? 507 GLN A N   1 
ATOM   156 C  CA  . GLN A 1 23  ? -3.280  -9.090  -1.807  1.00 15.99 ? 507 GLN A CA  1 
ATOM   157 C  C   . GLN A 1 23  ? -2.164  -8.283  -2.472  1.00 15.75 ? 507 GLN A C   1 
ATOM   158 O  O   . GLN A 1 23  ? -1.737  -8.585  -3.597  1.00 14.95 ? 507 GLN A O   1 
ATOM   159 C  CB  . GLN A 1 23  ? -2.843  -10.549 -1.600  1.00 16.81 ? 507 GLN A CB  1 
ATOM   160 C  CG  . GLN A 1 23  ? -3.972  -11.559 -1.334  1.00 18.42 ? 507 GLN A CG  1 
ATOM   161 C  CD  . GLN A 1 23  ? -4.507  -11.476 0.063   1.00 23.05 ? 507 GLN A CD  1 
ATOM   162 O  OE1 . GLN A 1 23  ? -3.921  -12.024 1.002   1.00 26.74 ? 507 GLN A OE1 1 
ATOM   163 N  NE2 . GLN A 1 23  ? -5.638  -10.807 0.219   1.00 24.07 ? 507 GLN A NE2 1 
ATOM   164 N  N   . VAL A 1 24  ? -1.690  -7.251  -1.779  1.00 15.47 ? 508 VAL A N   1 
ATOM   165 C  CA  . VAL A 1 24  ? -0.681  -6.358  -2.345  1.00 15.66 ? 508 VAL A CA  1 
ATOM   166 C  C   . VAL A 1 24  ? 0.676   -6.825  -1.819  1.00 15.85 ? 508 VAL A C   1 
ATOM   167 O  O   . VAL A 1 24  ? 0.950   -6.726  -0.622  1.00 15.22 ? 508 VAL A O   1 
ATOM   168 C  CB  . VAL A 1 24  ? -0.967  -4.852  -2.016  1.00 15.20 ? 508 VAL A CB  1 
ATOM   169 C  CG1 . VAL A 1 24  ? 0.104   -3.944  -2.594  1.00 14.74 ? 508 VAL A CG1 1 
ATOM   170 C  CG2 . VAL A 1 24  ? -2.363  -4.406  -2.533  1.00 15.56 ? 508 VAL A CG2 1 
ATOM   171 N  N   . GLN A 1 25  ? 1.510   -7.364  -2.709  1.00 16.38 ? 509 GLN A N   1 
ATOM   172 C  CA  . GLN A 1 25  ? 2.863   -7.770  -2.332  1.00 17.41 ? 509 GLN A CA  1 
ATOM   173 C  C   . GLN A 1 25  ? 3.819   -6.614  -2.462  1.00 17.00 ? 509 GLN A C   1 
ATOM   174 O  O   . GLN A 1 25  ? 3.927   -6.010  -3.537  1.00 17.47 ? 509 GLN A O   1 
ATOM   175 C  CB  . GLN A 1 25  ? 3.372   -8.874  -3.243  1.00 17.66 ? 509 GLN A CB  1 
ATOM   176 C  CG  . GLN A 1 25  ? 2.850   -10.234 -2.925  1.00 21.39 ? 509 GLN A CG  1 
ATOM   177 C  CD  . GLN A 1 25  ? 3.608   -11.288 -3.691  1.00 26.83 ? 509 GLN A CD  1 
ATOM   178 O  OE1 . GLN A 1 25  ? 4.839   -11.192 -3.872  1.00 29.13 ? 509 GLN A OE1 1 
ATOM   179 N  NE2 . GLN A 1 25  ? 2.888   -12.312 -4.146  1.00 28.70 ? 509 GLN A NE2 1 
ATOM   180 N  N   . PHE A 1 26  ? 4.569   -6.350  -1.396  1.00 17.56 ? 510 PHE A N   1 
ATOM   181 C  CA  . PHE A 1 26  ? 5.406   -5.158  -1.340  1.00 18.07 ? 510 PHE A CA  1 
ATOM   182 C  C   . PHE A 1 26  ? 6.749   -5.396  -0.631  1.00 18.46 ? 510 PHE A C   1 
ATOM   183 O  O   . PHE A 1 26  ? 6.883   -6.343  0.161   1.00 17.57 ? 510 PHE A O   1 
ATOM   184 C  CB  . PHE A 1 26  ? 4.648   -4.014  -0.647  1.00 18.11 ? 510 PHE A CB  1 
ATOM   185 C  CG  . PHE A 1 26  ? 4.629   -4.118  0.864   1.00 17.99 ? 510 PHE A CG  1 
ATOM   186 C  CD1 . PHE A 1 26  ? 5.543   -3.398  1.646   1.00 18.89 ? 510 PHE A CD1 1 
ATOM   187 C  CD2 . PHE A 1 26  ? 3.717   -4.936  1.502   1.00 17.17 ? 510 PHE A CD2 1 
ATOM   188 C  CE1 . PHE A 1 26  ? 5.523   -3.504  3.033   1.00 19.54 ? 510 PHE A CE1 1 
ATOM   189 C  CE2 . PHE A 1 26  ? 3.690   -5.030  2.882   1.00 18.51 ? 510 PHE A CE2 1 
ATOM   190 C  CZ  . PHE A 1 26  ? 4.602   -4.323  3.646   1.00 19.00 ? 510 PHE A CZ  1 
ATOM   191 N  N   . ASP A 1 27  ? 7.707   -4.506  -0.921  1.00 19.45 ? 511 ASP A N   1 
ATOM   192 C  CA  . ASP A 1 27  ? 9.008   -4.431  -0.230  1.00 20.80 ? 511 ASP A CA  1 
ATOM   193 C  C   . ASP A 1 27  ? 9.007   -3.276  0.740   1.00 21.33 ? 511 ASP A C   1 
ATOM   194 O  O   . ASP A 1 27  ? 8.517   -2.197  0.411   1.00 21.38 ? 511 ASP A O   1 
ATOM   195 C  CB  . ASP A 1 27  ? 10.135  -4.093  -1.201  1.00 21.08 ? 511 ASP A CB  1 
ATOM   196 C  CG  . ASP A 1 27  ? 10.287  -5.085  -2.279  1.00 22.74 ? 511 ASP A CG  1 
ATOM   197 O  OD1 . ASP A 1 27  ? 10.107  -6.292  -2.006  1.00 24.65 ? 511 ASP A OD1 1 
ATOM   198 O  OD2 . ASP A 1 27  ? 10.596  -4.659  -3.418  1.00 25.61 ? 511 ASP A OD2 1 
ATOM   199 N  N   . GLU A 1 28  ? 9.597   -3.494  1.910   1.00 22.02 ? 512 GLU A N   1 
ATOM   200 C  CA  . GLU A 1 28  ? 9.870   -2.414  2.862   1.00 23.17 ? 512 GLU A CA  1 
ATOM   201 C  C   . GLU A 1 28  ? 10.698  -1.293  2.218   1.00 23.13 ? 512 GLU A C   1 
ATOM   202 O  O   . GLU A 1 28  ? 11.455  -1.551  1.274   1.00 22.42 ? 512 GLU A O   1 
ATOM   203 C  CB  . GLU A 1 28  ? 10.618  -2.963  4.077   1.00 23.82 ? 512 GLU A CB  1 
ATOM   204 C  CG  . GLU A 1 28  ? 9.825   -3.939  4.927   1.00 26.27 ? 512 GLU A CG  1 
ATOM   205 C  CD  . GLU A 1 28  ? 9.894   -5.377  4.408   1.00 30.33 ? 512 GLU A CD  1 
ATOM   206 O  OE1 . GLU A 1 28  ? 10.479  -5.615  3.327   1.00 30.93 ? 512 GLU A OE1 1 
ATOM   207 O  OE2 . GLU A 1 28  ? 9.368   -6.282  5.091   1.00 33.38 ? 512 GLU A OE2 1 
ATOM   208 N  N   . PRO A 1 29  ? 10.551  -0.045  2.722   1.00 23.38 ? 513 PRO A N   1 
ATOM   209 C  CA  . PRO A 1 29  ? 11.402  1.077   2.306   1.00 23.99 ? 513 PRO A CA  1 
ATOM   210 C  C   . PRO A 1 29  ? 12.902  0.751   2.424   1.00 24.23 ? 513 PRO A C   1 
ATOM   211 O  O   . PRO A 1 29  ? 13.295  0.017   3.329   1.00 23.92 ? 513 PRO A O   1 
ATOM   212 C  CB  . PRO A 1 29  ? 11.033  2.177   3.319   1.00 23.85 ? 513 PRO A CB  1 
ATOM   213 C  CG  . PRO A 1 29  ? 9.613   1.896   3.666   1.00 23.74 ? 513 PRO A CG  1 
ATOM   214 C  CD  . PRO A 1 29  ? 9.530   0.384   3.706   1.00 23.53 ? 513 PRO A CD  1 
ATOM   215 N  N   . GLU A 1 30  ? 13.722  1.262   1.507   1.00 25.11 ? 514 GLU A N   1 
ATOM   216 C  CA  . GLU A 1 30  ? 15.175  1.093   1.625   1.00 25.77 ? 514 GLU A CA  1 
ATOM   217 C  C   . GLU A 1 30  ? 15.661  1.814   2.881   1.00 25.71 ? 514 GLU A C   1 
ATOM   218 O  O   . GLU A 1 30  ? 16.490  1.299   3.640   1.00 25.14 ? 514 GLU A O   1 
ATOM   219 C  CB  . GLU A 1 30  ? 15.901  1.631   0.391   1.00 26.18 ? 514 GLU A CB  1 
ATOM   220 C  CG  . GLU A 1 30  ? 15.666  0.828   -0.876  1.00 29.14 ? 514 GLU A CG  1 
ATOM   221 C  CD  . GLU A 1 30  ? 16.517  -0.432  -0.956  1.00 32.10 ? 514 GLU A CD  1 
ATOM   222 O  OE1 . GLU A 1 30  ? 15.927  -1.532  -1.032  1.00 34.03 ? 514 GLU A OE1 1 
ATOM   223 O  OE2 . GLU A 1 30  ? 17.770  -0.322  -0.958  1.00 34.18 ? 514 GLU A OE2 1 
ATOM   224 N  N   . ALA A 1 31  ? 15.116  3.008   3.102   1.00 25.86 ? 515 ALA A N   1 
ATOM   225 C  CA  . ALA A 1 31  ? 15.444  3.800   4.277   1.00 25.74 ? 515 ALA A CA  1 
ATOM   226 C  C   . ALA A 1 31  ? 14.216  4.025   5.146   1.00 26.03 ? 515 ALA A C   1 
ATOM   227 O  O   . ALA A 1 31  ? 13.162  4.446   4.665   1.00 26.33 ? 515 ALA A O   1 
ATOM   228 C  CB  . ALA A 1 31  ? 16.055  5.129   3.868   1.00 26.19 ? 515 ALA A CB  1 
ATOM   229 N  N   . THR A 1 32  ? 14.374  3.741   6.430   1.00 25.76 ? 516 THR A N   1 
ATOM   230 C  CA  . THR A 1 32  ? 13.377  4.069   7.439   1.00 26.26 ? 516 THR A CA  1 
ATOM   231 C  C   . THR A 1 32  ? 13.285  5.586   7.624   1.00 26.14 ? 516 THR A C   1 
ATOM   232 O  O   . THR A 1 32  ? 12.321  6.088   8.199   1.00 26.00 ? 516 THR A O   1 
ATOM   233 C  CB  . THR A 1 32  ? 13.719  3.403   8.784   1.00 26.67 ? 516 THR A CB  1 
ATOM   234 O  OG1 . THR A 1 32  ? 15.048  3.777   9.190   1.00 27.66 ? 516 THR A OG1 1 
ATOM   235 C  CG2 . THR A 1 32  ? 13.634  1.884   8.673   1.00 26.63 ? 516 THR A CG2 1 
ATOM   236 N  N   . GLY A 1 33  ? 14.285  6.304   7.114   1.00 25.88 ? 517 GLY A N   1 
ATOM   237 C  CA  . GLY A 1 33  ? 14.414  7.746   7.347   1.00 26.05 ? 517 GLY A CA  1 
ATOM   238 C  C   . GLY A 1 33  ? 15.268  8.066   8.564   1.00 26.11 ? 517 GLY A C   1 
ATOM   239 O  O   . GLY A 1 33  ? 15.779  9.192   8.711   1.00 25.69 ? 517 GLY A O   1 
ATOM   240 N  N   . GLY A 1 34  ? 15.419  7.081   9.447   1.00 25.96 ? 518 GLY A N   1 
ATOM   241 C  CA  . GLY A 1 34  ? 16.264  7.247   10.630  1.00 25.91 ? 518 GLY A CA  1 
ATOM   242 C  C   . GLY A 1 34  ? 15.602  6.725   11.887  1.00 25.72 ? 518 GLY A C   1 
ATOM   243 O  O   . GLY A 1 34  ? 16.287  6.385   12.862  1.00 25.98 ? 518 GLY A O   1 
ATOM   244 N  N   . VAL A 1 35  ? 14.269  6.660   11.854  1.00 24.87 ? 519 VAL A N   1 
ATOM   245 C  CA  . VAL A 1 35  ? 13.451  6.053   12.916  1.00 24.02 ? 519 VAL A CA  1 
ATOM   246 C  C   . VAL A 1 35  ? 12.505  5.008   12.299  1.00 23.83 ? 519 VAL A C   1 
ATOM   247 O  O   . VAL A 1 35  ? 12.137  5.144   11.129  1.00 23.48 ? 519 VAL A O   1 
ATOM   248 C  CB  . VAL A 1 35  ? 12.639  7.113   13.732  1.00 24.08 ? 519 VAL A CB  1 
ATOM   249 C  CG1 . VAL A 1 35  ? 13.568  7.975   14.592  1.00 23.00 ? 519 VAL A CG1 1 
ATOM   250 C  CG2 . VAL A 1 35  ? 11.773  7.977   12.824  1.00 23.39 ? 519 VAL A CG2 1 
ATOM   251 N  N   . PRO A 1 36  ? 12.122  3.968   13.081  1.00 23.35 ? 520 PRO A N   1 
ATOM   252 C  CA  . PRO A 1 36  ? 11.401  2.749   12.652  1.00 23.20 ? 520 PRO A CA  1 
ATOM   253 C  C   . PRO A 1 36  ? 10.009  2.927   12.025  1.00 22.11 ? 520 PRO A C   1 
ATOM   254 O  O   . PRO A 1 36  ? 9.215   3.736   12.489  1.00 22.78 ? 520 PRO A O   1 
ATOM   255 C  CB  . PRO A 1 36  ? 11.239  1.961   13.967  1.00 23.34 ? 520 PRO A CB  1 
ATOM   256 C  CG  . PRO A 1 36  ? 11.349  3.011   15.046  1.00 23.84 ? 520 PRO A CG  1 
ATOM   257 C  CD  . PRO A 1 36  ? 12.408  3.930   14.528  1.00 23.39 ? 520 PRO A CD  1 
ATOM   258 N  N   . ILE A 1 37  ? 9.706   2.111   11.019  1.00 21.47 ? 521 ILE A N   1 
ATOM   259 C  CA  . ILE A 1 37  ? 8.351   2.063   10.438  1.00 20.61 ? 521 ILE A CA  1 
ATOM   260 C  C   . ILE A 1 37  ? 7.303   1.582   11.442  1.00 19.49 ? 521 ILE A C   1 
ATOM   261 O  O   . ILE A 1 37  ? 7.470   0.538   12.083  1.00 20.68 ? 521 ILE A O   1 
ATOM   262 C  CB  . ILE A 1 37  ? 8.291   1.171   9.170   1.00 20.50 ? 521 ILE A CB  1 
ATOM   263 C  CG1 . ILE A 1 37  ? 9.451   1.482   8.218   1.00 21.43 ? 521 ILE A CG1 1 
ATOM   264 C  CG2 . ILE A 1 37  ? 6.918   1.279   8.499   1.00 19.55 ? 521 ILE A CG2 1 
ATOM   265 C  CD1 . ILE A 1 37  ? 9.623   2.926   7.859   1.00 20.57 ? 521 ILE A CD1 1 
ATOM   266 N  N   . LEU A 1 38  ? 6.213   2.331   11.551  1.00 18.46 ? 522 LEU A N   1 
ATOM   267 C  CA  . LEU A 1 38  ? 5.161   2.071   12.535  1.00 17.19 ? 522 LEU A CA  1 
ATOM   268 C  C   . LEU A 1 38  ? 3.899   1.445   11.934  1.00 17.00 ? 522 LEU A C   1 
ATOM   269 O  O   . LEU A 1 38  ? 3.267   0.576   12.535  1.00 15.41 ? 522 LEU A O   1 
ATOM   270 C  CB  . LEU A 1 38  ? 4.766   3.369   13.232  1.00 17.73 ? 522 LEU A CB  1 
ATOM   271 C  CG  . LEU A 1 38  ? 5.772   4.252   13.976  1.00 18.16 ? 522 LEU A CG  1 
ATOM   272 C  CD1 . LEU A 1 38  ? 5.052   5.464   14.537  1.00 19.76 ? 522 LEU A CD1 1 
ATOM   273 C  CD2 . LEU A 1 38  ? 6.427   3.460   15.072  1.00 20.75 ? 522 LEU A CD2 1 
ATOM   274 N  N   . LYS A 1 39  ? 3.515   1.943   10.763  1.00 15.87 ? 523 LYS A N   1 
ATOM   275 C  CA  . LYS A 1 39  ? 2.321   1.490   10.059  1.00 15.06 ? 523 LYS A CA  1 
ATOM   276 C  C   . LYS A 1 39  ? 2.560   1.642   8.576   1.00 14.01 ? 523 LYS A C   1 
ATOM   277 O  O   . LYS A 1 39  ? 3.462   2.374   8.155   1.00 13.36 ? 523 LYS A O   1 
ATOM   278 C  CB  . LYS A 1 39  ? 1.104   2.352   10.428  1.00 15.10 ? 523 LYS A CB  1 
ATOM   279 C  CG  . LYS A 1 39  ? 0.565   2.169   11.829  1.00 16.64 ? 523 LYS A CG  1 
ATOM   280 C  CD  . LYS A 1 39  ? -0.780  2.869   11.967  1.00 19.67 ? 523 LYS A CD  1 
ATOM   281 C  CE  . LYS A 1 39  ? -1.328  2.833   13.400  1.00 21.77 ? 523 LYS A CE  1 
ATOM   282 N  NZ  . LYS A 1 39  ? -1.280  1.481   14.030  1.00 21.85 ? 523 LYS A NZ  1 
ATOM   283 N  N   . TYR A 1 40  ? 1.735   0.954   7.790   1.00 13.34 ? 524 TYR A N   1 
ATOM   284 C  CA  . TYR A 1 40  ? 1.614   1.241   6.365   1.00 13.52 ? 524 TYR A CA  1 
ATOM   285 C  C   . TYR A 1 40  ? 0.252   1.812   6.025   1.00 12.85 ? 524 TYR A C   1 
ATOM   286 O  O   . TYR A 1 40  ? -0.761  1.479   6.647   1.00 12.76 ? 524 TYR A O   1 
ATOM   287 C  CB  . TYR A 1 40  ? 1.904   0.004   5.510   1.00 14.15 ? 524 TYR A CB  1 
ATOM   288 C  CG  . TYR A 1 40  ? 3.364   -0.394  5.526   1.00 14.69 ? 524 TYR A CG  1 
ATOM   289 C  CD1 . TYR A 1 40  ? 4.267   0.134   4.608   1.00 15.59 ? 524 TYR A CD1 1 
ATOM   290 C  CD2 . TYR A 1 40  ? 3.833   -1.303  6.468   1.00 15.38 ? 524 TYR A CD2 1 
ATOM   291 C  CE1 . TYR A 1 40  ? 5.624   -0.232  4.638   1.00 15.89 ? 524 TYR A CE1 1 
ATOM   292 C  CE2 . TYR A 1 40  ? 5.183   -1.679  6.505   1.00 16.81 ? 524 TYR A CE2 1 
ATOM   293 C  CZ  . TYR A 1 40  ? 6.060   -1.143  5.587   1.00 16.19 ? 524 TYR A CZ  1 
ATOM   294 O  OH  . TYR A 1 40  ? 7.376   -1.518  5.631   1.00 18.58 ? 524 TYR A OH  1 
ATOM   295 N  N   . LYS A 1 41  ? 0.224   2.673   5.022   1.00 13.22 ? 525 LYS A N   1 
ATOM   296 C  CA  . LYS A 1 41  ? -1.042  3.153   4.490   1.00 12.94 ? 525 LYS A CA  1 
ATOM   297 C  C   . LYS A 1 41  ? -1.171  2.692   3.043   1.00 12.97 ? 525 LYS A C   1 
ATOM   298 O  O   . LYS A 1 41  ? -0.302  2.967   2.216   1.00 13.50 ? 525 LYS A O   1 
ATOM   299 C  CB  . LYS A 1 41  ? -1.118  4.678   4.583   1.00 12.49 ? 525 LYS A CB  1 
ATOM   300 C  CG  . LYS A 1 41  ? -2.483  5.269   4.226   1.00 14.03 ? 525 LYS A CG  1 
ATOM   301 C  CD  . LYS A 1 41  ? -2.360  6.785   4.186   1.00 17.42 ? 525 LYS A CD  1 
ATOM   302 C  CE  . LYS A 1 41  ? -3.675  7.484   4.088   1.00 21.06 ? 525 LYS A CE  1 
ATOM   303 N  NZ  . LYS A 1 41  ? -3.414  8.967   4.002   1.00 20.89 ? 525 LYS A NZ  1 
ATOM   304 N  N   . ALA A 1 42  ? -2.248  1.969   2.755   1.00 12.75 ? 526 ALA A N   1 
ATOM   305 C  CA  . ALA A 1 42  ? -2.625  1.691   1.375   1.00 11.99 ? 526 ALA A CA  1 
ATOM   306 C  C   . ALA A 1 42  ? -3.705  2.658   0.934   1.00 12.30 ? 526 ALA A C   1 
ATOM   307 O  O   . ALA A 1 42  ? -4.674  2.873   1.655   1.00 11.77 ? 526 ALA A O   1 
ATOM   308 C  CB  . ALA A 1 42  ? -3.133  0.260   1.220   1.00 11.84 ? 526 ALA A CB  1 
ATOM   309 N  N   . GLU A 1 43  ? -3.516  3.235   -0.244  1.00 11.95 ? 527 GLU A N   1 
ATOM   310 C  CA  . GLU A 1 43  ? -4.524  4.035   -0.930  1.00 11.91 ? 527 GLU A CA  1 
ATOM   311 C  C   . GLU A 1 43  ? -4.855  3.385   -2.274  1.00 11.53 ? 527 GLU A C   1 
ATOM   312 O  O   . GLU A 1 43  ? -3.940  2.998   -3.027  1.00 11.28 ? 527 GLU A O   1 
ATOM   313 C  CB  . GLU A 1 43  ? -4.004  5.457   -1.153  1.00 12.00 ? 527 GLU A CB  1 
ATOM   314 C  CG  . GLU A 1 43  ? -3.523  6.143   0.118   1.00 15.86 ? 527 GLU A CG  1 
ATOM   315 C  CD  . GLU A 1 43  ? -3.006  7.537   -0.144  1.00 21.11 ? 527 GLU A CD  1 
ATOM   316 O  OE1 . GLU A 1 43  ? -1.792  7.683   -0.433  1.00 23.82 ? 527 GLU A OE1 1 
ATOM   317 O  OE2 . GLU A 1 43  ? -3.822  8.490   -0.069  1.00 26.63 ? 527 GLU A OE2 1 
ATOM   318 N  N   . TRP A 1 44  ? -6.146  3.266   -2.588  1.00 10.15 ? 528 TRP A N   1 
ATOM   319 C  CA  . TRP A 1 44  ? -6.546  2.687   -3.886  1.00 10.94 ? 528 TRP A CA  1 
ATOM   320 C  C   . TRP A 1 44  ? -7.695  3.470   -4.489  1.00 11.40 ? 528 TRP A C   1 
ATOM   321 O  O   . TRP A 1 44  ? -8.467  4.110   -3.767  1.00 10.49 ? 528 TRP A O   1 
ATOM   322 C  CB  . TRP A 1 44  ? -6.896  1.189   -3.775  1.00 11.26 ? 528 TRP A CB  1 
ATOM   323 C  CG  . TRP A 1 44  ? -8.061  0.873   -2.866  1.00 11.73 ? 528 TRP A CG  1 
ATOM   324 C  CD1 . TRP A 1 44  ? -9.377  0.739   -3.220  1.00 9.99  ? 528 TRP A CD1 1 
ATOM   325 C  CD2 . TRP A 1 44  ? -8.008  0.688   -1.446  1.00 12.17 ? 528 TRP A CD2 1 
ATOM   326 N  NE1 . TRP A 1 44  ? -10.137 0.435   -2.108  1.00 13.54 ? 528 TRP A NE1 1 
ATOM   327 C  CE2 . TRP A 1 44  ? -9.318  0.389   -1.010  1.00 11.81 ? 528 TRP A CE2 1 
ATOM   328 C  CE3 . TRP A 1 44  ? -6.967  0.685   -0.506  1.00 14.35 ? 528 TRP A CE3 1 
ATOM   329 C  CZ2 . TRP A 1 44  ? -9.628  0.154   0.343   1.00 12.19 ? 528 TRP A CZ2 1 
ATOM   330 C  CZ3 . TRP A 1 44  ? -7.271  0.433   0.840   1.00 12.24 ? 528 TRP A CZ3 1 
ATOM   331 C  CH2 . TRP A 1 44  ? -8.590  0.162   1.243   1.00 10.29 ? 528 TRP A CH2 1 
ATOM   332 N  N   . ARG A 1 45  ? -7.802  3.419   -5.812  1.00 11.36 ? 529 ARG A N   1 
ATOM   333 C  CA  . ARG A 1 45  ? -8.959  4.002   -6.489  1.00 12.73 ? 529 ARG A CA  1 
ATOM   334 C  C   . ARG A 1 45  ? -9.219  3.312   -7.823  1.00 12.84 ? 529 ARG A C   1 
ATOM   335 O  O   . ARG A 1 45  ? -8.276  2.876   -8.509  1.00 13.50 ? 529 ARG A O   1 
ATOM   336 C  CB  . ARG A 1 45  ? -8.777  5.504   -6.692  1.00 13.75 ? 529 ARG A CB  1 
ATOM   337 C  CG  . ARG A 1 45  ? -7.569  5.893   -7.467  1.00 15.45 ? 529 ARG A CG  1 
ATOM   338 C  CD  . ARG A 1 45  ? -7.683  7.265   -8.151  1.00 18.97 ? 529 ARG A CD  1 
ATOM   339 N  NE  . ARG A 1 45  ? -6.554  7.368   -9.077  1.00 23.57 ? 529 ARG A NE  1 
ATOM   340 C  CZ  . ARG A 1 45  ? -6.635  7.265   -10.405 1.00 25.35 ? 529 ARG A CZ  1 
ATOM   341 N  NH1 . ARG A 1 45  ? -7.813  7.117   -11.013 1.00 24.32 ? 529 ARG A NH1 1 
ATOM   342 N  NH2 . ARG A 1 45  ? -5.522  7.337   -11.134 1.00 27.19 ? 529 ARG A NH2 1 
ATOM   343 N  N   . ALA A 1 46  ? -10.499 3.198   -8.172  1.00 13.65 ? 530 ALA A N   1 
ATOM   344 C  CA  . ALA A 1 46  ? -10.892 2.665   -9.462  1.00 13.59 ? 530 ALA A CA  1 
ATOM   345 C  C   . ALA A 1 46  ? -10.410 3.642   -10.540 1.00 13.94 ? 530 ALA A C   1 
ATOM   346 O  O   . ALA A 1 46  ? -10.668 4.846   -10.464 1.00 13.79 ? 530 ALA A O   1 
ATOM   347 C  CB  . ALA A 1 46  ? -12.396 2.478   -9.523  1.00 13.11 ? 530 ALA A CB  1 
ATOM   348 N  N   . VAL A 1 47  ? -9.677  3.122   -11.526 1.00 14.33 ? 531 VAL A N   1 
ATOM   349 C  CA  . VAL A 1 47  ? -9.160  3.947   -12.622 1.00 15.01 ? 531 VAL A CA  1 
ATOM   350 C  C   . VAL A 1 47  ? -10.335 4.691   -13.302 1.00 15.92 ? 531 VAL A C   1 
ATOM   351 O  O   . VAL A 1 47  ? -11.377 4.094   -13.585 1.00 15.48 ? 531 VAL A O   1 
ATOM   352 C  CB  . VAL A 1 47  ? -8.372  3.064   -13.622 1.00 15.07 ? 531 VAL A CB  1 
ATOM   353 C  CG1 . VAL A 1 47  ? -8.000  3.837   -14.870 1.00 13.60 ? 531 VAL A CG1 1 
ATOM   354 C  CG2 . VAL A 1 47  ? -7.112  2.464   -12.955 1.00 15.28 ? 531 VAL A CG2 1 
ATOM   355 N  N   . GLY A 1 48  ? -10.145 5.990   -13.528 1.00 16.76 ? 532 GLY A N   1 
ATOM   356 C  CA  . GLY A 1 48  ? -11.189 6.888   -14.011 1.00 17.73 ? 532 GLY A CA  1 
ATOM   357 C  C   . GLY A 1 48  ? -11.880 7.713   -12.935 1.00 18.51 ? 532 GLY A C   1 
ATOM   358 O  O   . GLY A 1 48  ? -12.463 8.757   -13.243 1.00 19.07 ? 532 GLY A O   1 
ATOM   359 N  N   . GLU A 1 49  ? -11.819 7.251   -11.679 1.00 18.83 ? 533 GLU A N   1 
ATOM   360 C  CA  . GLU A 1 49  ? -12.451 7.948   -10.553 1.00 19.07 ? 533 GLU A CA  1 
ATOM   361 C  C   . GLU A 1 49  ? -11.454 8.854   -9.832  1.00 19.31 ? 533 GLU A C   1 
ATOM   362 O  O   . GLU A 1 49  ? -10.252 8.608   -9.890  1.00 19.50 ? 533 GLU A O   1 
ATOM   363 C  CB  . GLU A 1 49  ? -13.044 6.952   -9.571  1.00 19.60 ? 533 GLU A CB  1 
ATOM   364 C  CG  . GLU A 1 49  ? -14.171 6.120   -10.166 1.00 21.05 ? 533 GLU A CG  1 
ATOM   365 C  CD  . GLU A 1 49  ? -14.840 5.228   -9.148  1.00 24.16 ? 533 GLU A CD  1 
ATOM   366 O  OE1 . GLU A 1 49  ? -14.695 5.460   -7.923  1.00 25.34 ? 533 GLU A OE1 1 
ATOM   367 O  OE2 . GLU A 1 49  ? -15.522 4.284   -9.579  1.00 24.97 ? 533 GLU A OE2 1 
ATOM   368 N  N   . GLU A 1 50  ? -11.959 9.890   -9.161  1.00 19.32 ? 534 GLU A N   1 
ATOM   369 C  CA  . GLU A 1 50  ? -11.101 10.842  -8.412  1.00 19.87 ? 534 GLU A CA  1 
ATOM   370 C  C   . GLU A 1 50  ? -10.877 10.447  -6.944  1.00 18.72 ? 534 GLU A C   1 
ATOM   371 O  O   . GLU A 1 50  ? -9.825  10.730  -6.384  1.00 19.06 ? 534 GLU A O   1 
ATOM   372 C  CB  . GLU A 1 50  ? -11.676 12.269  -8.447  1.00 20.05 ? 534 GLU A CB  1 
ATOM   373 C  CG  . GLU A 1 50  ? -11.986 12.812  -9.822  1.00 24.14 ? 534 GLU A CG  1 
ATOM   374 C  CD  . GLU A 1 50  ? -12.740 14.133  -9.765  1.00 28.39 ? 534 GLU A CD  1 
ATOM   375 O  OE1 . GLU A 1 50  ? -13.929 14.153  -10.155 1.00 30.62 ? 534 GLU A OE1 1 
ATOM   376 O  OE2 . GLU A 1 50  ? -12.149 15.142  -9.323  1.00 30.07 ? 534 GLU A OE2 1 
ATOM   377 N  N   . VAL A 1 51  ? -11.864 9.808   -6.323  1.00 17.11 ? 535 VAL A N   1 
ATOM   378 C  CA  . VAL A 1 51  ? -11.817 9.531   -4.880  1.00 16.03 ? 535 VAL A CA  1 
ATOM   379 C  C   . VAL A 1 51  ? -10.880 8.368   -4.488  1.00 15.51 ? 535 VAL A C   1 
ATOM   380 O  O   . VAL A 1 51  ? -10.990 7.267   -5.024  1.00 15.42 ? 535 VAL A O   1 
ATOM   381 C  CB  . VAL A 1 51  ? -13.228 9.265   -4.333  1.00 15.72 ? 535 VAL A CB  1 
ATOM   382 C  CG1 . VAL A 1 51  ? -13.185 8.911   -2.869  1.00 14.06 ? 535 VAL A CG1 1 
ATOM   383 C  CG2 . VAL A 1 51  ? -14.146 10.469  -4.620  1.00 16.01 ? 535 VAL A CG2 1 
ATOM   384 N  N   . TRP A 1 52  ? -9.964  8.626   -3.558  1.00 14.75 ? 536 TRP A N   1 
ATOM   385 C  CA  . TRP A 1 52  ? -9.047  7.591   -3.062  1.00 14.26 ? 536 TRP A CA  1 
ATOM   386 C  C   . TRP A 1 52  ? -9.627  6.915   -1.817  1.00 13.48 ? 536 TRP A C   1 
ATOM   387 O  O   . TRP A 1 52  ? -10.216 7.582   -0.953  1.00 14.44 ? 536 TRP A O   1 
ATOM   388 C  CB  . TRP A 1 52  ? -7.672  8.186   -2.699  1.00 14.49 ? 536 TRP A CB  1 
ATOM   389 C  CG  . TRP A 1 52  ? -6.740  8.474   -3.860  1.00 15.79 ? 536 TRP A CG  1 
ATOM   390 C  CD1 . TRP A 1 52  ? -6.565  9.678   -4.500  1.00 15.22 ? 536 TRP A CD1 1 
ATOM   391 C  CD2 . TRP A 1 52  ? -5.847  7.556   -4.484  1.00 15.01 ? 536 TRP A CD2 1 
ATOM   392 N  NE1 . TRP A 1 52  ? -5.624  9.553   -5.495  1.00 17.07 ? 536 TRP A NE1 1 
ATOM   393 C  CE2 . TRP A 1 52  ? -5.161  8.261   -5.505  1.00 16.41 ? 536 TRP A CE2 1 
ATOM   394 C  CE3 . TRP A 1 52  ? -5.560  6.196   -4.290  1.00 14.58 ? 536 TRP A CE3 1 
ATOM   395 C  CZ2 . TRP A 1 52  ? -4.215  7.652   -6.331  1.00 16.58 ? 536 TRP A CZ2 1 
ATOM   396 C  CZ3 . TRP A 1 52  ? -4.600  5.586   -5.106  1.00 15.34 ? 536 TRP A CZ3 1 
ATOM   397 C  CH2 . TRP A 1 52  ? -3.940  6.318   -6.116  1.00 15.88 ? 536 TRP A CH2 1 
ATOM   398 N  N   . HIS A 1 53  ? -9.435  5.600   -1.706  1.00 11.91 ? 537 HIS A N   1 
ATOM   399 C  CA  . HIS A 1 53  ? -9.826  4.891   -0.506  1.00 10.39 ? 537 HIS A CA  1 
ATOM   400 C  C   . HIS A 1 53  ? -8.553  4.514   0.216   1.00 10.12 ? 537 HIS A C   1 
ATOM   401 O  O   . HIS A 1 53  ? -7.547  4.125   -0.424  1.00 10.01 ? 537 HIS A O   1 
ATOM   402 C  CB  . HIS A 1 53  ? -10.582 3.623   -0.890  1.00 10.21 ? 537 HIS A CB  1 
ATOM   403 C  CG  . HIS A 1 53  ? -11.647 3.861   -1.906  1.00 11.80 ? 537 HIS A CG  1 
ATOM   404 N  ND1 . HIS A 1 53  ? -12.865 4.412   -1.582  1.00 13.22 ? 537 HIS A ND1 1 
ATOM   405 C  CD2 . HIS A 1 53  ? -11.659 3.685   -3.246  1.00 15.03 ? 537 HIS A CD2 1 
ATOM   406 C  CE1 . HIS A 1 53  ? -13.597 4.540   -2.674  1.00 15.00 ? 537 HIS A CE1 1 
ATOM   407 N  NE2 . HIS A 1 53  ? -12.891 4.091   -3.697  1.00 14.19 ? 537 HIS A NE2 1 
ATOM   408 N  N   . SER A 1 54  ? -8.603  4.524   1.535   1.00 9.63  ? 538 SER A N   1 
ATOM   409 C  CA  . SER A 1 54  ? -7.384  4.279   2.283   1.00 10.69 ? 538 SER A CA  1 
ATOM   410 C  C   . SER A 1 54  ? -7.630  3.525   3.571   1.00 10.73 ? 538 SER A C   1 
ATOM   411 O  O   . SER A 1 54  ? -8.721  3.599   4.165   1.00 11.01 ? 538 SER A O   1 
ATOM   412 C  CB  . SER A 1 54  ? -6.604  5.587   2.520   1.00 10.78 ? 538 SER A CB  1 
ATOM   413 O  OG  . SER A 1 54  ? -7.164  6.382   3.560   1.00 12.22 ? 538 SER A OG  1 
ATOM   414 N  N   . LYS A 1 55  ? -6.603  2.788   3.968   1.00 10.82 ? 539 LYS A N   1 
ATOM   415 C  CA  . LYS A 1 55  ? -6.613  1.980   5.177   1.00 10.87 ? 539 LYS A CA  1 
ATOM   416 C  C   . LYS A 1 55  ? -5.203  1.839   5.778   1.00 10.69 ? 539 LYS A C   1 
ATOM   417 O  O   . LYS A 1 55  ? -4.220  1.725   5.061   1.00 9.86  ? 539 LYS A O   1 
ATOM   418 C  CB  . LYS A 1 55  ? -7.183  0.589   4.895   1.00 10.58 ? 539 LYS A CB  1 
ATOM   419 C  CG  . LYS A 1 55  ? -7.372  -0.237  6.145   1.00 12.74 ? 539 LYS A CG  1 
ATOM   420 C  CD  . LYS A 1 55  ? -8.034  -1.584  5.903   1.00 12.67 ? 539 LYS A CD  1 
ATOM   421 C  CE  . LYS A 1 55  ? -8.568  -2.119  7.234   1.00 10.89 ? 539 LYS A CE  1 
ATOM   422 N  NZ  . LYS A 1 55  ? -8.757  -3.617  7.108   1.00 13.74 ? 539 LYS A NZ  1 
ATOM   423 N  N   . TRP A 1 56  ? -5.142  1.837   7.108   1.00 11.97 ? 540 TRP A N   1 
ATOM   424 C  CA  . TRP A 1 56  ? -3.898  1.621   7.853   1.00 12.66 ? 540 TRP A CA  1 
ATOM   425 C  C   . TRP A 1 56  ? -3.656  0.147   8.149   1.00 13.54 ? 540 TRP A C   1 
ATOM   426 O  O   . TRP A 1 56  ? -4.601  -0.621  8.360   1.00 13.86 ? 540 TRP A O   1 
ATOM   427 C  CB  . TRP A 1 56  ? -3.949  2.398   9.186   1.00 13.10 ? 540 TRP A CB  1 
ATOM   428 C  CG  . TRP A 1 56  ? -3.986  3.890   9.019   1.00 13.09 ? 540 TRP A CG  1 
ATOM   429 C  CD1 . TRP A 1 56  ? -5.066  4.695   9.168   1.00 14.52 ? 540 TRP A CD1 1 
ATOM   430 C  CD2 . TRP A 1 56  ? -2.889  4.737   8.676   1.00 13.27 ? 540 TRP A CD2 1 
ATOM   431 N  NE1 . TRP A 1 56  ? -4.719  6.015   8.945   1.00 12.97 ? 540 TRP A NE1 1 
ATOM   432 C  CE2 . TRP A 1 56  ? -3.387  6.068   8.633   1.00 14.51 ? 540 TRP A CE2 1 
ATOM   433 C  CE3 . TRP A 1 56  ? -1.530  4.508   8.397   1.00 14.00 ? 540 TRP A CE3 1 
ATOM   434 C  CZ2 . TRP A 1 56  ? -2.568  7.170   8.337   1.00 14.01 ? 540 TRP A CZ2 1 
ATOM   435 C  CZ3 . TRP A 1 56  ? -0.705  5.619   8.104   1.00 15.65 ? 540 TRP A CZ3 1 
ATOM   436 C  CH2 . TRP A 1 56  ? -1.239  6.924   8.071   1.00 14.19 ? 540 TRP A CH2 1 
ATOM   437 N  N   . TYR A 1 57  ? -2.374  -0.230  8.167   1.00 13.74 ? 541 TYR A N   1 
ATOM   438 C  CA  . TYR A 1 57  ? -1.922  -1.600  8.459   1.00 14.62 ? 541 TYR A CA  1 
ATOM   439 C  C   . TYR A 1 57  ? -0.724  -1.561  9.387   1.00 15.54 ? 541 TYR A C   1 
ATOM   440 O  O   . TYR A 1 57  ? 0.186   -0.748  9.213   1.00 15.50 ? 541 TYR A O   1 
ATOM   441 C  CB  . TYR A 1 57  ? -1.528  -2.335  7.174   1.00 14.77 ? 541 TYR A CB  1 
ATOM   442 C  CG  . TYR A 1 57  ? -2.635  -2.406  6.168   1.00 12.75 ? 541 TYR A CG  1 
ATOM   443 C  CD1 . TYR A 1 57  ? -3.487  -3.510  6.122   1.00 14.71 ? 541 TYR A CD1 1 
ATOM   444 C  CD2 . TYR A 1 57  ? -2.839  -1.359  5.254   1.00 14.35 ? 541 TYR A CD2 1 
ATOM   445 C  CE1 . TYR A 1 57  ? -4.520  -3.574  5.192   1.00 13.97 ? 541 TYR A CE1 1 
ATOM   446 C  CE2 . TYR A 1 57  ? -3.874  -1.410  4.333   1.00 13.13 ? 541 TYR A CE2 1 
ATOM   447 C  CZ  . TYR A 1 57  ? -4.711  -2.515  4.308   1.00 12.18 ? 541 TYR A CZ  1 
ATOM   448 O  OH  . TYR A 1 57  ? -5.740  -2.591  3.403   1.00 14.41 ? 541 TYR A OH  1 
ATOM   449 N  N   . ASP A 1 58  ? -0.730  -2.457  10.369  1.00 16.48 ? 542 ASP A N   1 
ATOM   450 C  CA  . ASP A 1 58  ? 0.413   -2.629  11.278  1.00 18.19 ? 542 ASP A CA  1 
ATOM   451 C  C   . ASP A 1 58  ? 1.662   -3.037  10.517  1.00 17.98 ? 542 ASP A C   1 
ATOM   452 O  O   . ASP A 1 58  ? 1.607   -3.926  9.661   1.00 17.48 ? 542 ASP A O   1 
ATOM   453 C  CB  . ASP A 1 58  ? 0.120   -3.709  12.304  1.00 19.16 ? 542 ASP A CB  1 
ATOM   454 C  CG  . ASP A 1 58  ? -1.140  -3.455  13.076  1.00 23.21 ? 542 ASP A CG  1 
ATOM   455 O  OD1 . ASP A 1 58  ? -1.378  -2.299  13.516  1.00 27.14 ? 542 ASP A OD1 1 
ATOM   456 O  OD2 . ASP A 1 58  ? -1.897  -4.439  13.262  1.00 27.93 ? 542 ASP A OD2 1 
ATOM   457 N  N   . ALA A 1 59  ? 2.785   -2.411  10.858  1.00 18.10 ? 543 ALA A N   1 
ATOM   458 C  CA  . ALA A 1 59  ? 4.047   -2.662  10.179  1.00 18.30 ? 543 ALA A CA  1 
ATOM   459 C  C   . ALA A 1 59  ? 4.552   -4.092  10.396  1.00 18.95 ? 543 ALA A C   1 
ATOM   460 O  O   . ALA A 1 59  ? 5.091   -4.713  9.473   1.00 18.04 ? 543 ALA A O   1 
ATOM   461 C  CB  . ALA A 1 59  ? 5.102   -1.640  10.604  1.00 18.75 ? 543 ALA A CB  1 
ATOM   462 N  N   . LYS A 1 60  ? 4.368   -4.612  11.607  1.00 19.67 ? 544 LYS A N   1 
ATOM   463 C  CA  . LYS A 1 60  ? 4.924   -5.924  11.931  1.00 21.04 ? 544 LYS A CA  1 
ATOM   464 C  C   . LYS A 1 60  ? 4.342   -7.052  11.080  1.00 21.46 ? 544 LYS A C   1 
ATOM   465 O  O   . LYS A 1 60  ? 5.087   -7.783  10.449  1.00 22.46 ? 544 LYS A O   1 
ATOM   466 C  CB  . LYS A 1 60  ? 4.793   -6.258  13.407  1.00 21.02 ? 544 LYS A CB  1 
ATOM   467 C  CG  . LYS A 1 60  ? 5.706   -7.416  13.781  1.00 22.88 ? 544 LYS A CG  1 
ATOM   468 C  CD  . LYS A 1 60  ? 5.284   -8.020  15.080  1.00 24.10 ? 544 LYS A CD  1 
ATOM   469 C  CE  . LYS A 1 60  ? 6.233   -9.113  15.505  1.00 25.79 ? 544 LYS A CE  1 
ATOM   470 N  NZ  . LYS A 1 60  ? 5.896   -9.540  16.879  1.00 24.89 ? 544 LYS A NZ  1 
ATOM   471 N  N   . GLU A 1 61  ? 3.021   -7.170  11.040  1.00 22.81 ? 545 GLU A N   1 
ATOM   472 C  CA  . GLU A 1 61  ? 2.392   -8.245  10.267  1.00 24.12 ? 545 GLU A CA  1 
ATOM   473 C  C   . GLU A 1 61  ? 2.585   -8.070  8.766   1.00 24.19 ? 545 GLU A C   1 
ATOM   474 O  O   . GLU A 1 61  ? 2.725   -9.053  8.036   1.00 24.58 ? 545 GLU A O   1 
ATOM   475 C  CB  . GLU A 1 61  ? 0.906   -8.376  10.597  1.00 24.73 ? 545 GLU A CB  1 
ATOM   476 C  CG  . GLU A 1 61  ? 0.646   -9.026  11.930  1.00 27.30 ? 545 GLU A CG  1 
ATOM   477 C  CD  . GLU A 1 61  ? 0.688   -8.037  13.065  1.00 30.28 ? 545 GLU A CD  1 
ATOM   478 O  OE1 . GLU A 1 61  ? 0.997   -6.844  12.825  1.00 31.18 ? 545 GLU A OE1 1 
ATOM   479 O  OE2 . GLU A 1 61  ? 0.399   -8.428  14.213  1.00 31.25 ? 545 GLU A OE2 1 
ATOM   480 N  N   . ALA A 1 62  ? 2.591   -6.821  8.304   1.00 23.37 ? 546 ALA A N   1 
ATOM   481 C  CA  . ALA A 1 62  ? 2.718   -6.560  6.880   1.00 23.38 ? 546 ALA A CA  1 
ATOM   482 C  C   . ALA A 1 62  ? 4.106   -6.975  6.397   1.00 23.95 ? 546 ALA A C   1 
ATOM   483 O  O   . ALA A 1 62  ? 4.252   -7.637  5.363   1.00 24.11 ? 546 ALA A O   1 
ATOM   484 C  CB  . ALA A 1 62  ? 2.448   -5.085  6.575   1.00 23.22 ? 546 ALA A CB  1 
ATOM   485 N  N   . SER A 1 63  ? 5.133   -6.609  7.159   1.00 23.78 ? 547 SER A N   1 
ATOM   486 C  CA  . SER A 1 63  ? 6.489   -6.870  6.718   1.00 24.62 ? 547 SER A CA  1 
ATOM   487 C  C   . SER A 1 63  ? 6.828   -8.361  6.860   1.00 24.74 ? 547 SER A C   1 
ATOM   488 O  O   . SER A 1 63  ? 7.626   -8.884  6.091   1.00 25.61 ? 547 SER A O   1 
ATOM   489 C  CB  . SER A 1 63  ? 7.489   -5.981  7.455   1.00 24.73 ? 547 SER A CB  1 
ATOM   490 O  OG  . SER A 1 63  ? 7.633   -6.411  8.791   1.00 24.72 ? 547 SER A OG  1 
ATOM   491 N  N   . MET A 1 64  ? 6.183   -9.034  7.805   1.00 24.66 ? 548 MET A N   1 
ATOM   492 C  CA  . MET A 1 64  ? 6.377   -10.474 8.022   1.00 25.49 ? 548 MET A CA  1 
ATOM   493 C  C   . MET A 1 64  ? 5.663   -11.332 6.964   1.00 25.31 ? 548 MET A C   1 
ATOM   494 O  O   . MET A 1 64  ? 6.245   -12.288 6.436   1.00 25.39 ? 548 MET A O   1 
ATOM   495 C  CB  . MET A 1 64  ? 5.924   -10.870 9.420   1.00 25.26 ? 548 MET A CB  1 
ATOM   496 N  N   . GLU A 1 65  ? 4.413   -10.978 6.657   1.00 25.18 ? 549 GLU A N   1 
ATOM   497 C  CA  . GLU A 1 65  ? 3.636   -11.658 5.612   1.00 25.00 ? 549 GLU A CA  1 
ATOM   498 C  C   . GLU A 1 65  ? 4.101   -11.232 4.214   1.00 24.43 ? 549 GLU A C   1 
ATOM   499 O  O   . GLU A 1 65  ? 4.027   -12.010 3.253   1.00 25.14 ? 549 GLU A O   1 
ATOM   500 C  CB  . GLU A 1 65  ? 2.134   -11.393 5.801   1.00 25.27 ? 549 GLU A CB  1 
ATOM   501 C  CG  . GLU A 1 65  ? 1.197   -12.543 5.389   1.00 27.19 ? 549 GLU A CG  1 
ATOM   502 C  CD  . GLU A 1 65  ? 1.215   -13.765 6.327   1.00 28.13 ? 549 GLU A CD  1 
ATOM   503 O  OE1 . GLU A 1 65  ? 1.290   -13.625 7.574   1.00 30.51 ? 549 GLU A OE1 1 
ATOM   504 O  OE2 . GLU A 1 65  ? 1.130   -14.889 5.801   1.00 28.86 ? 549 GLU A OE2 1 
ATOM   505 N  N   . GLY A 1 66  ? 4.599   -10.005 4.105   1.00 23.03 ? 550 GLY A N   1 
ATOM   506 C  CA  . GLY A 1 66  ? 4.987   -9.439  2.814   1.00 21.77 ? 550 GLY A CA  1 
ATOM   507 C  C   . GLY A 1 66  ? 3.820   -8.824  2.047   1.00 20.06 ? 550 GLY A C   1 
ATOM   508 O  O   . GLY A 1 66  ? 3.996   -8.354  0.924   1.00 20.08 ? 550 GLY A O   1 
ATOM   509 N  N   . ILE A 1 67  ? 2.640   -8.805  2.672   1.00 19.22 ? 551 ILE A N   1 
ATOM   510 C  CA  . ILE A 1 67  ? 1.398   -8.301  2.049   1.00 17.49 ? 551 ILE A CA  1 
ATOM   511 C  C   . ILE A 1 67  ? 0.571   -7.356  2.927   1.00 17.23 ? 551 ILE A C   1 
ATOM   512 O  O   . ILE A 1 67  ? 0.674   -7.349  4.163   1.00 16.57 ? 551 ILE A O   1 
ATOM   513 C  CB  . ILE A 1 67  ? 0.430   -9.462  1.617   1.00 18.02 ? 551 ILE A CB  1 
ATOM   514 C  CG1 . ILE A 1 67  ? -0.055  -10.249 2.839   1.00 17.17 ? 551 ILE A CG1 1 
ATOM   515 C  CG2 . ILE A 1 67  ? 1.068   -10.334 0.503   1.00 17.84 ? 551 ILE A CG2 1 
ATOM   516 C  CD1 . ILE A 1 67  ? -1.029  -11.389 2.551   1.00 18.68 ? 551 ILE A CD1 1 
ATOM   517 N  N   . VAL A 1 68  ? -0.258  -6.565  2.254   1.00 15.57 ? 552 VAL A N   1 
ATOM   518 C  CA  . VAL A 1 68  ? -1.442  -5.985  2.855   1.00 14.64 ? 552 VAL A CA  1 
ATOM   519 C  C   . VAL A 1 68  ? -2.658  -6.346  1.981   1.00 14.54 ? 552 VAL A C   1 
ATOM   520 O  O   . VAL A 1 68  ? -2.547  -6.456  0.739   1.00 13.79 ? 552 VAL A O   1 
ATOM   521 C  CB  . VAL A 1 68  ? -1.316  -4.451  3.088   1.00 14.45 ? 552 VAL A CB  1 
ATOM   522 C  CG1 . VAL A 1 68  ? -0.202  -4.151  4.082   1.00 14.41 ? 552 VAL A CG1 1 
ATOM   523 C  CG2 . VAL A 1 68  ? -1.109  -3.686  1.773   1.00 13.86 ? 552 VAL A CG2 1 
ATOM   524 N  N   . THR A 1 69  ? -3.800  -6.541  2.631   1.00 14.32 ? 553 THR A N   1 
ATOM   525 C  CA  . THR A 1 69  ? -5.025  -6.936  1.949   1.00 15.57 ? 553 THR A CA  1 
ATOM   526 C  C   . THR A 1 69  ? -5.978  -5.777  1.868   1.00 16.11 ? 553 THR A C   1 
ATOM   527 O  O   . THR A 1 69  ? -6.432  -5.258  2.890   1.00 16.27 ? 553 THR A O   1 
ATOM   528 C  CB  . THR A 1 69  ? -5.774  -8.084  2.664   1.00 16.04 ? 553 THR A CB  1 
ATOM   529 O  OG1 . THR A 1 69  ? -4.896  -9.189  2.871   1.00 16.10 ? 553 THR A OG1 1 
ATOM   530 C  CG2 . THR A 1 69  ? -6.967  -8.541  1.812   1.00 15.41 ? 553 THR A CG2 1 
ATOM   531 N  N   . ILE A 1 70  ? -6.309  -5.400  0.644   1.00 16.43 ? 554 ILE A N   1 
ATOM   532 C  CA  . ILE A 1 70  ? -7.298  -4.371  0.436   1.00 17.25 ? 554 ILE A CA  1 
ATOM   533 C  C   . ILE A 1 70  ? -8.660  -5.028  0.221   1.00 17.39 ? 554 ILE A C   1 
ATOM   534 O  O   . ILE A 1 70  ? -8.772  -6.153  -0.321  1.00 16.53 ? 554 ILE A O   1 
ATOM   535 C  CB  . ILE A 1 70  ? -6.890  -3.370  -0.687  1.00 17.65 ? 554 ILE A CB  1 
ATOM   536 C  CG1 . ILE A 1 70  ? -6.709  -4.073  -2.032  1.00 18.59 ? 554 ILE A CG1 1 
ATOM   537 C  CG2 . ILE A 1 70  ? -5.594  -2.601  -0.296  1.00 18.98 ? 554 ILE A CG2 1 
ATOM   538 C  CD1 . ILE A 1 70  ? -6.127  -3.177  -3.142  1.00 17.16 ? 554 ILE A CD1 1 
ATOM   539 N  N   . VAL A 1 71  ? -9.690  -4.329  0.679   1.00 17.90 ? 555 VAL A N   1 
ATOM   540 C  CA  . VAL A 1 71  ? -11.053 -4.863  0.768   1.00 19.12 ? 555 VAL A CA  1 
ATOM   541 C  C   . VAL A 1 71  ? -12.082 -3.924  0.148   1.00 18.85 ? 555 VAL A C   1 
ATOM   542 O  O   . VAL A 1 71  ? -11.758 -2.813  -0.280  1.00 19.75 ? 555 VAL A O   1 
ATOM   543 C  CB  . VAL A 1 71  ? -11.478 -5.104  2.257   1.00 19.50 ? 555 VAL A CB  1 
ATOM   544 C  CG1 . VAL A 1 71  ? -10.625 -6.174  2.918   1.00 21.00 ? 555 VAL A CG1 1 
ATOM   545 C  CG2 . VAL A 1 71  ? -11.425 -3.796  3.043   1.00 19.86 ? 555 VAL A CG2 1 
ATOM   546 N  N   . GLY A 1 72  ? -13.327 -4.385  0.102   1.00 19.37 ? 556 GLY A N   1 
ATOM   547 C  CA  . GLY A 1 72  ? -14.445 -3.564  -0.346  1.00 19.16 ? 556 GLY A CA  1 
ATOM   548 C  C   . GLY A 1 72  ? -14.377 -3.128  -1.794  1.00 18.43 ? 556 GLY A C   1 
ATOM   549 O  O   . GLY A 1 72  ? -14.924 -2.072  -2.158  1.00 18.80 ? 556 GLY A O   1 
ATOM   550 N  N   . LEU A 1 73  ? -13.729 -3.949  -2.618  1.00 17.97 ? 557 LEU A N   1 
ATOM   551 C  CA  . LEU A 1 73  ? -13.586 -3.680  -4.035  1.00 17.43 ? 557 LEU A CA  1 
ATOM   552 C  C   . LEU A 1 73  ? -14.800 -4.220  -4.784  1.00 18.05 ? 557 LEU A C   1 
ATOM   553 O  O   . LEU A 1 73  ? -15.531 -5.089  -4.285  1.00 17.96 ? 557 LEU A O   1 
ATOM   554 C  CB  . LEU A 1 73  ? -12.308 -4.309  -4.593  1.00 16.99 ? 557 LEU A CB  1 
ATOM   555 C  CG  . LEU A 1 73  ? -10.982 -4.009  -3.872  1.00 15.32 ? 557 LEU A CG  1 
ATOM   556 C  CD1 . LEU A 1 73  ? -9.889  -4.899  -4.426  1.00 15.36 ? 557 LEU A CD1 1 
ATOM   557 C  CD2 . LEU A 1 73  ? -10.624 -2.525  -4.016  1.00 11.86 ? 557 LEU A CD2 1 
ATOM   558 N  N   . LYS A 1 74  ? -15.006 -3.681  -5.970  1.00 18.40 ? 558 LYS A N   1 
ATOM   559 C  CA  . LYS A 1 74  ? -16.062 -4.131  -6.869  1.00 19.09 ? 558 LYS A CA  1 
ATOM   560 C  C   . LYS A 1 74  ? -15.472 -5.105  -7.868  1.00 18.84 ? 558 LYS A C   1 
ATOM   561 O  O   . LYS A 1 74  ? -14.348 -4.898  -8.331  1.00 19.88 ? 558 LYS A O   1 
ATOM   562 C  CB  . LYS A 1 74  ? -16.659 -2.936  -7.610  1.00 19.07 ? 558 LYS A CB  1 
ATOM   563 C  CG  . LYS A 1 74  ? -17.076 -1.811  -6.694  1.00 20.40 ? 558 LYS A CG  1 
ATOM   564 C  CD  . LYS A 1 74  ? -18.194 -0.956  -7.281  1.00 21.80 ? 558 LYS A CD  1 
ATOM   565 C  CE  . LYS A 1 74  ? -17.731 -0.189  -8.500  1.00 24.45 ? 558 LYS A CE  1 
ATOM   566 N  NZ  . LYS A 1 74  ? -16.500 0.614   -8.240  1.00 24.59 ? 558 LYS A NZ  1 
ATOM   567 N  N   . PRO A 1 75  ? -16.215 -6.177  -8.201  1.00 18.86 ? 559 PRO A N   1 
ATOM   568 C  CA  . PRO A 1 75  ? -15.735 -7.148  -9.178  1.00 18.35 ? 559 PRO A CA  1 
ATOM   569 C  C   . PRO A 1 75  ? -15.517 -6.520  -10.552 1.00 17.57 ? 559 PRO A C   1 
ATOM   570 O  O   . PRO A 1 75  ? -16.055 -5.450  -10.841 1.00 17.44 ? 559 PRO A O   1 
ATOM   571 C  CB  . PRO A 1 75  ? -16.853 -8.196  -9.219  1.00 18.66 ? 559 PRO A CB  1 
ATOM   572 C  CG  . PRO A 1 75  ? -17.583 -8.018  -7.952  1.00 19.33 ? 559 PRO A CG  1 
ATOM   573 C  CD  . PRO A 1 75  ? -17.523 -6.563  -7.646  1.00 18.72 ? 559 PRO A CD  1 
ATOM   574 N  N   . GLU A 1 76  ? -14.673 -7.167  -11.354 1.00 17.42 ? 560 GLU A N   1 
ATOM   575 C  CA  . GLU A 1 76  ? -14.412 -6.788  -12.747 1.00 17.10 ? 560 GLU A CA  1 
ATOM   576 C  C   . GLU A 1 76  ? -14.024 -5.324  -12.955 1.00 16.48 ? 560 GLU A C   1 
ATOM   577 O  O   . GLU A 1 76  ? -14.385 -4.731  -13.967 1.00 16.66 ? 560 GLU A O   1 
ATOM   578 C  CB  . GLU A 1 76  ? -15.634 -7.106  -13.628 1.00 17.83 ? 560 GLU A CB  1 
ATOM   579 C  CG  . GLU A 1 76  ? -15.758 -8.539  -14.021 1.00 20.95 ? 560 GLU A CG  1 
ATOM   580 C  CD  . GLU A 1 76  ? -17.023 -8.815  -14.810 1.00 22.28 ? 560 GLU A CD  1 
ATOM   581 O  OE1 . GLU A 1 76  ? -16.919 -9.010  -16.033 1.00 26.11 ? 560 GLU A OE1 1 
ATOM   582 O  OE2 . GLU A 1 76  ? -18.120 -8.828  -14.214 1.00 25.14 ? 560 GLU A OE2 1 
ATOM   583 N  N   . THR A 1 77  ? -13.286 -4.748  -12.012 1.00 15.25 ? 561 THR A N   1 
ATOM   584 C  CA  . THR A 1 77  ? -12.961 -3.329  -12.063 1.00 14.98 ? 561 THR A CA  1 
ATOM   585 C  C   . THR A 1 77  ? -11.447 -3.108  -11.942 1.00 14.43 ? 561 THR A C   1 
ATOM   586 O  O   . THR A 1 77  ? -10.804 -3.728  -11.100 1.00 14.37 ? 561 THR A O   1 
ATOM   587 C  CB  . THR A 1 77  ? -13.734 -2.553  -10.950 1.00 15.19 ? 561 THR A CB  1 
ATOM   588 O  OG1 . THR A 1 77  ? -15.151 -2.682  -11.161 1.00 16.08 ? 561 THR A OG1 1 
ATOM   589 C  CG2 . THR A 1 77  ? -13.400 -1.076  -10.971 1.00 15.03 ? 561 THR A CG2 1 
ATOM   590 N  N   . THR A 1 78  ? -10.890 -2.223  -12.774 1.00 14.11 ? 562 THR A N   1 
ATOM   591 C  CA  . THR A 1 78  ? -9.455  -1.899  -12.723 1.00 13.54 ? 562 THR A CA  1 
ATOM   592 C  C   . THR A 1 78  ? -9.181  -0.814  -11.677 1.00 12.63 ? 562 THR A C   1 
ATOM   593 O  O   . THR A 1 78  ? -9.831  0.245   -11.693 1.00 12.72 ? 562 THR A O   1 
ATOM   594 C  CB  . THR A 1 78  ? -8.942  -1.443  -14.098 1.00 13.82 ? 562 THR A CB  1 
ATOM   595 O  OG1 . THR A 1 78  ? -9.404  -2.368  -15.099 1.00 14.20 ? 562 THR A OG1 1 
ATOM   596 C  CG2 . THR A 1 78  ? -7.396  -1.355  -14.125 1.00 13.37 ? 562 THR A CG2 1 
ATOM   597 N  N   . TYR A 1 79  ? -8.211  -1.082  -10.793 1.00 11.85 ? 563 TYR A N   1 
ATOM   598 C  CA  . TYR A 1 79  ? -7.818  -0.149  -9.715  1.00 11.46 ? 563 TYR A CA  1 
ATOM   599 C  C   . TYR A 1 79  ? -6.335  0.238   -9.817  1.00 11.06 ? 563 TYR A C   1 
ATOM   600 O  O   . TYR A 1 79  ? -5.523  -0.528  -10.337 1.00 11.35 ? 563 TYR A O   1 
ATOM   601 C  CB  . TYR A 1 79  ? -8.046  -0.755  -8.309  1.00 11.72 ? 563 TYR A CB  1 
ATOM   602 C  CG  . TYR A 1 79  ? -9.489  -0.934  -7.915  1.00 12.69 ? 563 TYR A CG  1 
ATOM   603 C  CD1 . TYR A 1 79  ? -10.133 0.012   -7.120  1.00 15.12 ? 563 TYR A CD1 1 
ATOM   604 C  CD2 . TYR A 1 79  ? -10.217 -2.049  -8.353  1.00 13.05 ? 563 TYR A CD2 1 
ATOM   605 C  CE1 . TYR A 1 79  ? -11.465 -0.132  -6.779  1.00 15.11 ? 563 TYR A CE1 1 
ATOM   606 C  CE2 . TYR A 1 79  ? -11.540 -2.207  -8.009  1.00 14.69 ? 563 TYR A CE2 1 
ATOM   607 C  CZ  . TYR A 1 79  ? -12.160 -1.245  -7.223  1.00 15.42 ? 563 TYR A CZ  1 
ATOM   608 O  OH  . TYR A 1 79  ? -13.469 -1.402  -6.866  1.00 15.99 ? 563 TYR A OH  1 
ATOM   609 N  N   . ALA A 1 80  ? -6.000  1.411   -9.285  1.00 10.42 ? 564 ALA A N   1 
ATOM   610 C  CA  . ALA A 1 80  ? -4.611  1.794   -8.948  1.00 10.01 ? 564 ALA A CA  1 
ATOM   611 C  C   . ALA A 1 80  ? -4.460  1.704   -7.446  1.00 10.47 ? 564 ALA A C   1 
ATOM   612 O  O   . ALA A 1 80  ? -5.365  2.135   -6.721  1.00 8.82  ? 564 ALA A O   1 
ATOM   613 C  CB  . ALA A 1 80  ? -4.308  3.238   -9.418  1.00 11.19 ? 564 ALA A CB  1 
ATOM   614 N  N   . VAL A 1 81  ? -3.327  1.147   -6.998  1.00 10.25 ? 565 VAL A N   1 
ATOM   615 C  CA  . VAL A 1 81  ? -2.960  1.110   -5.576  1.00 10.44 ? 565 VAL A CA  1 
ATOM   616 C  C   . VAL A 1 81  ? -1.526  1.623   -5.377  1.00 11.17 ? 565 VAL A C   1 
ATOM   617 O  O   . VAL A 1 81  ? -0.660  1.463   -6.239  1.00 11.23 ? 565 VAL A O   1 
ATOM   618 C  CB  . VAL A 1 81  ? -3.164  -0.300  -4.959  1.00 10.82 ? 565 VAL A CB  1 
ATOM   619 C  CG1 . VAL A 1 81  ? -2.256  -1.342  -5.576  1.00 10.53 ? 565 VAL A CG1 1 
ATOM   620 C  CG2 . VAL A 1 81  ? -3.014  -0.282  -3.435  1.00 9.82  ? 565 VAL A CG2 1 
ATOM   621 N  N   . ARG A 1 82  ? -1.325  2.296   -4.253  1.00 11.15 ? 566 ARG A N   1 
ATOM   622 C  CA  . ARG A 1 82  ? -0.004  2.744   -3.816  1.00 12.03 ? 566 ARG A CA  1 
ATOM   623 C  C   . ARG A 1 82  ? 0.092   2.583   -2.291  1.00 12.11 ? 566 ARG A C   1 
ATOM   624 O  O   . ARG A 1 82  ? -0.938  2.465   -1.606  1.00 10.70 ? 566 ARG A O   1 
ATOM   625 C  CB  . ARG A 1 82  ? 0.213   4.196   -4.261  1.00 12.19 ? 566 ARG A CB  1 
ATOM   626 C  CG  . ARG A 1 82  ? -0.745  5.201   -3.632  1.00 13.45 ? 566 ARG A CG  1 
ATOM   627 C  CD  . ARG A 1 82  ? -0.875  6.469   -4.481  1.00 19.47 ? 566 ARG A CD  1 
ATOM   628 N  NE  . ARG A 1 82  ? -1.319  7.571   -3.635  1.00 23.30 ? 566 ARG A NE  1 
ATOM   629 C  CZ  . ARG A 1 82  ? -1.441  8.844   -4.010  1.00 22.90 ? 566 ARG A CZ  1 
ATOM   630 N  NH1 . ARG A 1 82  ? -1.138  9.237   -5.240  1.00 22.68 ? 566 ARG A NH1 1 
ATOM   631 N  NH2 . ARG A 1 82  ? -1.868  9.731   -3.126  1.00 21.55 ? 566 ARG A NH2 1 
ATOM   632 N  N   . LEU A 1 83  ? 1.329   2.553   -1.793  1.00 12.88 ? 567 LEU A N   1 
ATOM   633 C  CA  . LEU A 1 83  ? 1.657   2.326   -0.391  1.00 13.69 ? 567 LEU A CA  1 
ATOM   634 C  C   . LEU A 1 83  ? 2.628   3.372   0.101   1.00 13.10 ? 567 LEU A C   1 
ATOM   635 O  O   . LEU A 1 83  ? 3.543   3.757   -0.620  1.00 12.94 ? 567 LEU A O   1 
ATOM   636 C  CB  . LEU A 1 83  ? 2.366   0.992   -0.208  1.00 13.99 ? 567 LEU A CB  1 
ATOM   637 C  CG  . LEU A 1 83  ? 1.631   -0.339  -0.203  1.00 16.54 ? 567 LEU A CG  1 
ATOM   638 C  CD1 . LEU A 1 83  ? 2.679   -1.379  0.134   1.00 17.47 ? 567 LEU A CD1 1 
ATOM   639 C  CD2 . LEU A 1 83  ? 0.514   -0.366  0.837   1.00 17.95 ? 567 LEU A CD2 1 
ATOM   640 N  N   . ALA A 1 84  ? 2.445   3.760   1.355   1.00 13.29 ? 568 ALA A N   1 
ATOM   641 C  CA  . ALA A 1 84  ? 3.376   4.629   2.083   1.00 13.99 ? 568 ALA A CA  1 
ATOM   642 C  C   . ALA A 1 84  ? 3.606   4.048   3.473   1.00 13.59 ? 568 ALA A C   1 
ATOM   643 O  O   . ALA A 1 84  ? 2.704   3.433   4.051   1.00 14.69 ? 568 ALA A O   1 
ATOM   644 C  CB  . ALA A 1 84  ? 2.819   6.028   2.186   1.00 13.39 ? 568 ALA A CB  1 
ATOM   645 N  N   . ALA A 1 85  ? 4.831   4.221   3.975   1.00 13.98 ? 569 ALA A N   1 
ATOM   646 C  CA  . ALA A 1 85  ? 5.216   3.872   5.334   1.00 13.28 ? 569 ALA A CA  1 
ATOM   647 C  C   . ALA A 1 85  ? 5.085   5.084   6.233   1.00 13.19 ? 569 ALA A C   1 
ATOM   648 O  O   . ALA A 1 85  ? 5.415   6.219   5.838   1.00 13.36 ? 569 ALA A O   1 
ATOM   649 C  CB  . ALA A 1 85  ? 6.655   3.370   5.385   1.00 12.68 ? 569 ALA A CB  1 
ATOM   650 N  N   . LEU A 1 86  ? 4.601   4.830   7.436   1.00 12.65 ? 570 LEU A N   1 
ATOM   651 C  CA  . LEU A 1 86  ? 4.529   5.838   8.480   1.00 12.75 ? 570 LEU A CA  1 
ATOM   652 C  C   . LEU A 1 86  ? 5.617   5.570   9.513   1.00 13.11 ? 570 LEU A C   1 
ATOM   653 O  O   . LEU A 1 86  ? 5.711   4.442   10.024  1.00 13.59 ? 570 LEU A O   1 
ATOM   654 C  CB  . LEU A 1 86  ? 3.167   5.780   9.179   1.00 13.04 ? 570 LEU A CB  1 
ATOM   655 C  CG  . LEU A 1 86  ? 2.860   6.816   10.263  1.00 11.52 ? 570 LEU A CG  1 
ATOM   656 C  CD1 . LEU A 1 86  ? 2.488   8.173   9.660   1.00 12.92 ? 570 LEU A CD1 1 
ATOM   657 C  CD2 . LEU A 1 86  ? 1.734   6.310   11.112  1.00 11.73 ? 570 LEU A CD2 1 
ATOM   658 N  N   . ASN A 1 87  ? 6.438   6.582   9.812   1.00 12.98 ? 571 ASN A N   1 
ATOM   659 C  CA  . ASN A 1 87  ? 7.247   6.530   11.046  1.00 13.09 ? 571 ASN A CA  1 
ATOM   660 C  C   . ASN A 1 87  ? 6.884   7.650   12.028  1.00 13.67 ? 571 ASN A C   1 
ATOM   661 O  O   . ASN A 1 87  ? 5.890   8.359   11.825  1.00 12.68 ? 571 ASN A O   1 
ATOM   662 C  CB  . ASN A 1 87  ? 8.774   6.440   10.783  1.00 12.78 ? 571 ASN A CB  1 
ATOM   663 C  CG  . ASN A 1 87  ? 9.380   7.710   10.205  1.00 12.82 ? 571 ASN A CG  1 
ATOM   664 O  OD1 . ASN A 1 87  ? 8.730   8.766   10.063  1.00 12.14 ? 571 ASN A OD1 1 
ATOM   665 N  ND2 . ASN A 1 87  ? 10.655  7.602   9.833   1.00 12.12 ? 571 ASN A ND2 1 
ATOM   666 N  N   . GLY A 1 88  ? 7.692   7.798   13.080  1.00 13.47 ? 572 GLY A N   1 
ATOM   667 C  CA  . GLY A 1 88  ? 7.495   8.818   14.106  1.00 14.28 ? 572 GLY A CA  1 
ATOM   668 C  C   . GLY A 1 88  ? 7.441   10.251  13.593  1.00 14.76 ? 572 GLY A C   1 
ATOM   669 O  O   . GLY A 1 88  ? 6.848   11.108  14.253  1.00 15.47 ? 572 GLY A O   1 
ATOM   670 N  N   . LYS A 1 89  ? 8.040   10.499  12.426  1.00 14.85 ? 573 LYS A N   1 
ATOM   671 C  CA  . LYS A 1 89  ? 8.083   11.825  11.800  1.00 15.64 ? 573 LYS A CA  1 
ATOM   672 C  C   . LYS A 1 89  ? 6.833   12.104  10.969  1.00 15.48 ? 573 LYS A C   1 
ATOM   673 O  O   . LYS A 1 89  ? 6.489   13.251  10.727  1.00 16.08 ? 573 LYS A O   1 
ATOM   674 C  CB  . LYS A 1 89  ? 9.338   11.989  10.913  1.00 15.51 ? 573 LYS A CB  1 
ATOM   675 C  CG  . LYS A 1 89  ? 10.698  11.635  11.575  1.00 18.50 ? 573 LYS A CG  1 
ATOM   676 C  CD  . LYS A 1 89  ? 10.916  12.349  12.892  1.00 20.46 ? 573 LYS A CD  1 
ATOM   677 C  CE  . LYS A 1 89  ? 11.327  13.790  12.656  1.00 20.92 ? 573 LYS A CE  1 
ATOM   678 N  NZ  . LYS A 1 89  ? 11.601  14.500  13.952  1.00 20.95 ? 573 LYS A NZ  1 
ATOM   679 N  N   . GLY A 1 90  ? 6.156   11.043  10.533  1.00 15.16 ? 574 GLY A N   1 
ATOM   680 C  CA  . GLY A 1 90  ? 4.938   11.166  9.710   1.00 14.53 ? 574 GLY A CA  1 
ATOM   681 C  C   . GLY A 1 90  ? 4.983   10.205  8.536   1.00 14.92 ? 574 GLY A C   1 
ATOM   682 O  O   . GLY A 1 90  ? 5.742   9.223   8.562   1.00 15.21 ? 574 GLY A O   1 
ATOM   683 N  N   . LEU A 1 91  ? 4.176   10.487  7.511   1.00 14.75 ? 575 LEU A N   1 
ATOM   684 C  CA  . LEU A 1 91  ? 4.102   9.653   6.311   1.00 14.73 ? 575 LEU A CA  1 
ATOM   685 C  C   . LEU A 1 91  ? 5.235   9.887   5.300   1.00 14.64 ? 575 LEU A C   1 
ATOM   686 O  O   . LEU A 1 91  ? 5.523   11.027  4.899   1.00 15.25 ? 575 LEU A O   1 
ATOM   687 C  CB  . LEU A 1 91  ? 2.733   9.832   5.638   1.00 14.83 ? 575 LEU A CB  1 
ATOM   688 C  CG  . LEU A 1 91  ? 2.149   8.612   4.921   1.00 15.48 ? 575 LEU A CG  1 
ATOM   689 C  CD1 . LEU A 1 91  ? 1.889   7.458   5.881   1.00 15.43 ? 575 LEU A CD1 1 
ATOM   690 C  CD2 . LEU A 1 91  ? 0.858   9.022   4.214   1.00 15.93 ? 575 LEU A CD2 1 
ATOM   691 N  N   . GLY A 1 92  ? 5.866   8.793   4.885   1.00 14.48 ? 576 GLY A N   1 
ATOM   692 C  CA  . GLY A 1 92  ? 6.928   8.836   3.881   1.00 14.12 ? 576 GLY A CA  1 
ATOM   693 C  C   . GLY A 1 92  ? 6.468   8.867   2.427   1.00 14.50 ? 576 GLY A C   1 
ATOM   694 O  O   . GLY A 1 92  ? 5.273   8.996   2.126   1.00 14.06 ? 576 GLY A O   1 
ATOM   695 N  N   . GLU A 1 93  ? 7.438   8.749   1.521   1.00 14.38 ? 577 GLU A N   1 
ATOM   696 C  CA  . GLU A 1 93  ? 7.185   8.801   0.091   1.00 14.02 ? 577 GLU A CA  1 
ATOM   697 C  C   . GLU A 1 93  ? 6.225   7.685   -0.327  1.00 13.98 ? 577 GLU A C   1 
ATOM   698 O  O   . GLU A 1 93  ? 6.389   6.546   0.091   1.00 13.32 ? 577 GLU A O   1 
ATOM   699 C  CB  . GLU A 1 93  ? 8.503   8.614   -0.672  1.00 14.15 ? 577 GLU A CB  1 
ATOM   700 C  CG  . GLU A 1 93  ? 8.486   9.281   -2.020  1.00 16.35 ? 577 GLU A CG  1 
ATOM   701 C  CD  . GLU A 1 93  ? 9.705   8.957   -2.855  1.00 18.49 ? 577 GLU A CD  1 
ATOM   702 O  OE1 . GLU A 1 93  ? 10.705  8.468   -2.296  1.00 19.96 ? 577 GLU A OE1 1 
ATOM   703 O  OE2 . GLU A 1 93  ? 9.658   9.190   -4.081  1.00 22.31 ? 577 GLU A OE2 1 
ATOM   704 N  N   . ILE A 1 94  ? 5.230   8.027   -1.146  1.00 13.86 ? 578 ILE A N   1 
ATOM   705 C  CA  . ILE A 1 94  ? 4.313   7.040   -1.702  1.00 14.49 ? 578 ILE A CA  1 
ATOM   706 C  C   . ILE A 1 94  ? 5.025   6.241   -2.785  1.00 14.37 ? 578 ILE A C   1 
ATOM   707 O  O   . ILE A 1 94  ? 5.833   6.789   -3.561  1.00 14.90 ? 578 ILE A O   1 
ATOM   708 C  CB  . ILE A 1 94  ? 3.038   7.687   -2.297  1.00 14.93 ? 578 ILE A CB  1 
ATOM   709 C  CG1 . ILE A 1 94  ? 3.373   8.549   -3.526  1.00 15.03 ? 578 ILE A CG1 1 
ATOM   710 C  CG2 . ILE A 1 94  ? 2.326   8.525   -1.239  1.00 14.48 ? 578 ILE A CG2 1 
ATOM   711 C  CD1 . ILE A 1 94  ? 2.201   9.375   -4.079  1.00 15.98 ? 578 ILE A CD1 1 
ATOM   712 N  N   . SER A 1 95  ? 4.722   4.951   -2.830  1.00 14.49 ? 579 SER A N   1 
ATOM   713 C  CA  . SER A 1 95  ? 5.224   4.065   -3.881  1.00 15.04 ? 579 SER A CA  1 
ATOM   714 C  C   . SER A 1 95  ? 4.718   4.513   -5.259  1.00 15.51 ? 579 SER A C   1 
ATOM   715 O  O   . SER A 1 95  ? 3.763   5.287   -5.348  1.00 15.70 ? 579 SER A O   1 
ATOM   716 C  CB  . SER A 1 95  ? 4.838   2.609   -3.597  1.00 14.28 ? 579 SER A CB  1 
ATOM   717 O  OG  . SER A 1 95  ? 3.444   2.364   -3.788  1.00 15.16 ? 579 SER A OG  1 
ATOM   718 N  N   . ALA A 1 96  ? 5.367   4.053   -6.331  1.00 16.04 ? 580 ALA A N   1 
ATOM   719 C  CA  . ALA A 1 96  ? 4.765   4.171   -7.660  1.00 16.09 ? 580 ALA A CA  1 
ATOM   720 C  C   . ALA A 1 96  ? 3.454   3.384   -7.658  1.00 15.84 ? 580 ALA A C   1 
ATOM   721 O  O   . ALA A 1 96  ? 3.360   2.341   -7.007  1.00 15.60 ? 580 ALA A O   1 
ATOM   722 C  CB  . ALA A 1 96  ? 5.703   3.643   -8.748  1.00 16.18 ? 580 ALA A CB  1 
ATOM   723 N  N   . ALA A 1 97  ? 2.434   3.897   -8.343  1.00 15.59 ? 581 ALA A N   1 
ATOM   724 C  CA  . ALA A 1 97  ? 1.150   3.179   -8.386  1.00 15.35 ? 581 ALA A CA  1 
ATOM   725 C  C   . ALA A 1 97  ? 1.230   1.869   -9.182  1.00 15.65 ? 581 ALA A C   1 
ATOM   726 O  O   . ALA A 1 97  ? 1.938   1.790   -10.193 1.00 15.89 ? 581 ALA A O   1 
ATOM   727 C  CB  . ALA A 1 97  ? 0.056   4.067   -8.920  1.00 15.39 ? 581 ALA A CB  1 
ATOM   728 N  N   . SER A 1 98  ? 0.526   0.845   -8.707  1.00 15.69 ? 582 SER A N   1 
ATOM   729 C  CA  . SER A 1 98  ? 0.411   -0.424  -9.426  1.00 16.44 ? 582 SER A CA  1 
ATOM   730 C  C   . SER A 1 98  ? -1.042  -0.644  -9.801  1.00 16.69 ? 582 SER A C   1 
ATOM   731 O  O   . SER A 1 98  ? -1.931  -0.467  -8.971  1.00 16.34 ? 582 SER A O   1 
ATOM   732 C  CB  . SER A 1 98  ? 0.880   -1.583  -8.553  1.00 16.30 ? 582 SER A CB  1 
ATOM   733 O  OG  . SER A 1 98  ? 0.772   -2.824  -9.250  1.00 18.58 ? 582 SER A OG  1 
ATOM   734 N  N   . GLU A 1 99  ? -1.284  -1.036  -11.046 1.00 16.97 ? 583 GLU A N   1 
ATOM   735 C  CA  . GLU A 1 99  ? -2.644  -1.173  -11.523 1.00 17.33 ? 583 GLU A CA  1 
ATOM   736 C  C   . GLU A 1 99  ? -3.001  -2.665  -11.590 1.00 17.10 ? 583 GLU A C   1 
ATOM   737 O  O   . GLU A 1 99  ? -2.191  -3.482  -12.039 1.00 17.97 ? 583 GLU A O   1 
ATOM   738 C  CB  . GLU A 1 99  ? -2.796  -0.472  -12.883 1.00 17.63 ? 583 GLU A CB  1 
ATOM   739 C  CG  . GLU A 1 99  ? -2.906  1.083   -12.841 1.00 21.23 ? 583 GLU A CG  1 
ATOM   740 C  CD  . GLU A 1 99  ? -1.549  1.850   -12.787 1.00 25.59 ? 583 GLU A CD  1 
ATOM   741 O  OE1 . GLU A 1 99  ? -0.754  1.798   -13.764 1.00 25.52 ? 583 GLU A OE1 1 
ATOM   742 O  OE2 . GLU A 1 99  ? -1.290  2.551   -11.777 1.00 25.55 ? 583 GLU A OE2 1 
ATOM   743 N  N   . PHE A 1 100 ? -4.190  -3.021  -11.111 1.00 15.17 ? 584 PHE A N   1 
ATOM   744 C  CA  . PHE A 1 100 ? -4.697  -4.389  -11.216 1.00 13.94 ? 584 PHE A CA  1 
ATOM   745 C  C   . PHE A 1 100 ? -6.199  -4.381  -11.548 1.00 13.79 ? 584 PHE A C   1 
ATOM   746 O  O   . PHE A 1 100 ? -6.842  -3.320  -11.525 1.00 12.81 ? 584 PHE A O   1 
ATOM   747 C  CB  . PHE A 1 100 ? -4.452  -5.164  -9.916  1.00 13.37 ? 584 PHE A CB  1 
ATOM   748 C  CG  . PHE A 1 100 ? -5.202  -4.604  -8.733  1.00 13.03 ? 584 PHE A CG  1 
ATOM   749 C  CD1 . PHE A 1 100 ? -6.463  -5.100  -8.380  1.00 11.52 ? 584 PHE A CD1 1 
ATOM   750 C  CD2 . PHE A 1 100 ? -4.653  -3.567  -7.972  1.00 10.51 ? 584 PHE A CD2 1 
ATOM   751 C  CE1 . PHE A 1 100 ? -7.163  -4.556  -7.284  1.00 12.49 ? 584 PHE A CE1 1 
ATOM   752 C  CE2 . PHE A 1 100 ? -5.333  -3.031  -6.889  1.00 10.30 ? 584 PHE A CE2 1 
ATOM   753 C  CZ  . PHE A 1 100 ? -6.592  -3.514  -6.549  1.00 9.24  ? 584 PHE A CZ  1 
ATOM   754 N  N   . LYS A 1 101 ? -6.747  -5.565  -11.833 1.00 13.70 ? 585 LYS A N   1 
ATOM   755 C  CA  . LYS A 1 101 ? -8.185  -5.722  -12.106 1.00 13.62 ? 585 LYS A CA  1 
ATOM   756 C  C   . LYS A 1 101 ? -8.780  -6.850  -11.263 1.00 13.86 ? 585 LYS A C   1 
ATOM   757 O  O   . LYS A 1 101 ? -8.236  -7.960  -11.205 1.00 13.66 ? 585 LYS A O   1 
ATOM   758 C  CB  . LYS A 1 101 ? -8.429  -5.988  -13.603 1.00 14.31 ? 585 LYS A CB  1 
ATOM   759 C  CG  . LYS A 1 101 ? -9.879  -5.731  -14.040 1.00 12.69 ? 585 LYS A CG  1 
ATOM   760 C  CD  . LYS A 1 101 ? -10.034 -5.958  -15.554 1.00 14.15 ? 585 LYS A CD  1 
ATOM   761 C  CE  . LYS A 1 101 ? -11.359 -5.388  -16.024 1.00 15.37 ? 585 LYS A CE  1 
ATOM   762 N  NZ  . LYS A 1 101 ? -11.774 -5.892  -17.363 1.00 19.04 ? 585 LYS A NZ  1 
ATOM   763 N  N   . THR A 1 102 ? -9.898  -6.562  -10.602 1.00 13.46 ? 586 THR A N   1 
ATOM   764 C  CA  . THR A 1 102 ? -10.581 -7.586  -9.825  1.00 14.17 ? 586 THR A CA  1 
ATOM   765 C  C   . THR A 1 102 ? -11.223 -8.567  -10.800 1.00 14.76 ? 586 THR A C   1 
ATOM   766 O  O   . THR A 1 102 ? -11.681 -8.176  -11.876 1.00 15.24 ? 586 THR A O   1 
ATOM   767 C  CB  . THR A 1 102 ? -11.645 -6.983  -8.853  1.00 12.79 ? 586 THR A CB  1 
ATOM   768 O  OG1 . THR A 1 102 ? -12.439 -6.002  -9.536  1.00 13.37 ? 586 THR A OG1 1 
ATOM   769 C  CG2 . THR A 1 102 ? -10.977 -6.315  -7.639  1.00 13.66 ? 586 THR A CG2 1 
ATOM   770 N  N   . GLN A 1 103 ? -11.219 -9.840  -10.427 1.00 16.28 ? 587 GLN A N   1 
ATOM   771 C  CA  . GLN A 1 103 ? -11.846 -10.895 -11.208 1.00 17.09 ? 587 GLN A CA  1 
ATOM   772 C  C   . GLN A 1 103 ? -13.369 -10.768 -11.262 1.00 18.02 ? 587 GLN A C   1 
ATOM   773 O  O   . GLN A 1 103 ? -13.975 -10.174 -10.367 1.00 17.79 ? 587 GLN A O   1 
ATOM   774 C  CB  . GLN A 1 103 ? -11.475 -12.262 -10.627 1.00 17.08 ? 587 GLN A CB  1 
ATOM   775 C  CG  . GLN A 1 103 ? -9.976  -12.512 -10.614 1.00 17.25 ? 587 GLN A CG  1 
ATOM   776 C  CD  . GLN A 1 103 ? -9.653  -13.952 -10.279 1.00 19.25 ? 587 GLN A CD  1 
ATOM   777 O  OE1 . GLN A 1 103 ? -10.128 -14.875 -10.952 1.00 19.77 ? 587 GLN A OE1 1 
ATOM   778 N  NE2 . GLN A 1 103 ? -8.849  -14.159 -9.240  1.00 19.28 ? 587 GLN A NE2 1 
ATOM   779 N  N   . PRO A 1 104 ? -13.986 -11.324 -12.324 1.00 19.15 ? 588 PRO A N   1 
ATOM   780 C  CA  . PRO A 1 104 ? -15.431 -11.481 -12.404 1.00 20.37 ? 588 PRO A CA  1 
ATOM   781 C  C   . PRO A 1 104 ? -15.931 -12.433 -11.328 1.00 21.79 ? 588 PRO A C   1 
ATOM   782 O  O   . PRO A 1 104 ? -15.238 -13.403 -10.985 1.00 21.48 ? 588 PRO A O   1 
ATOM   783 C  CB  . PRO A 1 104 ? -15.651 -12.098 -13.801 1.00 20.11 ? 588 PRO A CB  1 
ATOM   784 C  CG  . PRO A 1 104 ? -14.371 -12.639 -14.214 1.00 20.15 ? 588 PRO A CG  1 
ATOM   785 C  CD  . PRO A 1 104 ? -13.309 -11.807 -13.542 1.00 19.22 ? 588 PRO A CD  1 
ATOM   786 N  N   . VAL A 1 105 ? -17.111 -12.146 -10.779 1.00 23.49 ? 589 VAL A N   1 
ATOM   787 C  CA  . VAL A 1 105 ? -17.796 -13.118 -9.931  1.00 25.15 ? 589 VAL A CA  1 
ATOM   788 C  C   . VAL A 1 105 ? -18.111 -14.362 -10.773 1.00 26.12 ? 589 VAL A C   1 
ATOM   789 O  O   . VAL A 1 105 ? -17.537 -15.440 -10.559 1.00 26.71 ? 589 VAL A O   1 
ATOM   790 C  CB  . VAL A 1 105 ? -19.099 -12.563 -9.323  1.00 25.22 ? 589 VAL A CB  1 
ATOM   791 C  CG1 . VAL A 1 105 ? -19.688 -13.568 -8.324  1.00 25.83 ? 589 VAL A CG1 1 
ATOM   792 C  CG2 . VAL A 1 105 ? -18.857 -11.216 -8.651  1.00 25.67 ? 589 VAL A CG2 1 
ATOM   793 O  OXT . VAL A 1 105 ? -18.936 -14.305 -11.704 1.00 27.45 ? 589 VAL A OXT 1 
HETATM 794 NA NA  . NA  B 2 .   ? 10.662  -6.920  -4.171  1.00 20.09 ? 101 NA  A NA  1 
HETATM 795 O  O   . HOH C 3 .   ? -14.796 -2.194  -14.970 1.00 13.61 ? 1   HOH A O   1 
HETATM 796 O  O   . HOH C 3 .   ? 6.980   5.560   2.616   1.00 8.27  ? 2   HOH A O   1 
HETATM 797 O  O   . HOH C 3 .   ? -3.621  -6.974  5.802   1.00 13.34 ? 3   HOH A O   1 
HETATM 798 O  O   . HOH C 3 .   ? 7.869   2.453   -5.776  1.00 20.40 ? 4   HOH A O   1 
HETATM 799 O  O   . HOH C 3 .   ? -5.360  -3.374  8.910   1.00 21.77 ? 5   HOH A O   1 
HETATM 800 O  O   . HOH C 3 .   ? 9.396   5.897   14.214  1.00 22.93 ? 6   HOH A O   1 
HETATM 801 O  O   . HOH C 3 .   ? -14.302 1.205   -5.458  1.00 20.04 ? 7   HOH A O   1 
HETATM 802 O  O   . HOH C 3 .   ? -12.179 1.379   -13.203 1.00 20.67 ? 8   HOH A O   1 
HETATM 803 O  O   . HOH C 3 .   ? -0.608  -5.477  8.725   1.00 20.69 ? 9   HOH A O   1 
HETATM 804 O  O   . HOH C 3 .   ? -12.699 -9.050  -16.255 1.00 22.91 ? 10  HOH A O   1 
HETATM 805 O  O   . HOH C 3 .   ? -0.741  -6.864  6.212   1.00 17.67 ? 11  HOH A O   1 
HETATM 806 O  O   . HOH C 3 .   ? 15.475  3.026   12.178  1.00 29.16 ? 12  HOH A O   1 
HETATM 807 O  O   . HOH C 3 .   ? 17.803  6.726   6.639   1.00 27.39 ? 13  HOH A O   1 
HETATM 808 O  O   . HOH C 3 .   ? -14.872 9.897   -8.012  1.00 19.99 ? 14  HOH A O   1 
HETATM 809 O  O   . HOH C 3 .   ? -11.634 3.113   -16.029 1.00 17.25 ? 15  HOH A O   1 
HETATM 810 O  O   . HOH C 3 .   ? 5.808   0.224   -6.344  1.00 26.46 ? 16  HOH A O   1 
HETATM 811 O  O   . HOH C 3 .   ? 3.356   8.901   12.872  1.00 11.91 ? 17  HOH A O   1 
HETATM 812 O  O   . HOH C 3 .   ? 3.691   13.901  7.473   1.00 25.52 ? 18  HOH A O   1 
HETATM 813 O  O   . HOH C 3 .   ? -12.448 -0.831  -14.886 1.00 14.01 ? 19  HOH A O   1 
HETATM 814 O  O   . HOH C 3 .   ? 12.363  5.714   -2.363  1.00 26.69 ? 20  HOH A O   1 
HETATM 815 O  O   . HOH C 3 .   ? 4.831   -14.330 2.873   1.00 20.39 ? 21  HOH A O   1 
HETATM 816 O  O   . HOH C 3 .   ? 4.543   -13.371 -11.044 1.00 33.20 ? 22  HOH A O   1 
HETATM 817 O  O   . HOH C 3 .   ? -0.606  -10.223 15.214  1.00 24.78 ? 23  HOH A O   1 
HETATM 818 O  O   . HOH C 3 .   ? 2.578   7.091   -7.037  1.00 22.78 ? 24  HOH A O   1 
HETATM 819 O  O   . HOH C 3 .   ? -7.754  -5.624  5.230   1.00 28.90 ? 25  HOH A O   1 
HETATM 820 O  O   . HOH C 3 .   ? 5.191   13.705  5.494   1.00 24.82 ? 26  HOH A O   1 
HETATM 821 O  O   . HOH C 3 .   ? -9.529  -17.104 -10.743 1.00 25.61 ? 27  HOH A O   1 
HETATM 822 O  O   . HOH C 3 .   ? -9.032  13.410  -5.078  1.00 26.88 ? 28  HOH A O   1 
HETATM 823 O  O   . HOH C 3 .   ? -14.444 -5.167  -16.703 1.00 28.31 ? 29  HOH A O   1 
HETATM 824 O  O   . HOH C 3 .   ? 8.302   14.384  5.070   1.00 25.77 ? 30  HOH A O   1 
HETATM 825 O  O   . HOH C 3 .   ? -2.659  -13.075 -9.438  1.00 24.00 ? 31  HOH A O   1 
HETATM 826 O  O   . HOH C 3 .   ? -18.486 -10.036 -12.103 1.00 23.82 ? 32  HOH A O   1 
HETATM 827 O  O   . HOH C 3 .   ? -3.197  -0.212  11.726  1.00 22.99 ? 33  HOH A O   1 
HETATM 828 O  O   . HOH C 3 .   ? -11.924 -3.022  6.554   1.00 22.49 ? 34  HOH A O   1 
HETATM 829 O  O   . HOH C 3 .   ? 8.072   -2.564  8.124   1.00 28.39 ? 35  HOH A O   1 
HETATM 830 O  O   . HOH C 3 .   ? -5.639  -5.907  7.254   1.00 24.02 ? 36  HOH A O   1 
HETATM 831 O  O   . HOH C 3 .   ? -18.239 -10.753 -17.045 1.00 25.51 ? 37  HOH A O   1 
HETATM 832 O  O   . HOH C 3 .   ? -4.697  -13.237 -8.202  1.00 24.93 ? 38  HOH A O   1 
HETATM 833 O  O   . HOH C 3 .   ? 6.442   -0.463  14.442  1.00 30.93 ? 39  HOH A O   1 
HETATM 834 O  O   . HOH C 3 .   ? 0.208   8.274   -7.345  1.00 24.26 ? 40  HOH A O   1 
HETATM 835 O  O   . HOH C 3 .   ? 8.572   -8.197  0.775   1.00 24.33 ? 41  HOH A O   1 
HETATM 836 O  O   . HOH C 3 .   ? -12.080 5.367   -6.642  1.00 20.87 ? 42  HOH A O   1 
HETATM 837 O  O   . HOH C 3 .   ? -3.154  -4.328  10.715  1.00 31.24 ? 43  HOH A O   1 
HETATM 838 O  O   . HOH C 3 .   ? -0.691  -4.943  -10.049 1.00 29.03 ? 44  HOH A O   1 
HETATM 839 O  O   . HOH C 3 .   ? -2.513  -3.685  15.754  1.00 19.29 ? 45  HOH A O   1 
HETATM 840 O  O   . HOH C 3 .   ? -3.322  -14.394 -2.877  0.50 24.20 ? 46  HOH A O   1 
HETATM 841 O  O   . HOH C 3 .   ? 8.257   -10.486 1.854   1.00 48.92 ? 47  HOH A O   1 
HETATM 842 O  O   . HOH C 3 .   ? 12.819  2.552   -0.650  1.00 30.01 ? 48  HOH A O   1 
HETATM 843 O  O   . HOH C 3 .   ? 15.552  -2.234  2.834   1.00 36.87 ? 49  HOH A O   1 
HETATM 844 O  O   . HOH C 3 .   ? 13.816  -2.947  0.535   1.00 28.44 ? 50  HOH A O   1 
HETATM 845 O  O   . HOH C 3 .   ? -8.151  7.928   1.060   0.50 10.43 ? 51  HOH A O   1 
HETATM 846 O  O   . HOH C 3 .   ? -4.085  -9.928  5.226   1.00 23.36 ? 52  HOH A O   1 
HETATM 847 O  O   . HOH C 3 .   ? -8.719  -8.588  5.668   1.00 36.36 ? 53  HOH A O   1 
HETATM 848 O  O   . HOH C 3 .   ? -20.241 -7.462  -11.390 1.00 25.67 ? 54  HOH A O   1 
HETATM 849 O  O   . HOH C 3 .   ? -18.774 -4.913  -10.567 1.00 21.13 ? 55  HOH A O   1 
HETATM 850 O  O   . HOH C 3 .   ? -15.349 -8.121  -17.368 1.00 29.32 ? 56  HOH A O   1 
HETATM 851 O  O   . HOH C 3 .   ? -10.829 -9.192  -14.310 1.00 15.84 ? 57  HOH A O   1 
HETATM 852 O  O   . HOH C 3 .   ? 2.718   10.307  1.597   1.00 20.03 ? 58  HOH A O   1 
HETATM 853 O  O   . HOH C 3 .   ? -11.865 -3.777  -19.336 1.00 33.14 ? 59  HOH A O   1 
HETATM 854 O  O   . HOH C 3 .   ? -10.863 11.242  -12.787 1.00 29.36 ? 60  HOH A O   1 
HETATM 855 O  O   . HOH C 3 .   ? -14.066 11.022  -11.878 1.00 41.75 ? 61  HOH A O   1 
HETATM 856 O  O   . HOH C 3 .   ? 0.544   -0.057  -13.485 1.00 30.63 ? 62  HOH A O   1 
HETATM 857 O  O   . HOH C 3 .   ? 11.568  -0.211  -1.950  1.00 28.32 ? 63  HOH A O   1 
HETATM 858 O  O   . HOH C 3 .   ? 0.440   -16.164 -7.009  1.00 40.11 ? 64  HOH A O   1 
HETATM 859 O  O   . HOH C 3 .   ? -6.469  5.612   6.230   1.00 26.18 ? 65  HOH A O   1 
HETATM 860 O  O   . HOH C 3 .   ? 4.613   14.881  9.745   1.00 35.00 ? 66  HOH A O   1 
HETATM 861 O  O   . HOH C 3 .   ? -13.001 0.187   -2.413  1.00 31.62 ? 67  HOH A O   1 
HETATM 862 O  O   . HOH C 3 .   ? 7.251   7.187   -5.949  1.00 34.28 ? 68  HOH A O   1 
HETATM 863 O  O   . HOH C 3 .   ? 15.132  15.323  16.908  1.00 34.45 ? 69  HOH A O   1 
HETATM 864 O  O   . HOH C 3 .   ? 7.606   15.511  11.523  1.00 31.09 ? 70  HOH A O   1 
HETATM 865 O  O   . HOH C 3 .   ? 3.389   -3.096  14.060  1.00 22.63 ? 71  HOH A O   1 
HETATM 866 O  O   . HOH C 3 .   ? -11.380 -8.419  -17.403 1.00 25.09 ? 72  HOH A O   1 
HETATM 867 O  O   . HOH C 3 .   ? 18.324  -0.718  2.039   1.00 33.63 ? 73  HOH A O   1 
HETATM 868 O  O   . HOH C 3 .   ? -9.086  -5.722  -18.815 1.00 15.19 ? 74  HOH A O   1 
HETATM 869 O  O   . HOH C 3 .   ? 6.054   12.888  2.856   1.00 30.45 ? 75  HOH A O   1 
HETATM 870 O  O   . HOH C 3 .   ? 11.419  -0.049  10.467  1.00 25.51 ? 76  HOH A O   1 
HETATM 871 O  O   . HOH C 3 .   ? -5.580  9.831   2.514   0.50 24.33 ? 77  HOH A O   1 
HETATM 872 O  O   . HOH C 3 .   ? 10.803  14.484  7.507   1.00 37.60 ? 78  HOH A O   1 
HETATM 873 O  O   . HOH C 3 .   ? -16.097 7.786   -6.904  1.00 35.87 ? 79  HOH A O   1 
HETATM 874 O  O   . HOH C 3 .   ? 2.505   6.433   -9.560  1.00 25.81 ? 80  HOH A O   1 
HETATM 875 O  O   . HOH C 3 .   ? 10.466  2.229   -4.309  1.00 29.06 ? 81  HOH A O   1 
HETATM 876 O  O   . HOH C 3 .   ? -17.666 -0.873  -1.537  1.00 27.54 ? 82  HOH A O   1 
HETATM 877 O  O   . HOH C 3 .   ? 3.017   3.088   -12.253 1.00 33.90 ? 83  HOH A O   1 
HETATM 878 O  O   . HOH C 3 .   ? 7.609   -2.108  -8.403  1.00 36.78 ? 84  HOH A O   1 
HETATM 879 O  O   . HOH C 3 .   ? -2.545  6.734   -9.528  1.00 24.93 ? 85  HOH A O   1 
HETATM 880 O  O   . HOH C 3 .   ? -3.720  -13.636 3.709   1.00 41.38 ? 86  HOH A O   1 
HETATM 881 O  O   . HOH C 3 .   ? 0.260   3.188   -16.379 1.00 34.75 ? 87  HOH A O   1 
HETATM 882 O  O   . HOH C 3 .   ? -3.877  10.216  6.495   1.00 31.39 ? 88  HOH A O   1 
HETATM 883 O  O   . HOH C 3 .   ? 16.817  2.647   7.685   1.00 28.47 ? 89  HOH A O   1 
HETATM 884 O  O   . HOH C 3 .   ? 0.811   -7.545  -10.317 1.00 20.14 ? 90  HOH A O   1 
HETATM 885 O  O   . HOH C 3 .   ? 2.599   -14.956 -7.857  1.00 53.52 ? 91  HOH A O   1 
HETATM 886 O  O   . HOH C 3 .   ? 7.289   -7.036  3.106   1.00 50.01 ? 92  HOH A O   1 
HETATM 887 O  O   . HOH C 3 .   ? 9.390   -8.411  3.779   1.00 33.32 ? 93  HOH A O   1 
HETATM 888 O  O   . HOH C 3 .   ? 5.073   7.994   -7.296  1.00 33.78 ? 94  HOH A O   1 
HETATM 889 O  O   . HOH C 3 .   ? 5.183   -9.497  -10.577 1.00 48.40 ? 95  HOH A O   1 
HETATM 890 O  O   . HOH C 3 .   ? 4.353   -13.342 -2.049  1.00 28.21 ? 96  HOH A O   1 
HETATM 891 O  O   . HOH C 3 .   ? 12.687  0.197   5.686   1.00 33.03 ? 97  HOH A O   1 
# 
loop_
_pdbx_poly_seq_scheme.asym_id 
_pdbx_poly_seq_scheme.entity_id 
_pdbx_poly_seq_scheme.seq_id 
_pdbx_poly_seq_scheme.mon_id 
_pdbx_poly_seq_scheme.ndb_seq_num 
_pdbx_poly_seq_scheme.pdb_seq_num 
_pdbx_poly_seq_scheme.auth_seq_num 
_pdbx_poly_seq_scheme.pdb_mon_id 
_pdbx_poly_seq_scheme.auth_mon_id 
_pdbx_poly_seq_scheme.pdb_strand_id 
_pdbx_poly_seq_scheme.pdb_ins_code 
_pdbx_poly_seq_scheme.hetero 
A 1 1   GLY 1   485 ?   ?   ?   A . n 
A 1 2   SER 2   486 486 SER SER A . n 
A 1 3   HIS 3   487 487 HIS HIS A . n 
A 1 4   MET 4   488 488 MET MET A . n 
A 1 5   ASP 5   489 489 ASP ASP A . n 
A 1 6   THR 6   490 490 THR THR A . n 
A 1 7   PRO 7   491 491 PRO PRO A . n 
A 1 8   SER 8   492 492 SER SER A . n 
A 1 9   SER 9   493 493 SER SER A . n 
A 1 10  PRO 10  494 494 PRO PRO A . n 
A 1 11  SER 11  495 495 SER SER A . n 
A 1 12  ILE 12  496 496 ILE ILE A . n 
A 1 13  ASP 13  497 497 ASP ASP A . n 
A 1 14  GLN 14  498 498 GLN GLN A . n 
A 1 15  VAL 15  499 499 VAL VAL A . n 
A 1 16  GLU 16  500 500 GLU GLU A . n 
A 1 17  PRO 17  501 501 PRO PRO A . n 
A 1 18  TYR 18  502 502 TYR TYR A . n 
A 1 19  SER 19  503 503 SER SER A . n 
A 1 20  SER 20  504 504 SER SER A . n 
A 1 21  THR 21  505 505 THR THR A . n 
A 1 22  ALA 22  506 506 ALA ALA A . n 
A 1 23  GLN 23  507 507 GLN GLN A . n 
A 1 24  VAL 24  508 508 VAL VAL A . n 
A 1 25  GLN 25  509 509 GLN GLN A . n 
A 1 26  PHE 26  510 510 PHE PHE A . n 
A 1 27  ASP 27  511 511 ASP ASP A . n 
A 1 28  GLU 28  512 512 GLU GLU A . n 
A 1 29  PRO 29  513 513 PRO PRO A . n 
A 1 30  GLU 30  514 514 GLU GLU A . n 
A 1 31  ALA 31  515 515 ALA ALA A . n 
A 1 32  THR 32  516 516 THR THR A . n 
A 1 33  GLY 33  517 517 GLY GLY A . n 
A 1 34  GLY 34  518 518 GLY GLY A . n 
A 1 35  VAL 35  519 519 VAL VAL A . n 
A 1 36  PRO 36  520 520 PRO PRO A . n 
A 1 37  ILE 37  521 521 ILE ILE A . n 
A 1 38  LEU 38  522 522 LEU LEU A . n 
A 1 39  LYS 39  523 523 LYS LYS A . n 
A 1 40  TYR 40  524 524 TYR TYR A . n 
A 1 41  LYS 41  525 525 LYS LYS A . n 
A 1 42  ALA 42  526 526 ALA ALA A . n 
A 1 43  GLU 43  527 527 GLU GLU A . n 
A 1 44  TRP 44  528 528 TRP TRP A . n 
A 1 45  ARG 45  529 529 ARG ARG A . n 
A 1 46  ALA 46  530 530 ALA ALA A . n 
A 1 47  VAL 47  531 531 VAL VAL A . n 
A 1 48  GLY 48  532 532 GLY GLY A . n 
A 1 49  GLU 49  533 533 GLU GLU A . n 
A 1 50  GLU 50  534 534 GLU GLU A . n 
A 1 51  VAL 51  535 535 VAL VAL A . n 
A 1 52  TRP 52  536 536 TRP TRP A . n 
A 1 53  HIS 53  537 537 HIS HIS A . n 
A 1 54  SER 54  538 538 SER SER A . n 
A 1 55  LYS 55  539 539 LYS LYS A . n 
A 1 56  TRP 56  540 540 TRP TRP A . n 
A 1 57  TYR 57  541 541 TYR TYR A . n 
A 1 58  ASP 58  542 542 ASP ASP A . n 
A 1 59  ALA 59  543 543 ALA ALA A . n 
A 1 60  LYS 60  544 544 LYS LYS A . n 
A 1 61  GLU 61  545 545 GLU GLU A . n 
A 1 62  ALA 62  546 546 ALA ALA A . n 
A 1 63  SER 63  547 547 SER SER A . n 
A 1 64  MET 64  548 548 MET MET A . n 
A 1 65  GLU 65  549 549 GLU GLU A . n 
A 1 66  GLY 66  550 550 GLY GLY A . n 
A 1 67  ILE 67  551 551 ILE ILE A . n 
A 1 68  VAL 68  552 552 VAL VAL A . n 
A 1 69  THR 69  553 553 THR THR A . n 
A 1 70  ILE 70  554 554 ILE ILE A . n 
A 1 71  VAL 71  555 555 VAL VAL A . n 
A 1 72  GLY 72  556 556 GLY GLY A . n 
A 1 73  LEU 73  557 557 LEU LEU A . n 
A 1 74  LYS 74  558 558 LYS LYS A . n 
A 1 75  PRO 75  559 559 PRO PRO A . n 
A 1 76  GLU 76  560 560 GLU GLU A . n 
A 1 77  THR 77  561 561 THR THR A . n 
A 1 78  THR 78  562 562 THR THR A . n 
A 1 79  TYR 79  563 563 TYR TYR A . n 
A 1 80  ALA 80  564 564 ALA ALA A . n 
A 1 81  VAL 81  565 565 VAL VAL A . n 
A 1 82  ARG 82  566 566 ARG ARG A . n 
A 1 83  LEU 83  567 567 LEU LEU A . n 
A 1 84  ALA 84  568 568 ALA ALA A . n 
A 1 85  ALA 85  569 569 ALA ALA A . n 
A 1 86  LEU 86  570 570 LEU LEU A . n 
A 1 87  ASN 87  571 571 ASN ASN A . n 
A 1 88  GLY 88  572 572 GLY GLY A . n 
A 1 89  LYS 89  573 573 LYS LYS A . n 
A 1 90  GLY 90  574 574 GLY GLY A . n 
A 1 91  LEU 91  575 575 LEU LEU A . n 
A 1 92  GLY 92  576 576 GLY GLY A . n 
A 1 93  GLU 93  577 577 GLU GLU A . n 
A 1 94  ILE 94  578 578 ILE ILE A . n 
A 1 95  SER 95  579 579 SER SER A . n 
A 1 96  ALA 96  580 580 ALA ALA A . n 
A 1 97  ALA 97  581 581 ALA ALA A . n 
A 1 98  SER 98  582 582 SER SER A . n 
A 1 99  GLU 99  583 583 GLU GLU A . n 
A 1 100 PHE 100 584 584 PHE PHE A . n 
A 1 101 LYS 101 585 585 LYS LYS A . n 
A 1 102 THR 102 586 586 THR THR A . n 
A 1 103 GLN 103 587 587 GLN GLN A . n 
A 1 104 PRO 104 588 588 PRO PRO A . n 
A 1 105 VAL 105 589 589 VAL VAL A . n 
# 
loop_
_pdbx_nonpoly_scheme.asym_id 
_pdbx_nonpoly_scheme.entity_id 
_pdbx_nonpoly_scheme.mon_id 
_pdbx_nonpoly_scheme.ndb_seq_num 
_pdbx_nonpoly_scheme.pdb_seq_num 
_pdbx_nonpoly_scheme.auth_seq_num 
_pdbx_nonpoly_scheme.pdb_mon_id 
_pdbx_nonpoly_scheme.auth_mon_id 
_pdbx_nonpoly_scheme.pdb_strand_id 
_pdbx_nonpoly_scheme.pdb_ins_code 
B 2 NA  1  101 101 NA  NA  A . 
C 3 HOH 1  1   1   HOH HOH A . 
C 3 HOH 2  2   2   HOH HOH A . 
C 3 HOH 3  3   3   HOH HOH A . 
C 3 HOH 4  4   4   HOH HOH A . 
C 3 HOH 5  5   5   HOH HOH A . 
C 3 HOH 6  6   6   HOH HOH A . 
C 3 HOH 7  7   7   HOH HOH A . 
C 3 HOH 8  8   8   HOH HOH A . 
C 3 HOH 9  9   9   HOH HOH A . 
C 3 HOH 10 10  10  HOH HOH A . 
C 3 HOH 11 11  11  HOH HOH A . 
C 3 HOH 12 12  12  HOH HOH A . 
C 3 HOH 13 13  13  HOH HOH A . 
C 3 HOH 14 14  14  HOH HOH A . 
C 3 HOH 15 15  15  HOH HOH A . 
C 3 HOH 16 16  16  HOH HOH A . 
C 3 HOH 17 17  17  HOH HOH A . 
C 3 HOH 18 18  18  HOH HOH A . 
C 3 HOH 19 19  19  HOH HOH A . 
C 3 HOH 20 20  20  HOH HOH A . 
C 3 HOH 21 21  21  HOH HOH A . 
C 3 HOH 22 22  22  HOH HOH A . 
C 3 HOH 23 23  23  HOH HOH A . 
C 3 HOH 24 24  24  HOH HOH A . 
C 3 HOH 25 25  25  HOH HOH A . 
C 3 HOH 26 26  26  HOH HOH A . 
C 3 HOH 27 27  27  HOH HOH A . 
C 3 HOH 28 28  28  HOH HOH A . 
C 3 HOH 29 29  29  HOH HOH A . 
C 3 HOH 30 30  30  HOH HOH A . 
C 3 HOH 31 31  31  HOH HOH A . 
C 3 HOH 32 32  32  HOH HOH A . 
C 3 HOH 33 33  33  HOH HOH A . 
C 3 HOH 34 34  34  HOH HOH A . 
C 3 HOH 35 35  35  HOH HOH A . 
C 3 HOH 36 36  36  HOH HOH A . 
C 3 HOH 37 37  37  HOH HOH A . 
C 3 HOH 38 38  38  HOH HOH A . 
C 3 HOH 39 39  39  HOH HOH A . 
C 3 HOH 40 40  40  HOH HOH A . 
C 3 HOH 41 41  41  HOH HOH A . 
C 3 HOH 42 42  42  HOH HOH A . 
C 3 HOH 43 43  43  HOH HOH A . 
C 3 HOH 44 44  44  HOH HOH A . 
C 3 HOH 45 45  45  HOH HOH A . 
C 3 HOH 46 46  46  HOH HOH A . 
C 3 HOH 47 47  47  HOH HOH A . 
C 3 HOH 48 48  48  HOH HOH A . 
C 3 HOH 49 49  49  HOH HOH A . 
C 3 HOH 50 50  50  HOH HOH A . 
C 3 HOH 51 51  51  HOH HOH A . 
C 3 HOH 52 52  52  HOH HOH A . 
C 3 HOH 53 53  53  HOH HOH A . 
C 3 HOH 54 54  54  HOH HOH A . 
C 3 HOH 55 55  55  HOH HOH A . 
C 3 HOH 56 56  56  HOH HOH A . 
C 3 HOH 57 57  57  HOH HOH A . 
C 3 HOH 58 58  58  HOH HOH A . 
C 3 HOH 59 59  59  HOH HOH A . 
C 3 HOH 60 60  60  HOH HOH A . 
C 3 HOH 61 61  61  HOH HOH A . 
C 3 HOH 62 62  62  HOH HOH A . 
C 3 HOH 63 63  63  HOH HOH A . 
C 3 HOH 64 64  64  HOH HOH A . 
C 3 HOH 65 65  65  HOH HOH A . 
C 3 HOH 66 66  66  HOH HOH A . 
C 3 HOH 67 67  67  HOH HOH A . 
C 3 HOH 68 68  68  HOH HOH A . 
C 3 HOH 69 69  69  HOH HOH A . 
C 3 HOH 70 70  70  HOH HOH A . 
C 3 HOH 71 71  71  HOH HOH A . 
C 3 HOH 72 72  72  HOH HOH A . 
C 3 HOH 73 73  73  HOH HOH A . 
C 3 HOH 74 74  74  HOH HOH A . 
C 3 HOH 75 75  75  HOH HOH A . 
C 3 HOH 76 76  76  HOH HOH A . 
C 3 HOH 77 77  77  HOH HOH A . 
C 3 HOH 78 78  78  HOH HOH A . 
C 3 HOH 79 79  79  HOH HOH A . 
C 3 HOH 80 80  80  HOH HOH A . 
C 3 HOH 81 81  81  HOH HOH A . 
C 3 HOH 82 82  82  HOH HOH A . 
C 3 HOH 83 83  83  HOH HOH A . 
C 3 HOH 84 84  84  HOH HOH A . 
C 3 HOH 85 85  85  HOH HOH A . 
C 3 HOH 86 86  86  HOH HOH A . 
C 3 HOH 87 87  87  HOH HOH A . 
C 3 HOH 88 88  88  HOH HOH A . 
C 3 HOH 89 89  89  HOH HOH A . 
C 3 HOH 90 90  90  HOH HOH A . 
C 3 HOH 91 91  91  HOH HOH A . 
C 3 HOH 92 92  92  HOH HOH A . 
C 3 HOH 93 93  93  HOH HOH A . 
C 3 HOH 94 94  94  HOH HOH A . 
C 3 HOH 95 95  95  HOH HOH A . 
C 3 HOH 96 96  96  HOH HOH A . 
C 3 HOH 97 97  97  HOH HOH A . 
# 
_pdbx_struct_assembly.id                   1 
_pdbx_struct_assembly.details              author_defined_assembly 
_pdbx_struct_assembly.method_details       ? 
_pdbx_struct_assembly.oligomeric_details   monomeric 
_pdbx_struct_assembly.oligomeric_count     1 
# 
_pdbx_struct_assembly_gen.assembly_id       1 
_pdbx_struct_assembly_gen.oper_expression   1 
_pdbx_struct_assembly_gen.asym_id_list      A,B,C 
# 
_pdbx_struct_oper_list.id                   1 
_pdbx_struct_oper_list.type                 'identity operation' 
_pdbx_struct_oper_list.name                 1_555 
_pdbx_struct_oper_list.symmetry_operation   x,y,z 
_pdbx_struct_oper_list.matrix[1][1]         1.0000000000 
_pdbx_struct_oper_list.matrix[1][2]         0.0000000000 
_pdbx_struct_oper_list.matrix[1][3]         0.0000000000 
_pdbx_struct_oper_list.vector[1]            0.0000000000 
_pdbx_struct_oper_list.matrix[2][1]         0.0000000000 
_pdbx_struct_oper_list.matrix[2][2]         1.0000000000 
_pdbx_struct_oper_list.matrix[2][3]         0.0000000000 
_pdbx_struct_oper_list.vector[2]            0.0000000000 
_pdbx_struct_oper_list.matrix[3][1]         0.0000000000 
_pdbx_struct_oper_list.matrix[3][2]         0.0000000000 
_pdbx_struct_oper_list.matrix[3][3]         1.0000000000 
_pdbx_struct_oper_list.vector[3]            0.0000000000 
# 
loop_
_pdbx_struct_special_symmetry.id 
_pdbx_struct_special_symmetry.PDB_model_num 
_pdbx_struct_special_symmetry.auth_asym_id 
_pdbx_struct_special_symmetry.auth_comp_id 
_pdbx_struct_special_symmetry.auth_seq_id 
_pdbx_struct_special_symmetry.PDB_ins_code 
_pdbx_struct_special_symmetry.label_asym_id 
_pdbx_struct_special_symmetry.label_comp_id 
_pdbx_struct_special_symmetry.label_seq_id 
1 1 A HOH 46 ? C HOH . 
2 1 A HOH 77 ? C HOH . 
# 
loop_
_pdbx_struct_conn_angle.id 
_pdbx_struct_conn_angle.ptnr1_label_atom_id 
_pdbx_struct_conn_angle.ptnr1_label_alt_id 
_pdbx_struct_conn_angle.ptnr1_label_asym_id 
_pdbx_struct_conn_angle.ptnr1_label_comp_id 
_pdbx_struct_conn_angle.ptnr1_label_seq_id 
_pdbx_struct_conn_angle.ptnr1_auth_atom_id 
_pdbx_struct_conn_angle.ptnr1_auth_asym_id 
_pdbx_struct_conn_angle.ptnr1_auth_comp_id 
_pdbx_struct_conn_angle.ptnr1_auth_seq_id 
_pdbx_struct_conn_angle.ptnr1_PDB_ins_code 
_pdbx_struct_conn_angle.ptnr1_symmetry 
_pdbx_struct_conn_angle.ptnr2_label_atom_id 
_pdbx_struct_conn_angle.ptnr2_label_alt_id 
_pdbx_struct_conn_angle.ptnr2_label_asym_id 
_pdbx_struct_conn_angle.ptnr2_label_comp_id 
_pdbx_struct_conn_angle.ptnr2_label_seq_id 
_pdbx_struct_conn_angle.ptnr2_auth_atom_id 
_pdbx_struct_conn_angle.ptnr2_auth_asym_id 
_pdbx_struct_conn_angle.ptnr2_auth_comp_id 
_pdbx_struct_conn_angle.ptnr2_auth_seq_id 
_pdbx_struct_conn_angle.ptnr2_PDB_ins_code 
_pdbx_struct_conn_angle.ptnr2_symmetry 
_pdbx_struct_conn_angle.ptnr3_label_atom_id 
_pdbx_struct_conn_angle.ptnr3_label_alt_id 
_pdbx_struct_conn_angle.ptnr3_label_asym_id 
_pdbx_struct_conn_angle.ptnr3_label_comp_id 
_pdbx_struct_conn_angle.ptnr3_label_seq_id 
_pdbx_struct_conn_angle.ptnr3_auth_atom_id 
_pdbx_struct_conn_angle.ptnr3_auth_asym_id 
_pdbx_struct_conn_angle.ptnr3_auth_comp_id 
_pdbx_struct_conn_angle.ptnr3_auth_seq_id 
_pdbx_struct_conn_angle.ptnr3_PDB_ins_code 
_pdbx_struct_conn_angle.ptnr3_symmetry 
_pdbx_struct_conn_angle.value 
_pdbx_struct_conn_angle.value_esd 
1  OD2 ? A ASP 13 ? A ASP 497 ? 1_555 NA ? B NA . ? A NA 101 ? 1_555 OD1 ? A ASP 13 ? A ASP 497 ? 1_555 51.4  ? 
2  OD2 ? A ASP 13 ? A ASP 497 ? 1_555 NA ? B NA . ? A NA 101 ? 1_555 OD1 ? A ASP 27 ? A ASP 511 ? 1_555 93.7  ? 
3  OD1 ? A ASP 13 ? A ASP 497 ? 1_555 NA ? B NA . ? A NA 101 ? 1_555 OD1 ? A ASP 27 ? A ASP 511 ? 1_555 93.8  ? 
4  OD2 ? A ASP 13 ? A ASP 497 ? 1_555 NA ? B NA . ? A NA 101 ? 1_555 OD2 ? A ASP 27 ? A ASP 511 ? 1_555 118.8 ? 
5  OD1 ? A ASP 13 ? A ASP 497 ? 1_555 NA ? B NA . ? A NA 101 ? 1_555 OD2 ? A ASP 27 ? A ASP 511 ? 1_555 76.6  ? 
6  OD1 ? A ASP 27 ? A ASP 511 ? 1_555 NA ? B NA . ? A NA 101 ? 1_555 OD2 ? A ASP 27 ? A ASP 511 ? 1_555 56.1  ? 
7  OD2 ? A ASP 13 ? A ASP 497 ? 1_555 NA ? B NA . ? A NA 101 ? 1_555 OE1 ? A GLU 61 ? A GLU 545 ? 8_456 102.7 ? 
8  OD1 ? A ASP 13 ? A ASP 497 ? 1_555 NA ? B NA . ? A NA 101 ? 1_555 OE1 ? A GLU 61 ? A GLU 545 ? 8_456 102.7 ? 
9  OD1 ? A ASP 27 ? A ASP 511 ? 1_555 NA ? B NA . ? A NA 101 ? 1_555 OE1 ? A GLU 61 ? A GLU 545 ? 8_456 161.7 ? 
10 OD2 ? A ASP 27 ? A ASP 511 ? 1_555 NA ? B NA . ? A NA 101 ? 1_555 OE1 ? A GLU 61 ? A GLU 545 ? 8_456 120.0 ? 
11 OD2 ? A ASP 13 ? A ASP 497 ? 1_555 NA ? B NA . ? A NA 101 ? 1_555 OE2 ? A GLU 61 ? A GLU 545 ? 8_456 121.7 ? 
12 OD1 ? A ASP 13 ? A ASP 497 ? 1_555 NA ? B NA . ? A NA 101 ? 1_555 OE2 ? A GLU 61 ? A GLU 545 ? 8_456 80.1  ? 
13 OD1 ? A ASP 27 ? A ASP 511 ? 1_555 NA ? B NA . ? A NA 101 ? 1_555 OE2 ? A GLU 61 ? A GLU 545 ? 8_456 123.3 ? 
14 OD2 ? A ASP 27 ? A ASP 511 ? 1_555 NA ? B NA . ? A NA 101 ? 1_555 OE2 ? A GLU 61 ? A GLU 545 ? 8_456 67.8  ? 
15 OE1 ? A GLU 61 ? A GLU 545 ? 8_456 NA ? B NA . ? A NA 101 ? 1_555 OE2 ? A GLU 61 ? A GLU 545 ? 8_456 53.6  ? 
# 
loop_
_pdbx_audit_revision_history.ordinal 
_pdbx_audit_revision_history.data_content_type 
_pdbx_audit_revision_history.major_revision 
_pdbx_audit_revision_history.minor_revision 
_pdbx_audit_revision_history.revision_date 
1 'Structure model' 1 0 2006-10-03 
2 'Structure model' 1 1 2008-05-01 
3 'Structure model' 1 2 2011-07-13 
4 'Structure model' 1 3 2023-08-30 
# 
_pdbx_audit_revision_details.ordinal             1 
_pdbx_audit_revision_details.revision_ordinal    1 
_pdbx_audit_revision_details.data_content_type   'Structure model' 
_pdbx_audit_revision_details.provider            repository 
_pdbx_audit_revision_details.type                'Initial release' 
_pdbx_audit_revision_details.description         ? 
_pdbx_audit_revision_details.details             ? 
# 
loop_
_pdbx_audit_revision_group.ordinal 
_pdbx_audit_revision_group.revision_ordinal 
_pdbx_audit_revision_group.data_content_type 
_pdbx_audit_revision_group.group 
1 2 'Structure model' 'Version format compliance' 
2 3 'Structure model' 'Version format compliance' 
3 4 'Structure model' 'Data collection'           
4 4 'Structure model' 'Database references'       
5 4 'Structure model' 'Derived calculations'      
6 4 'Structure model' 'Refinement description'    
# 
loop_
_pdbx_audit_revision_category.ordinal 
_pdbx_audit_revision_category.revision_ordinal 
_pdbx_audit_revision_category.data_content_type 
_pdbx_audit_revision_category.category 
1 4 'Structure model' chem_comp_atom                
2 4 'Structure model' chem_comp_bond                
3 4 'Structure model' database_2                    
4 4 'Structure model' pdbx_initial_refinement_model 
5 4 'Structure model' pdbx_struct_conn_angle        
6 4 'Structure model' struct_conn                   
7 4 'Structure model' struct_ref_seq_dif            
8 4 'Structure model' struct_site                   
# 
loop_
_pdbx_audit_revision_item.ordinal 
_pdbx_audit_revision_item.revision_ordinal 
_pdbx_audit_revision_item.data_content_type 
_pdbx_audit_revision_item.item 
1  4 'Structure model' '_database_2.pdbx_DOI'                        
2  4 'Structure model' '_database_2.pdbx_database_accession'         
3  4 'Structure model' '_pdbx_struct_conn_angle.ptnr1_auth_comp_id'  
4  4 'Structure model' '_pdbx_struct_conn_angle.ptnr1_auth_seq_id'   
5  4 'Structure model' '_pdbx_struct_conn_angle.ptnr1_label_atom_id' 
6  4 'Structure model' '_pdbx_struct_conn_angle.ptnr1_label_comp_id' 
7  4 'Structure model' '_pdbx_struct_conn_angle.ptnr1_label_seq_id'  
8  4 'Structure model' '_pdbx_struct_conn_angle.ptnr1_symmetry'      
9  4 'Structure model' '_pdbx_struct_conn_angle.ptnr3_auth_comp_id'  
10 4 'Structure model' '_pdbx_struct_conn_angle.ptnr3_auth_seq_id'   
11 4 'Structure model' '_pdbx_struct_conn_angle.ptnr3_label_atom_id' 
12 4 'Structure model' '_pdbx_struct_conn_angle.ptnr3_label_comp_id' 
13 4 'Structure model' '_pdbx_struct_conn_angle.ptnr3_label_seq_id'  
14 4 'Structure model' '_pdbx_struct_conn_angle.ptnr3_symmetry'      
15 4 'Structure model' '_pdbx_struct_conn_angle.value'               
16 4 'Structure model' '_struct_conn.pdbx_dist_value'                
17 4 'Structure model' '_struct_conn.ptnr1_auth_comp_id'             
18 4 'Structure model' '_struct_conn.ptnr1_auth_seq_id'              
19 4 'Structure model' '_struct_conn.ptnr1_label_asym_id'            
20 4 'Structure model' '_struct_conn.ptnr1_label_atom_id'            
21 4 'Structure model' '_struct_conn.ptnr1_label_comp_id'            
22 4 'Structure model' '_struct_conn.ptnr1_label_seq_id'             
23 4 'Structure model' '_struct_conn.ptnr2_auth_comp_id'             
24 4 'Structure model' '_struct_conn.ptnr2_auth_seq_id'              
25 4 'Structure model' '_struct_conn.ptnr2_label_asym_id'            
26 4 'Structure model' '_struct_conn.ptnr2_label_atom_id'            
27 4 'Structure model' '_struct_conn.ptnr2_label_comp_id'            
28 4 'Structure model' '_struct_conn.ptnr2_label_seq_id'             
29 4 'Structure model' '_struct_conn.ptnr2_symmetry'                 
30 4 'Structure model' '_struct_ref_seq_dif.details'                 
31 4 'Structure model' '_struct_site.pdbx_auth_asym_id'              
32 4 'Structure model' '_struct_site.pdbx_auth_comp_id'              
33 4 'Structure model' '_struct_site.pdbx_auth_seq_id'               
# 
loop_
_software.name 
_software.version 
_software.date 
_software.type 
_software.contact_author 
_software.contact_author_email 
_software.classification 
_software.location 
_software.language 
_software.citation_id 
_software.pdbx_ordinal 
XSCALE      .     ?                package 'Wolfgang Kabsch' ?                        'data scaling'    
http://www.mpimf-heidelberg.mpg.de/~kabsch/xds/xscale_program.html ?          ? 1 
AMoRE       .     ?                program 'Jorge Navaza'    ccp4@dl.ac.uk            phasing           
http://www.ccp4.ac.uk/main.html                                    Fortran_77 ? 2 
REFMAC      .     ?                program 'Murshudov, G.N.' ccp4@dl.ac.uk            refinement        
http://www.ccp4.ac.uk/main.html                                    Fortran_77 ? 3 
PDB_EXTRACT 2.000 'April. 3, 2006' package PDB               sw-help@rcsb.rutgers.edu 'data extraction' 
http://pdb.rutgers.edu/software/                                   C++        ? 4 
XDS         .     ?                ?       ?                 ?                        'data scaling'    ? ?          ? 5 
# 
_pdbx_validate_close_contact.id               1 
_pdbx_validate_close_contact.PDB_model_num    1 
_pdbx_validate_close_contact.auth_atom_id_1   O 
_pdbx_validate_close_contact.auth_asym_id_1   A 
_pdbx_validate_close_contact.auth_comp_id_1   HOH 
_pdbx_validate_close_contact.auth_seq_id_1    10 
_pdbx_validate_close_contact.PDB_ins_code_1   ? 
_pdbx_validate_close_contact.label_alt_id_1   ? 
_pdbx_validate_close_contact.auth_atom_id_2   O 
_pdbx_validate_close_contact.auth_asym_id_2   A 
_pdbx_validate_close_contact.auth_comp_id_2   HOH 
_pdbx_validate_close_contact.auth_seq_id_2    72 
_pdbx_validate_close_contact.PDB_ins_code_2   ? 
_pdbx_validate_close_contact.label_alt_id_2   ? 
_pdbx_validate_close_contact.dist             1.86 
# 
loop_
_pdbx_validate_symm_contact.id 
_pdbx_validate_symm_contact.PDB_model_num 
_pdbx_validate_symm_contact.auth_atom_id_1 
_pdbx_validate_symm_contact.auth_asym_id_1 
_pdbx_validate_symm_contact.auth_comp_id_1 
_pdbx_validate_symm_contact.auth_seq_id_1 
_pdbx_validate_symm_contact.PDB_ins_code_1 
_pdbx_validate_symm_contact.label_alt_id_1 
_pdbx_validate_symm_contact.site_symmetry_1 
_pdbx_validate_symm_contact.auth_atom_id_2 
_pdbx_validate_symm_contact.auth_asym_id_2 
_pdbx_validate_symm_contact.auth_comp_id_2 
_pdbx_validate_symm_contact.auth_seq_id_2 
_pdbx_validate_symm_contact.PDB_ins_code_2 
_pdbx_validate_symm_contact.label_alt_id_2 
_pdbx_validate_symm_contact.site_symmetry_2 
_pdbx_validate_symm_contact.dist 
1 1 O   A HOH 18  ? ? 1_555 O A HOH 74 ? ? 5_545 1.58 
2 1 NE2 A HIS 487 ? ? 1_555 O A HOH 62 ? ? 5_545 2.15 
# 
_pdbx_validate_torsion.id              1 
_pdbx_validate_torsion.PDB_model_num   1 
_pdbx_validate_torsion.auth_comp_id    TYR 
_pdbx_validate_torsion.auth_asym_id    A 
_pdbx_validate_torsion.auth_seq_id     502 
_pdbx_validate_torsion.PDB_ins_code    ? 
_pdbx_validate_torsion.label_alt_id    ? 
_pdbx_validate_torsion.phi             -112.16 
_pdbx_validate_torsion.psi             -139.44 
# 
loop_
_pdbx_unobs_or_zero_occ_atoms.id 
_pdbx_unobs_or_zero_occ_atoms.PDB_model_num 
_pdbx_unobs_or_zero_occ_atoms.polymer_flag 
_pdbx_unobs_or_zero_occ_atoms.occupancy_flag 
_pdbx_unobs_or_zero_occ_atoms.auth_asym_id 
_pdbx_unobs_or_zero_occ_atoms.auth_comp_id 
_pdbx_unobs_or_zero_occ_atoms.auth_seq_id 
_pdbx_unobs_or_zero_occ_atoms.PDB_ins_code 
_pdbx_unobs_or_zero_occ_atoms.auth_atom_id 
_pdbx_unobs_or_zero_occ_atoms.label_alt_id 
_pdbx_unobs_or_zero_occ_atoms.label_asym_id 
_pdbx_unobs_or_zero_occ_atoms.label_comp_id 
_pdbx_unobs_or_zero_occ_atoms.label_seq_id 
_pdbx_unobs_or_zero_occ_atoms.label_atom_id 
1 1 Y 1 A SER 486 ? OG ? A SER 2  OG 
2 1 Y 1 A MET 548 ? CG ? A MET 64 CG 
3 1 Y 1 A MET 548 ? SD ? A MET 64 SD 
4 1 Y 1 A MET 548 ? CE ? A MET 64 CE 
# 
_pdbx_unobs_or_zero_occ_residues.id               1 
_pdbx_unobs_or_zero_occ_residues.PDB_model_num    1 
_pdbx_unobs_or_zero_occ_residues.polymer_flag     Y 
_pdbx_unobs_or_zero_occ_residues.occupancy_flag   1 
_pdbx_unobs_or_zero_occ_residues.auth_asym_id     A 
_pdbx_unobs_or_zero_occ_residues.auth_comp_id     GLY 
_pdbx_unobs_or_zero_occ_residues.auth_seq_id      485 
_pdbx_unobs_or_zero_occ_residues.PDB_ins_code     ? 
_pdbx_unobs_or_zero_occ_residues.label_asym_id    A 
_pdbx_unobs_or_zero_occ_residues.label_comp_id    GLY 
_pdbx_unobs_or_zero_occ_residues.label_seq_id     1 
# 
loop_
_chem_comp_atom.comp_id 
_chem_comp_atom.atom_id 
_chem_comp_atom.type_symbol 
_chem_comp_atom.pdbx_aromatic_flag 
_chem_comp_atom.pdbx_stereo_config 
_chem_comp_atom.pdbx_ordinal 
ALA N    N  N N 1   
ALA CA   C  N S 2   
ALA C    C  N N 3   
ALA O    O  N N 4   
ALA CB   C  N N 5   
ALA OXT  O  N N 6   
ALA H    H  N N 7   
ALA H2   H  N N 8   
ALA HA   H  N N 9   
ALA HB1  H  N N 10  
ALA HB2  H  N N 11  
ALA HB3  H  N N 12  
ALA HXT  H  N N 13  
ARG N    N  N N 14  
ARG CA   C  N S 15  
ARG C    C  N N 16  
ARG O    O  N N 17  
ARG CB   C  N N 18  
ARG CG   C  N N 19  
ARG CD   C  N N 20  
ARG NE   N  N N 21  
ARG CZ   C  N N 22  
ARG NH1  N  N N 23  
ARG NH2  N  N N 24  
ARG OXT  O  N N 25  
ARG H    H  N N 26  
ARG H2   H  N N 27  
ARG HA   H  N N 28  
ARG HB2  H  N N 29  
ARG HB3  H  N N 30  
ARG HG2  H  N N 31  
ARG HG3  H  N N 32  
ARG HD2  H  N N 33  
ARG HD3  H  N N 34  
ARG HE   H  N N 35  
ARG HH11 H  N N 36  
ARG HH12 H  N N 37  
ARG HH21 H  N N 38  
ARG HH22 H  N N 39  
ARG HXT  H  N N 40  
ASN N    N  N N 41  
ASN CA   C  N S 42  
ASN C    C  N N 43  
ASN O    O  N N 44  
ASN CB   C  N N 45  
ASN CG   C  N N 46  
ASN OD1  O  N N 47  
ASN ND2  N  N N 48  
ASN OXT  O  N N 49  
ASN H    H  N N 50  
ASN H2   H  N N 51  
ASN HA   H  N N 52  
ASN HB2  H  N N 53  
ASN HB3  H  N N 54  
ASN HD21 H  N N 55  
ASN HD22 H  N N 56  
ASN HXT  H  N N 57  
ASP N    N  N N 58  
ASP CA   C  N S 59  
ASP C    C  N N 60  
ASP O    O  N N 61  
ASP CB   C  N N 62  
ASP CG   C  N N 63  
ASP OD1  O  N N 64  
ASP OD2  O  N N 65  
ASP OXT  O  N N 66  
ASP H    H  N N 67  
ASP H2   H  N N 68  
ASP HA   H  N N 69  
ASP HB2  H  N N 70  
ASP HB3  H  N N 71  
ASP HD2  H  N N 72  
ASP HXT  H  N N 73  
GLN N    N  N N 74  
GLN CA   C  N S 75  
GLN C    C  N N 76  
GLN O    O  N N 77  
GLN CB   C  N N 78  
GLN CG   C  N N 79  
GLN CD   C  N N 80  
GLN OE1  O  N N 81  
GLN NE2  N  N N 82  
GLN OXT  O  N N 83  
GLN H    H  N N 84  
GLN H2   H  N N 85  
GLN HA   H  N N 86  
GLN HB2  H  N N 87  
GLN HB3  H  N N 88  
GLN HG2  H  N N 89  
GLN HG3  H  N N 90  
GLN HE21 H  N N 91  
GLN HE22 H  N N 92  
GLN HXT  H  N N 93  
GLU N    N  N N 94  
GLU CA   C  N S 95  
GLU C    C  N N 96  
GLU O    O  N N 97  
GLU CB   C  N N 98  
GLU CG   C  N N 99  
GLU CD   C  N N 100 
GLU OE1  O  N N 101 
GLU OE2  O  N N 102 
GLU OXT  O  N N 103 
GLU H    H  N N 104 
GLU H2   H  N N 105 
GLU HA   H  N N 106 
GLU HB2  H  N N 107 
GLU HB3  H  N N 108 
GLU HG2  H  N N 109 
GLU HG3  H  N N 110 
GLU HE2  H  N N 111 
GLU HXT  H  N N 112 
GLY N    N  N N 113 
GLY CA   C  N N 114 
GLY C    C  N N 115 
GLY O    O  N N 116 
GLY OXT  O  N N 117 
GLY H    H  N N 118 
GLY H2   H  N N 119 
GLY HA2  H  N N 120 
GLY HA3  H  N N 121 
GLY HXT  H  N N 122 
HIS N    N  N N 123 
HIS CA   C  N S 124 
HIS C    C  N N 125 
HIS O    O  N N 126 
HIS CB   C  N N 127 
HIS CG   C  Y N 128 
HIS ND1  N  Y N 129 
HIS CD2  C  Y N 130 
HIS CE1  C  Y N 131 
HIS NE2  N  Y N 132 
HIS OXT  O  N N 133 
HIS H    H  N N 134 
HIS H2   H  N N 135 
HIS HA   H  N N 136 
HIS HB2  H  N N 137 
HIS HB3  H  N N 138 
HIS HD1  H  N N 139 
HIS HD2  H  N N 140 
HIS HE1  H  N N 141 
HIS HE2  H  N N 142 
HIS HXT  H  N N 143 
HOH O    O  N N 144 
HOH H1   H  N N 145 
HOH H2   H  N N 146 
ILE N    N  N N 147 
ILE CA   C  N S 148 
ILE C    C  N N 149 
ILE O    O  N N 150 
ILE CB   C  N S 151 
ILE CG1  C  N N 152 
ILE CG2  C  N N 153 
ILE CD1  C  N N 154 
ILE OXT  O  N N 155 
ILE H    H  N N 156 
ILE H2   H  N N 157 
ILE HA   H  N N 158 
ILE HB   H  N N 159 
ILE HG12 H  N N 160 
ILE HG13 H  N N 161 
ILE HG21 H  N N 162 
ILE HG22 H  N N 163 
ILE HG23 H  N N 164 
ILE HD11 H  N N 165 
ILE HD12 H  N N 166 
ILE HD13 H  N N 167 
ILE HXT  H  N N 168 
LEU N    N  N N 169 
LEU CA   C  N S 170 
LEU C    C  N N 171 
LEU O    O  N N 172 
LEU CB   C  N N 173 
LEU CG   C  N N 174 
LEU CD1  C  N N 175 
LEU CD2  C  N N 176 
LEU OXT  O  N N 177 
LEU H    H  N N 178 
LEU H2   H  N N 179 
LEU HA   H  N N 180 
LEU HB2  H  N N 181 
LEU HB3  H  N N 182 
LEU HG   H  N N 183 
LEU HD11 H  N N 184 
LEU HD12 H  N N 185 
LEU HD13 H  N N 186 
LEU HD21 H  N N 187 
LEU HD22 H  N N 188 
LEU HD23 H  N N 189 
LEU HXT  H  N N 190 
LYS N    N  N N 191 
LYS CA   C  N S 192 
LYS C    C  N N 193 
LYS O    O  N N 194 
LYS CB   C  N N 195 
LYS CG   C  N N 196 
LYS CD   C  N N 197 
LYS CE   C  N N 198 
LYS NZ   N  N N 199 
LYS OXT  O  N N 200 
LYS H    H  N N 201 
LYS H2   H  N N 202 
LYS HA   H  N N 203 
LYS HB2  H  N N 204 
LYS HB3  H  N N 205 
LYS HG2  H  N N 206 
LYS HG3  H  N N 207 
LYS HD2  H  N N 208 
LYS HD3  H  N N 209 
LYS HE2  H  N N 210 
LYS HE3  H  N N 211 
LYS HZ1  H  N N 212 
LYS HZ2  H  N N 213 
LYS HZ3  H  N N 214 
LYS HXT  H  N N 215 
MET N    N  N N 216 
MET CA   C  N S 217 
MET C    C  N N 218 
MET O    O  N N 219 
MET CB   C  N N 220 
MET CG   C  N N 221 
MET SD   S  N N 222 
MET CE   C  N N 223 
MET OXT  O  N N 224 
MET H    H  N N 225 
MET H2   H  N N 226 
MET HA   H  N N 227 
MET HB2  H  N N 228 
MET HB3  H  N N 229 
MET HG2  H  N N 230 
MET HG3  H  N N 231 
MET HE1  H  N N 232 
MET HE2  H  N N 233 
MET HE3  H  N N 234 
MET HXT  H  N N 235 
NA  NA   NA N N 236 
PHE N    N  N N 237 
PHE CA   C  N S 238 
PHE C    C  N N 239 
PHE O    O  N N 240 
PHE CB   C  N N 241 
PHE CG   C  Y N 242 
PHE CD1  C  Y N 243 
PHE CD2  C  Y N 244 
PHE CE1  C  Y N 245 
PHE CE2  C  Y N 246 
PHE CZ   C  Y N 247 
PHE OXT  O  N N 248 
PHE H    H  N N 249 
PHE H2   H  N N 250 
PHE HA   H  N N 251 
PHE HB2  H  N N 252 
PHE HB3  H  N N 253 
PHE HD1  H  N N 254 
PHE HD2  H  N N 255 
PHE HE1  H  N N 256 
PHE HE2  H  N N 257 
PHE HZ   H  N N 258 
PHE HXT  H  N N 259 
PRO N    N  N N 260 
PRO CA   C  N S 261 
PRO C    C  N N 262 
PRO O    O  N N 263 
PRO CB   C  N N 264 
PRO CG   C  N N 265 
PRO CD   C  N N 266 
PRO OXT  O  N N 267 
PRO H    H  N N 268 
PRO HA   H  N N 269 
PRO HB2  H  N N 270 
PRO HB3  H  N N 271 
PRO HG2  H  N N 272 
PRO HG3  H  N N 273 
PRO HD2  H  N N 274 
PRO HD3  H  N N 275 
PRO HXT  H  N N 276 
SER N    N  N N 277 
SER CA   C  N S 278 
SER C    C  N N 279 
SER O    O  N N 280 
SER CB   C  N N 281 
SER OG   O  N N 282 
SER OXT  O  N N 283 
SER H    H  N N 284 
SER H2   H  N N 285 
SER HA   H  N N 286 
SER HB2  H  N N 287 
SER HB3  H  N N 288 
SER HG   H  N N 289 
SER HXT  H  N N 290 
THR N    N  N N 291 
THR CA   C  N S 292 
THR C    C  N N 293 
THR O    O  N N 294 
THR CB   C  N R 295 
THR OG1  O  N N 296 
THR CG2  C  N N 297 
THR OXT  O  N N 298 
THR H    H  N N 299 
THR H2   H  N N 300 
THR HA   H  N N 301 
THR HB   H  N N 302 
THR HG1  H  N N 303 
THR HG21 H  N N 304 
THR HG22 H  N N 305 
THR HG23 H  N N 306 
THR HXT  H  N N 307 
TRP N    N  N N 308 
TRP CA   C  N S 309 
TRP C    C  N N 310 
TRP O    O  N N 311 
TRP CB   C  N N 312 
TRP CG   C  Y N 313 
TRP CD1  C  Y N 314 
TRP CD2  C  Y N 315 
TRP NE1  N  Y N 316 
TRP CE2  C  Y N 317 
TRP CE3  C  Y N 318 
TRP CZ2  C  Y N 319 
TRP CZ3  C  Y N 320 
TRP CH2  C  Y N 321 
TRP OXT  O  N N 322 
TRP H    H  N N 323 
TRP H2   H  N N 324 
TRP HA   H  N N 325 
TRP HB2  H  N N 326 
TRP HB3  H  N N 327 
TRP HD1  H  N N 328 
TRP HE1  H  N N 329 
TRP HE3  H  N N 330 
TRP HZ2  H  N N 331 
TRP HZ3  H  N N 332 
TRP HH2  H  N N 333 
TRP HXT  H  N N 334 
TYR N    N  N N 335 
TYR CA   C  N S 336 
TYR C    C  N N 337 
TYR O    O  N N 338 
TYR CB   C  N N 339 
TYR CG   C  Y N 340 
TYR CD1  C  Y N 341 
TYR CD2  C  Y N 342 
TYR CE1  C  Y N 343 
TYR CE2  C  Y N 344 
TYR CZ   C  Y N 345 
TYR OH   O  N N 346 
TYR OXT  O  N N 347 
TYR H    H  N N 348 
TYR H2   H  N N 349 
TYR HA   H  N N 350 
TYR HB2  H  N N 351 
TYR HB3  H  N N 352 
TYR HD1  H  N N 353 
TYR HD2  H  N N 354 
TYR HE1  H  N N 355 
TYR HE2  H  N N 356 
TYR HH   H  N N 357 
TYR HXT  H  N N 358 
VAL N    N  N N 359 
VAL CA   C  N S 360 
VAL C    C  N N 361 
VAL O    O  N N 362 
VAL CB   C  N N 363 
VAL CG1  C  N N 364 
VAL CG2  C  N N 365 
VAL OXT  O  N N 366 
VAL H    H  N N 367 
VAL H2   H  N N 368 
VAL HA   H  N N 369 
VAL HB   H  N N 370 
VAL HG11 H  N N 371 
VAL HG12 H  N N 372 
VAL HG13 H  N N 373 
VAL HG21 H  N N 374 
VAL HG22 H  N N 375 
VAL HG23 H  N N 376 
VAL HXT  H  N N 377 
# 
loop_
_chem_comp_bond.comp_id 
_chem_comp_bond.atom_id_1 
_chem_comp_bond.atom_id_2 
_chem_comp_bond.value_order 
_chem_comp_bond.pdbx_aromatic_flag 
_chem_comp_bond.pdbx_stereo_config 
_chem_comp_bond.pdbx_ordinal 
ALA N   CA   sing N N 1   
ALA N   H    sing N N 2   
ALA N   H2   sing N N 3   
ALA CA  C    sing N N 4   
ALA CA  CB   sing N N 5   
ALA CA  HA   sing N N 6   
ALA C   O    doub N N 7   
ALA C   OXT  sing N N 8   
ALA CB  HB1  sing N N 9   
ALA CB  HB2  sing N N 10  
ALA CB  HB3  sing N N 11  
ALA OXT HXT  sing N N 12  
ARG N   CA   sing N N 13  
ARG N   H    sing N N 14  
ARG N   H2   sing N N 15  
ARG CA  C    sing N N 16  
ARG CA  CB   sing N N 17  
ARG CA  HA   sing N N 18  
ARG C   O    doub N N 19  
ARG C   OXT  sing N N 20  
ARG CB  CG   sing N N 21  
ARG CB  HB2  sing N N 22  
ARG CB  HB3  sing N N 23  
ARG CG  CD   sing N N 24  
ARG CG  HG2  sing N N 25  
ARG CG  HG3  sing N N 26  
ARG CD  NE   sing N N 27  
ARG CD  HD2  sing N N 28  
ARG CD  HD3  sing N N 29  
ARG NE  CZ   sing N N 30  
ARG NE  HE   sing N N 31  
ARG CZ  NH1  sing N N 32  
ARG CZ  NH2  doub N N 33  
ARG NH1 HH11 sing N N 34  
ARG NH1 HH12 sing N N 35  
ARG NH2 HH21 sing N N 36  
ARG NH2 HH22 sing N N 37  
ARG OXT HXT  sing N N 38  
ASN N   CA   sing N N 39  
ASN N   H    sing N N 40  
ASN N   H2   sing N N 41  
ASN CA  C    sing N N 42  
ASN CA  CB   sing N N 43  
ASN CA  HA   sing N N 44  
ASN C   O    doub N N 45  
ASN C   OXT  sing N N 46  
ASN CB  CG   sing N N 47  
ASN CB  HB2  sing N N 48  
ASN CB  HB3  sing N N 49  
ASN CG  OD1  doub N N 50  
ASN CG  ND2  sing N N 51  
ASN ND2 HD21 sing N N 52  
ASN ND2 HD22 sing N N 53  
ASN OXT HXT  sing N N 54  
ASP N   CA   sing N N 55  
ASP N   H    sing N N 56  
ASP N   H2   sing N N 57  
ASP CA  C    sing N N 58  
ASP CA  CB   sing N N 59  
ASP CA  HA   sing N N 60  
ASP C   O    doub N N 61  
ASP C   OXT  sing N N 62  
ASP CB  CG   sing N N 63  
ASP CB  HB2  sing N N 64  
ASP CB  HB3  sing N N 65  
ASP CG  OD1  doub N N 66  
ASP CG  OD2  sing N N 67  
ASP OD2 HD2  sing N N 68  
ASP OXT HXT  sing N N 69  
GLN N   CA   sing N N 70  
GLN N   H    sing N N 71  
GLN N   H2   sing N N 72  
GLN CA  C    sing N N 73  
GLN CA  CB   sing N N 74  
GLN CA  HA   sing N N 75  
GLN C   O    doub N N 76  
GLN C   OXT  sing N N 77  
GLN CB  CG   sing N N 78  
GLN CB  HB2  sing N N 79  
GLN CB  HB3  sing N N 80  
GLN CG  CD   sing N N 81  
GLN CG  HG2  sing N N 82  
GLN CG  HG3  sing N N 83  
GLN CD  OE1  doub N N 84  
GLN CD  NE2  sing N N 85  
GLN NE2 HE21 sing N N 86  
GLN NE2 HE22 sing N N 87  
GLN OXT HXT  sing N N 88  
GLU N   CA   sing N N 89  
GLU N   H    sing N N 90  
GLU N   H2   sing N N 91  
GLU CA  C    sing N N 92  
GLU CA  CB   sing N N 93  
GLU CA  HA   sing N N 94  
GLU C   O    doub N N 95  
GLU C   OXT  sing N N 96  
GLU CB  CG   sing N N 97  
GLU CB  HB2  sing N N 98  
GLU CB  HB3  sing N N 99  
GLU CG  CD   sing N N 100 
GLU CG  HG2  sing N N 101 
GLU CG  HG3  sing N N 102 
GLU CD  OE1  doub N N 103 
GLU CD  OE2  sing N N 104 
GLU OE2 HE2  sing N N 105 
GLU OXT HXT  sing N N 106 
GLY N   CA   sing N N 107 
GLY N   H    sing N N 108 
GLY N   H2   sing N N 109 
GLY CA  C    sing N N 110 
GLY CA  HA2  sing N N 111 
GLY CA  HA3  sing N N 112 
GLY C   O    doub N N 113 
GLY C   OXT  sing N N 114 
GLY OXT HXT  sing N N 115 
HIS N   CA   sing N N 116 
HIS N   H    sing N N 117 
HIS N   H2   sing N N 118 
HIS CA  C    sing N N 119 
HIS CA  CB   sing N N 120 
HIS CA  HA   sing N N 121 
HIS C   O    doub N N 122 
HIS C   OXT  sing N N 123 
HIS CB  CG   sing N N 124 
HIS CB  HB2  sing N N 125 
HIS CB  HB3  sing N N 126 
HIS CG  ND1  sing Y N 127 
HIS CG  CD2  doub Y N 128 
HIS ND1 CE1  doub Y N 129 
HIS ND1 HD1  sing N N 130 
HIS CD2 NE2  sing Y N 131 
HIS CD2 HD2  sing N N 132 
HIS CE1 NE2  sing Y N 133 
HIS CE1 HE1  sing N N 134 
HIS NE2 HE2  sing N N 135 
HIS OXT HXT  sing N N 136 
HOH O   H1   sing N N 137 
HOH O   H2   sing N N 138 
ILE N   CA   sing N N 139 
ILE N   H    sing N N 140 
ILE N   H2   sing N N 141 
ILE CA  C    sing N N 142 
ILE CA  CB   sing N N 143 
ILE CA  HA   sing N N 144 
ILE C   O    doub N N 145 
ILE C   OXT  sing N N 146 
ILE CB  CG1  sing N N 147 
ILE CB  CG2  sing N N 148 
ILE CB  HB   sing N N 149 
ILE CG1 CD1  sing N N 150 
ILE CG1 HG12 sing N N 151 
ILE CG1 HG13 sing N N 152 
ILE CG2 HG21 sing N N 153 
ILE CG2 HG22 sing N N 154 
ILE CG2 HG23 sing N N 155 
ILE CD1 HD11 sing N N 156 
ILE CD1 HD12 sing N N 157 
ILE CD1 HD13 sing N N 158 
ILE OXT HXT  sing N N 159 
LEU N   CA   sing N N 160 
LEU N   H    sing N N 161 
LEU N   H2   sing N N 162 
LEU CA  C    sing N N 163 
LEU CA  CB   sing N N 164 
LEU CA  HA   sing N N 165 
LEU C   O    doub N N 166 
LEU C   OXT  sing N N 167 
LEU CB  CG   sing N N 168 
LEU CB  HB2  sing N N 169 
LEU CB  HB3  sing N N 170 
LEU CG  CD1  sing N N 171 
LEU CG  CD2  sing N N 172 
LEU CG  HG   sing N N 173 
LEU CD1 HD11 sing N N 174 
LEU CD1 HD12 sing N N 175 
LEU CD1 HD13 sing N N 176 
LEU CD2 HD21 sing N N 177 
LEU CD2 HD22 sing N N 178 
LEU CD2 HD23 sing N N 179 
LEU OXT HXT  sing N N 180 
LYS N   CA   sing N N 181 
LYS N   H    sing N N 182 
LYS N   H2   sing N N 183 
LYS CA  C    sing N N 184 
LYS CA  CB   sing N N 185 
LYS CA  HA   sing N N 186 
LYS C   O    doub N N 187 
LYS C   OXT  sing N N 188 
LYS CB  CG   sing N N 189 
LYS CB  HB2  sing N N 190 
LYS CB  HB3  sing N N 191 
LYS CG  CD   sing N N 192 
LYS CG  HG2  sing N N 193 
LYS CG  HG3  sing N N 194 
LYS CD  CE   sing N N 195 
LYS CD  HD2  sing N N 196 
LYS CD  HD3  sing N N 197 
LYS CE  NZ   sing N N 198 
LYS CE  HE2  sing N N 199 
LYS CE  HE3  sing N N 200 
LYS NZ  HZ1  sing N N 201 
LYS NZ  HZ2  sing N N 202 
LYS NZ  HZ3  sing N N 203 
LYS OXT HXT  sing N N 204 
MET N   CA   sing N N 205 
MET N   H    sing N N 206 
MET N   H2   sing N N 207 
MET CA  C    sing N N 208 
MET CA  CB   sing N N 209 
MET CA  HA   sing N N 210 
MET C   O    doub N N 211 
MET C   OXT  sing N N 212 
MET CB  CG   sing N N 213 
MET CB  HB2  sing N N 214 
MET CB  HB3  sing N N 215 
MET CG  SD   sing N N 216 
MET CG  HG2  sing N N 217 
MET CG  HG3  sing N N 218 
MET SD  CE   sing N N 219 
MET CE  HE1  sing N N 220 
MET CE  HE2  sing N N 221 
MET CE  HE3  sing N N 222 
MET OXT HXT  sing N N 223 
PHE N   CA   sing N N 224 
PHE N   H    sing N N 225 
PHE N   H2   sing N N 226 
PHE CA  C    sing N N 227 
PHE CA  CB   sing N N 228 
PHE CA  HA   sing N N 229 
PHE C   O    doub N N 230 
PHE C   OXT  sing N N 231 
PHE CB  CG   sing N N 232 
PHE CB  HB2  sing N N 233 
PHE CB  HB3  sing N N 234 
PHE CG  CD1  doub Y N 235 
PHE CG  CD2  sing Y N 236 
PHE CD1 CE1  sing Y N 237 
PHE CD1 HD1  sing N N 238 
PHE CD2 CE2  doub Y N 239 
PHE CD2 HD2  sing N N 240 
PHE CE1 CZ   doub Y N 241 
PHE CE1 HE1  sing N N 242 
PHE CE2 CZ   sing Y N 243 
PHE CE2 HE2  sing N N 244 
PHE CZ  HZ   sing N N 245 
PHE OXT HXT  sing N N 246 
PRO N   CA   sing N N 247 
PRO N   CD   sing N N 248 
PRO N   H    sing N N 249 
PRO CA  C    sing N N 250 
PRO CA  CB   sing N N 251 
PRO CA  HA   sing N N 252 
PRO C   O    doub N N 253 
PRO C   OXT  sing N N 254 
PRO CB  CG   sing N N 255 
PRO CB  HB2  sing N N 256 
PRO CB  HB3  sing N N 257 
PRO CG  CD   sing N N 258 
PRO CG  HG2  sing N N 259 
PRO CG  HG3  sing N N 260 
PRO CD  HD2  sing N N 261 
PRO CD  HD3  sing N N 262 
PRO OXT HXT  sing N N 263 
SER N   CA   sing N N 264 
SER N   H    sing N N 265 
SER N   H2   sing N N 266 
SER CA  C    sing N N 267 
SER CA  CB   sing N N 268 
SER CA  HA   sing N N 269 
SER C   O    doub N N 270 
SER C   OXT  sing N N 271 
SER CB  OG   sing N N 272 
SER CB  HB2  sing N N 273 
SER CB  HB3  sing N N 274 
SER OG  HG   sing N N 275 
SER OXT HXT  sing N N 276 
THR N   CA   sing N N 277 
THR N   H    sing N N 278 
THR N   H2   sing N N 279 
THR CA  C    sing N N 280 
THR CA  CB   sing N N 281 
THR CA  HA   sing N N 282 
THR C   O    doub N N 283 
THR C   OXT  sing N N 284 
THR CB  OG1  sing N N 285 
THR CB  CG2  sing N N 286 
THR CB  HB   sing N N 287 
THR OG1 HG1  sing N N 288 
THR CG2 HG21 sing N N 289 
THR CG2 HG22 sing N N 290 
THR CG2 HG23 sing N N 291 
THR OXT HXT  sing N N 292 
TRP N   CA   sing N N 293 
TRP N   H    sing N N 294 
TRP N   H2   sing N N 295 
TRP CA  C    sing N N 296 
TRP CA  CB   sing N N 297 
TRP CA  HA   sing N N 298 
TRP C   O    doub N N 299 
TRP C   OXT  sing N N 300 
TRP CB  CG   sing N N 301 
TRP CB  HB2  sing N N 302 
TRP CB  HB3  sing N N 303 
TRP CG  CD1  doub Y N 304 
TRP CG  CD2  sing Y N 305 
TRP CD1 NE1  sing Y N 306 
TRP CD1 HD1  sing N N 307 
TRP CD2 CE2  doub Y N 308 
TRP CD2 CE3  sing Y N 309 
TRP NE1 CE2  sing Y N 310 
TRP NE1 HE1  sing N N 311 
TRP CE2 CZ2  sing Y N 312 
TRP CE3 CZ3  doub Y N 313 
TRP CE3 HE3  sing N N 314 
TRP CZ2 CH2  doub Y N 315 
TRP CZ2 HZ2  sing N N 316 
TRP CZ3 CH2  sing Y N 317 
TRP CZ3 HZ3  sing N N 318 
TRP CH2 HH2  sing N N 319 
TRP OXT HXT  sing N N 320 
TYR N   CA   sing N N 321 
TYR N   H    sing N N 322 
TYR N   H2   sing N N 323 
TYR CA  C    sing N N 324 
TYR CA  CB   sing N N 325 
TYR CA  HA   sing N N 326 
TYR C   O    doub N N 327 
TYR C   OXT  sing N N 328 
TYR CB  CG   sing N N 329 
TYR CB  HB2  sing N N 330 
TYR CB  HB3  sing N N 331 
TYR CG  CD1  doub Y N 332 
TYR CG  CD2  sing Y N 333 
TYR CD1 CE1  sing Y N 334 
TYR CD1 HD1  sing N N 335 
TYR CD2 CE2  doub Y N 336 
TYR CD2 HD2  sing N N 337 
TYR CE1 CZ   doub Y N 338 
TYR CE1 HE1  sing N N 339 
TYR CE2 CZ   sing Y N 340 
TYR CE2 HE2  sing N N 341 
TYR CZ  OH   sing N N 342 
TYR OH  HH   sing N N 343 
TYR OXT HXT  sing N N 344 
VAL N   CA   sing N N 345 
VAL N   H    sing N N 346 
VAL N   H2   sing N N 347 
VAL CA  C    sing N N 348 
VAL CA  CB   sing N N 349 
VAL CA  HA   sing N N 350 
VAL C   O    doub N N 351 
VAL C   OXT  sing N N 352 
VAL CB  CG1  sing N N 353 
VAL CB  CG2  sing N N 354 
VAL CB  HB   sing N N 355 
VAL CG1 HG11 sing N N 356 
VAL CG1 HG12 sing N N 357 
VAL CG1 HG13 sing N N 358 
VAL CG2 HG21 sing N N 359 
VAL CG2 HG22 sing N N 360 
VAL CG2 HG23 sing N N 361 
VAL OXT HXT  sing N N 362 
# 
loop_
_pdbx_entity_nonpoly.entity_id 
_pdbx_entity_nonpoly.name 
_pdbx_entity_nonpoly.comp_id 
2 'SODIUM ION' NA  
3 water        HOH 
# 
_pdbx_initial_refinement_model.id               1 
_pdbx_initial_refinement_model.entity_id_list   ? 
_pdbx_initial_refinement_model.type             'experimental model' 
_pdbx_initial_refinement_model.source_name      PDB 
_pdbx_initial_refinement_model.accession_code   1UEM 
_pdbx_initial_refinement_model.details          'PDB Entry: 1UEM' 
# 
